data_7B1B
#
_entry.id   7B1B
#
_cell.length_a   1.00
_cell.length_b   1.00
_cell.length_c   1.00
_cell.angle_alpha   90.00
_cell.angle_beta   90.00
_cell.angle_gamma   90.00
#
_symmetry.space_group_name_H-M   'P 1'
#
loop_
_entity.id
_entity.type
_entity.pdbx_description
1 polymer 'Toll-like receptor'
2 polymer AAEL013433-PA
3 branched beta-D-mannopyranose-(1-4)-2-acetamido-2-deoxy-beta-D-glucopyranose-(1-4)-2-acetamido-2-deoxy-beta-D-glucopyranose
4 branched 2-acetamido-2-deoxy-beta-D-glucopyranose-(1-4)-2-acetamido-2-deoxy-beta-D-glucopyranose
5 non-polymer 2-acetamido-2-deoxy-beta-D-glucopyranose
#
loop_
_entity_poly.entity_id
_entity_poly.type
_entity_poly.pdbx_seq_one_letter_code
_entity_poly.pdbx_strand_id
1 'polypeptide(L)'
;TSTKRFTCPEESEASNCSCEEFPSKTHFYCPDFNPTLYVDVEDRMRVDFKCYDEPHDFKSLPNLAIGSVKLLTVVDCVLD
DDRPILESFKFLEVADVRSFVYNNHENGIRYNAKYFEGMEQLENLTLARGVVSIDRDTFSGFLNLKRLTIEHNKLNLQPG
TFEALSNLTYLGLVYNGLNEIQPGLFDGLESLEALSLSYNDIKSLSAGSFNGLSSLRMLNLRVNKIESFDANTFASLKEL
SRLEITLNPFVSLPRGLFSENKKLKTLILTNNRKLVTLPEELLANLKELTVVNLSHNGVGNLPESLLSGSSGIIELNLGY
NRLNSLPEELLSDQPQLQVLNLDHNQLESIPDYFLERNVELQTLYLSHNRLRSLSEKAFTKLKNLKELHLENNQLQTIPQ
FLFSGTPKLEEIYMQNNQLALHANSFINEELSIADNDNTPFQVLQKLRILHLRNNSISTIFQDWYINNLEMQSLDLSFNK
LPGLSYTQLQFQSNITLNLSNNEISQVLLIDDLDLQPYQRINVDLNHNPLNCNCNALKFIQLIQSKAEHGLQFNVDQLRC
SEPPNLLDATMDQLQTKDLLCDFESADDCPKDCQCAMRLLDHTVIVNCSGRGLTEFPDLPIPSQLHEDFNALEVHVENNR
LTKLPNLTKHNEITQLYARNNSIQNLLPHNIPSKLRIIDLSQNLLKMIDDSTLAQINRSSHLETIRLSQNQWLCDCPASS
FLIFVQQNSRLISDMSAIRCHPSGKSLDSITVNELCFEDYTTENLYFQ
;
A,B
2 'polypeptide(L)'
;SDTANAPFLCESEQLLIHPKEELSRNNSMVWIVNTKDYKQGVRIEKCLKRQLGKPCNFCDADTECKQLFHYRTLVAVDKV
TKKPYKEQVLLPSCCKCAKILSTGWSHPQFEK
;
D,P
#
# COMPACT_ATOMS: atom_id res chain seq x y z
N LYS A 4 -44.78 13.15 -1.75
CA LYS A 4 -43.37 12.87 -2.01
C LYS A 4 -42.48 13.58 -1.00
N ARG A 5 -42.07 14.80 -1.32
CA ARG A 5 -41.22 15.58 -0.44
C ARG A 5 -41.99 15.96 0.83
N PHE A 6 -41.23 16.15 1.91
CA PHE A 6 -41.79 16.51 3.20
C PHE A 6 -41.16 17.81 3.69
N THR A 7 -41.99 18.70 4.24
CA THR A 7 -41.54 19.97 4.76
C THR A 7 -42.24 20.25 6.09
N CYS A 8 -41.60 21.06 6.92
CA CYS A 8 -42.20 21.44 8.19
C CYS A 8 -43.35 22.42 7.96
N PRO A 9 -44.49 22.22 8.60
CA PRO A 9 -45.67 23.05 8.31
C PRO A 9 -45.50 24.52 8.66
N GLU A 10 -45.23 24.80 9.94
CA GLU A 10 -45.12 26.18 10.43
C GLU A 10 -43.85 26.27 11.26
N GLU A 11 -42.72 26.52 10.59
CA GLU A 11 -41.45 26.65 11.29
C GLU A 11 -41.41 27.93 12.10
N SER A 12 -42.19 28.94 11.71
CA SER A 12 -42.23 30.22 12.41
C SER A 12 -43.36 30.32 13.42
N GLU A 13 -44.12 29.25 13.61
CA GLU A 13 -45.23 29.29 14.56
C GLU A 13 -44.75 29.59 15.96
N ALA A 14 -43.65 28.97 16.37
CA ALA A 14 -43.06 29.21 17.69
C ALA A 14 -41.58 29.54 17.51
N SER A 15 -41.05 30.31 18.45
CA SER A 15 -39.61 30.56 18.46
C SER A 15 -38.85 29.25 18.64
N ASN A 16 -39.32 28.39 19.54
CA ASN A 16 -38.84 27.03 19.60
C ASN A 16 -39.44 26.23 18.46
N CYS A 17 -38.99 24.98 18.34
CA CYS A 17 -39.40 24.08 17.26
C CYS A 17 -39.00 24.65 15.90
N SER A 18 -37.69 24.80 15.73
CA SER A 18 -37.10 25.26 14.48
C SER A 18 -36.81 24.08 13.56
N CYS A 19 -37.12 24.26 12.29
CA CYS A 19 -36.96 23.20 11.29
C CYS A 19 -35.69 23.42 10.48
N GLU A 20 -35.02 22.33 10.14
CA GLU A 20 -33.75 22.37 9.43
C GLU A 20 -33.76 21.28 8.37
N GLU A 21 -34.04 21.66 7.13
CA GLU A 21 -34.25 20.71 6.05
C GLU A 21 -33.03 20.65 5.14
N PHE A 22 -32.52 19.45 4.94
CA PHE A 22 -31.40 19.16 4.07
C PHE A 22 -31.74 17.93 3.24
N PRO A 23 -31.07 17.72 2.12
CA PRO A 23 -31.27 16.46 1.40
C PRO A 23 -30.95 15.24 2.24
N SER A 24 -30.06 15.37 3.23
CA SER A 24 -29.80 14.29 4.17
C SER A 24 -31.08 13.91 4.90
N LYS A 25 -31.61 14.82 5.70
CA LYS A 25 -32.82 14.54 6.47
C LYS A 25 -33.44 15.86 6.90
N THR A 26 -34.76 15.86 7.02
CA THR A 26 -35.48 17.03 7.49
C THR A 26 -35.26 17.13 9.00
N HIS A 27 -34.05 17.57 9.36
CA HIS A 27 -33.69 17.65 10.76
C HIS A 27 -34.59 18.63 11.50
N PHE A 28 -34.90 18.32 12.75
CA PHE A 28 -35.83 19.13 13.49
C PHE A 28 -35.65 18.88 14.99
N TYR A 29 -35.95 19.91 15.78
CA TYR A 29 -35.83 19.84 17.23
C TYR A 29 -36.53 21.04 17.81
N CYS A 30 -37.18 20.86 18.97
CA CYS A 30 -38.00 21.97 19.41
C CYS A 30 -37.17 23.09 20.05
N PRO A 31 -36.38 22.83 21.10
CA PRO A 31 -35.57 23.93 21.64
C PRO A 31 -34.52 24.31 20.62
N ASP A 32 -34.39 25.61 20.39
CA ASP A 32 -33.63 26.10 19.24
C ASP A 32 -32.13 26.08 19.51
N PHE A 33 -31.68 26.89 20.46
CA PHE A 33 -30.25 27.02 20.70
C PHE A 33 -29.69 25.82 21.46
N ASN A 34 -30.48 25.24 22.36
CA ASN A 34 -30.07 24.07 23.13
C ASN A 34 -31.17 23.02 23.02
N PRO A 35 -31.22 22.29 21.92
CA PRO A 35 -32.32 21.35 21.72
C PRO A 35 -32.34 20.25 22.77
N THR A 36 -33.54 19.89 23.20
CA THR A 36 -33.77 18.78 24.11
C THR A 36 -34.45 17.61 23.41
N LEU A 37 -35.58 17.86 22.75
CA LEU A 37 -36.15 16.91 21.83
C LEU A 37 -35.39 16.97 20.52
N TYR A 38 -35.28 15.84 19.84
CA TYR A 38 -34.62 15.75 18.56
C TYR A 38 -35.43 14.86 17.64
N VAL A 39 -35.51 15.24 16.37
CA VAL A 39 -36.24 14.47 15.36
C VAL A 39 -35.44 14.46 14.08
N ASP A 40 -35.24 13.29 13.50
CA ASP A 40 -34.55 13.16 12.22
C ASP A 40 -35.27 12.13 11.36
N VAL A 41 -35.87 12.58 10.27
CA VAL A 41 -36.46 11.72 9.26
C VAL A 41 -35.76 12.00 7.94
N GLU A 42 -35.28 10.95 7.28
CA GLU A 42 -34.50 11.15 6.07
C GLU A 42 -35.40 11.20 4.84
N ASP A 43 -36.04 10.08 4.50
CA ASP A 43 -37.12 10.10 3.51
C ASP A 43 -37.93 8.81 3.64
N ARG A 44 -39.07 8.90 4.30
CA ARG A 44 -40.09 7.86 4.22
C ARG A 44 -39.57 6.48 4.56
N MET A 45 -38.39 6.40 5.17
CA MET A 45 -37.83 5.09 5.46
C MET A 45 -37.35 4.94 6.88
N ARG A 46 -36.82 6.01 7.48
CA ARG A 46 -36.23 5.92 8.82
C ARG A 46 -36.48 7.24 9.54
N VAL A 47 -37.11 7.15 10.70
CA VAL A 47 -37.39 8.32 11.52
C VAL A 47 -36.66 8.10 12.84
N ASP A 48 -35.44 8.59 12.93
CA ASP A 48 -34.65 8.49 14.13
C ASP A 48 -34.84 9.76 14.95
N PHE A 49 -35.32 9.63 16.18
CA PHE A 49 -35.55 10.79 17.03
C PHE A 49 -35.29 10.40 18.47
N LYS A 50 -35.24 11.41 19.33
CA LYS A 50 -35.06 11.16 20.75
C LYS A 50 -35.61 12.34 21.54
N CYS A 51 -35.87 12.08 22.83
CA CYS A 51 -36.27 13.11 23.77
C CYS A 51 -35.32 12.98 24.96
N TYR A 52 -34.18 13.66 24.87
CA TYR A 52 -33.15 13.53 25.89
C TYR A 52 -33.53 14.10 27.21
N ASP A 53 -34.75 14.59 27.41
CA ASP A 53 -35.13 15.11 28.71
C ASP A 53 -36.65 15.12 28.80
N GLU A 54 -37.16 14.86 30.00
CA GLU A 54 -38.60 14.81 30.20
C GLU A 54 -39.34 16.09 29.83
N PRO A 55 -38.86 17.29 30.18
CA PRO A 55 -39.66 18.50 29.89
C PRO A 55 -40.01 18.70 28.43
N HIS A 56 -39.28 18.09 27.50
CA HIS A 56 -39.65 18.20 26.10
C HIS A 56 -40.91 17.38 25.88
N ASP A 57 -42.05 17.88 26.36
CA ASP A 57 -43.28 17.11 26.38
C ASP A 57 -43.89 17.04 24.99
N PHE A 58 -44.23 15.83 24.56
CA PHE A 58 -44.88 15.64 23.27
C PHE A 58 -46.30 16.21 23.25
N LYS A 59 -46.86 16.54 24.41
CA LYS A 59 -48.21 17.10 24.45
C LYS A 59 -48.27 18.42 23.68
N SER A 60 -47.29 19.29 23.88
CA SER A 60 -47.22 20.55 23.17
C SER A 60 -46.54 20.42 21.82
N LEU A 61 -46.05 19.24 21.48
CA LEU A 61 -45.34 19.07 20.22
C LEU A 61 -46.29 19.31 19.05
N PRO A 62 -45.90 20.10 18.06
CA PRO A 62 -46.76 20.32 16.90
C PRO A 62 -46.91 19.06 16.07
N ASN A 63 -48.06 18.94 15.41
CA ASN A 63 -48.29 17.82 14.52
C ASN A 63 -47.35 17.90 13.32
N LEU A 64 -46.71 16.79 12.99
CA LEU A 64 -45.78 16.73 11.88
C LEU A 64 -46.26 15.69 10.88
N ALA A 65 -46.40 16.09 9.62
CA ALA A 65 -46.97 15.22 8.60
C ALA A 65 -45.97 14.13 8.22
N ILE A 66 -45.66 13.25 9.17
CA ILE A 66 -44.74 12.16 8.90
C ILE A 66 -45.39 11.21 7.91
N GLY A 67 -44.66 10.85 6.86
CA GLY A 67 -45.15 9.86 5.93
C GLY A 67 -44.97 8.45 6.45
N SER A 68 -45.58 7.51 5.76
CA SER A 68 -45.45 6.11 6.13
C SER A 68 -44.02 5.66 5.88
N VAL A 69 -43.23 5.58 6.94
CA VAL A 69 -41.86 5.11 6.83
C VAL A 69 -41.84 3.62 7.18
N LYS A 70 -40.75 2.94 6.85
CA LYS A 70 -40.61 1.53 7.18
C LYS A 70 -39.82 1.27 8.45
N LEU A 71 -39.09 2.26 8.96
CA LEU A 71 -38.34 2.09 10.20
C LEU A 71 -38.58 3.28 11.10
N LEU A 72 -38.85 3.00 12.37
CA LEU A 72 -39.00 4.03 13.39
C LEU A 72 -38.11 3.66 14.57
N THR A 73 -37.39 4.66 15.09
CA THR A 73 -36.56 4.47 16.28
C THR A 73 -36.96 5.50 17.32
N VAL A 74 -37.17 5.04 18.56
CA VAL A 74 -37.45 5.89 19.69
C VAL A 74 -36.37 5.66 20.73
N VAL A 75 -35.72 6.73 21.16
CA VAL A 75 -34.59 6.66 22.07
C VAL A 75 -34.98 7.36 23.35
N ASP A 76 -35.45 6.58 24.32
CA ASP A 76 -35.68 7.04 25.69
C ASP A 76 -36.69 8.17 25.78
N CYS A 77 -37.48 8.39 24.75
CA CYS A 77 -38.50 9.41 24.82
C CYS A 77 -39.61 8.98 25.77
N VAL A 78 -40.27 9.97 26.38
CA VAL A 78 -41.35 9.68 27.31
C VAL A 78 -42.46 8.94 26.58
N LEU A 79 -43.00 7.92 27.22
CA LEU A 79 -44.00 7.05 26.62
C LEU A 79 -45.30 7.14 27.41
N ASP A 80 -46.41 7.19 26.70
CA ASP A 80 -47.72 7.22 27.34
C ASP A 80 -47.93 5.93 28.13
N ASP A 81 -48.92 5.96 29.01
CA ASP A 81 -49.15 4.90 29.99
C ASP A 81 -50.34 4.05 29.55
N ASP A 82 -50.07 2.78 29.24
CA ASP A 82 -51.10 1.84 28.82
C ASP A 82 -51.85 2.33 27.59
N ARG A 83 -51.15 3.05 26.72
CA ARG A 83 -51.76 3.68 25.57
C ARG A 83 -50.97 3.31 24.32
N PRO A 84 -51.62 3.34 23.15
CA PRO A 84 -50.89 3.04 21.91
C PRO A 84 -49.76 4.03 21.69
N ILE A 85 -48.64 3.52 21.17
CA ILE A 85 -47.54 4.40 20.84
C ILE A 85 -47.96 5.42 19.79
N LEU A 86 -48.68 4.98 18.77
CA LEU A 86 -49.13 5.89 17.73
C LEU A 86 -50.09 6.93 18.29
N GLU A 87 -51.00 6.51 19.17
CA GLU A 87 -51.89 7.46 19.81
C GLU A 87 -51.11 8.49 20.60
N SER A 88 -50.08 8.05 21.32
CA SER A 88 -49.22 8.99 22.03
C SER A 88 -48.57 9.96 21.06
N PHE A 89 -48.08 9.45 19.94
CA PHE A 89 -47.41 10.27 18.94
C PHE A 89 -48.37 10.65 17.82
N LYS A 90 -49.48 11.26 18.24
CA LYS A 90 -50.45 11.76 17.26
C LYS A 90 -49.84 12.84 16.39
N PHE A 91 -48.84 13.53 16.91
CA PHE A 91 -48.13 14.55 16.14
C PHE A 91 -47.29 13.97 15.01
N LEU A 92 -47.12 12.65 14.97
CA LEU A 92 -46.43 11.97 13.89
C LEU A 92 -47.41 11.05 13.18
N GLU A 93 -47.33 11.02 11.85
CA GLU A 93 -48.34 10.36 11.04
C GLU A 93 -47.76 9.21 10.22
N VAL A 94 -46.72 8.56 10.73
CA VAL A 94 -46.18 7.39 10.03
C VAL A 94 -47.27 6.33 9.98
N ALA A 95 -47.71 6.00 8.77
CA ALA A 95 -48.86 5.12 8.62
C ALA A 95 -48.49 3.66 8.86
N ASP A 96 -47.61 3.11 8.01
CA ASP A 96 -47.28 1.69 8.04
C ASP A 96 -45.78 1.55 8.25
N VAL A 97 -45.37 1.54 9.50
CA VAL A 97 -43.97 1.28 9.82
C VAL A 97 -43.74 -0.23 9.85
N ARG A 98 -42.57 -0.65 9.38
CA ARG A 98 -42.27 -2.07 9.30
C ARG A 98 -41.35 -2.54 10.42
N SER A 99 -40.58 -1.64 11.00
CA SER A 99 -39.65 -1.99 12.06
C SER A 99 -39.60 -0.87 13.08
N PHE A 100 -39.58 -1.24 14.36
CA PHE A 100 -39.57 -0.28 15.45
C PHE A 100 -38.46 -0.64 16.42
N VAL A 101 -37.88 0.39 17.02
CA VAL A 101 -36.82 0.23 18.00
C VAL A 101 -37.17 1.06 19.22
N TYR A 102 -36.68 0.66 20.38
CA TYR A 102 -36.91 1.40 21.60
C TYR A 102 -35.75 1.15 22.56
N ASN A 103 -35.26 2.23 23.17
CA ASN A 103 -34.16 2.13 24.12
C ASN A 103 -34.26 3.29 25.08
N ASN A 104 -34.34 2.99 26.37
CA ASN A 104 -34.58 3.99 27.40
C ASN A 104 -33.45 3.95 28.43
N HIS A 105 -32.89 5.11 28.74
CA HIS A 105 -31.96 5.12 29.85
C HIS A 105 -32.69 5.08 31.20
N GLU A 106 -34.00 5.22 31.21
CA GLU A 106 -34.78 5.20 32.44
C GLU A 106 -36.22 4.86 32.09
N ASN A 107 -37.10 4.90 33.10
CA ASN A 107 -38.54 4.70 32.93
C ASN A 107 -38.85 3.31 32.37
N GLY A 108 -38.53 2.30 33.19
CA GLY A 108 -38.97 0.95 32.89
C GLY A 108 -40.49 0.86 32.96
N ILE A 109 -41.07 0.07 32.06
CA ILE A 109 -42.52 0.07 31.87
C ILE A 109 -43.02 -1.35 31.67
N ARG A 110 -44.14 -1.68 32.33
CA ARG A 110 -44.83 -2.93 32.06
C ARG A 110 -45.46 -2.90 30.68
N TYR A 111 -45.33 -4.01 29.95
CA TYR A 111 -45.71 -4.05 28.54
C TYR A 111 -46.97 -4.88 28.34
N ASN A 112 -47.91 -4.33 27.56
CA ASN A 112 -49.18 -4.97 27.26
C ASN A 112 -49.50 -4.76 25.79
N ALA A 113 -50.63 -5.32 25.36
CA ALA A 113 -51.01 -5.21 23.95
C ALA A 113 -51.42 -3.79 23.58
N LYS A 114 -52.08 -3.07 24.49
CA LYS A 114 -52.64 -1.78 24.16
C LYS A 114 -51.59 -0.77 23.71
N TYR A 115 -50.32 -1.01 24.05
CA TYR A 115 -49.27 -0.13 23.58
C TYR A 115 -49.05 -0.25 22.08
N PHE A 116 -49.42 -1.39 21.49
CA PHE A 116 -49.10 -1.66 20.10
C PHE A 116 -50.34 -2.10 19.32
N GLU A 117 -51.53 -1.81 19.85
CA GLU A 117 -52.74 -2.18 19.15
C GLU A 117 -52.82 -1.53 17.78
N GLY A 118 -52.22 -0.35 17.62
CA GLY A 118 -52.15 0.27 16.31
C GLY A 118 -50.94 -0.17 15.53
N MET A 119 -49.95 -0.72 16.21
CA MET A 119 -48.69 -1.12 15.60
C MET A 119 -48.61 -2.65 15.62
N GLU A 120 -49.10 -3.28 14.57
CA GLU A 120 -49.10 -4.73 14.47
C GLU A 120 -48.46 -5.17 13.16
N GLN A 121 -48.61 -4.36 12.11
CA GLN A 121 -48.00 -4.65 10.82
C GLN A 121 -46.52 -4.27 10.88
N LEU A 122 -45.77 -5.08 11.63
CA LEU A 122 -44.37 -4.78 11.91
C LEU A 122 -43.59 -6.08 11.96
N GLU A 123 -42.29 -5.97 11.70
CA GLU A 123 -41.44 -7.14 11.51
C GLU A 123 -40.25 -7.19 12.46
N ASN A 124 -39.58 -6.07 12.70
CA ASN A 124 -38.39 -6.02 13.54
C ASN A 124 -38.70 -5.14 14.74
N LEU A 125 -39.28 -5.74 15.78
CA LEU A 125 -39.51 -5.05 17.03
C LEU A 125 -38.34 -5.33 17.97
N THR A 126 -37.95 -4.32 18.74
CA THR A 126 -36.83 -4.49 19.66
C THR A 126 -36.95 -3.50 20.80
N LEU A 127 -36.93 -4.01 22.02
CA LEU A 127 -36.92 -3.19 23.22
C LEU A 127 -35.59 -3.37 23.93
N ALA A 128 -35.22 -2.35 24.71
CA ALA A 128 -34.00 -2.44 25.50
C ALA A 128 -34.10 -1.47 26.66
N ARG A 129 -33.60 -1.90 27.82
CA ARG A 129 -33.39 -1.02 28.96
C ARG A 129 -34.70 -0.35 29.40
N GLY A 130 -35.56 -1.17 29.99
CA GLY A 130 -36.84 -0.68 30.42
C GLY A 130 -37.95 -1.72 30.39
N VAL A 131 -37.66 -2.91 29.88
CA VAL A 131 -38.64 -3.99 29.92
C VAL A 131 -38.90 -4.39 31.37
N VAL A 132 -40.17 -4.46 31.73
CA VAL A 132 -40.59 -4.81 33.09
C VAL A 132 -41.36 -6.11 33.10
N SER A 133 -42.40 -6.22 32.28
CA SER A 133 -43.24 -7.42 32.25
C SER A 133 -43.89 -7.55 30.89
N ILE A 134 -43.99 -8.79 30.42
CA ILE A 134 -44.61 -9.10 29.13
C ILE A 134 -46.00 -9.69 29.33
N ASP A 135 -46.11 -10.78 30.07
CA ASP A 135 -47.37 -11.43 30.38
C ASP A 135 -48.12 -11.88 29.14
N ARG A 136 -47.41 -12.11 28.03
CA ARG A 136 -47.99 -12.61 26.78
C ARG A 136 -49.06 -11.69 26.20
N ASP A 137 -49.24 -10.51 26.78
CA ASP A 137 -50.29 -9.60 26.33
C ASP A 137 -49.90 -8.96 25.00
N THR A 138 -48.74 -8.30 24.96
CA THR A 138 -48.32 -7.58 23.77
C THR A 138 -48.04 -8.54 22.62
N PHE A 139 -47.21 -9.55 22.86
CA PHE A 139 -46.77 -10.42 21.78
C PHE A 139 -47.90 -11.21 21.15
N SER A 140 -49.04 -11.33 21.84
CA SER A 140 -50.16 -12.07 21.30
C SER A 140 -50.73 -11.43 20.04
N GLY A 141 -50.80 -10.10 20.01
CA GLY A 141 -51.47 -9.41 18.93
C GLY A 141 -50.55 -8.96 17.80
N PHE A 142 -49.64 -9.84 17.39
CA PHE A 142 -48.70 -9.53 16.32
C PHE A 142 -48.75 -10.62 15.26
N LEU A 143 -48.29 -10.25 14.07
CA LEU A 143 -48.47 -11.09 12.89
C LEU A 143 -47.30 -10.90 11.94
N ASN A 144 -46.76 -12.03 11.47
CA ASN A 144 -45.65 -12.05 10.50
C ASN A 144 -44.45 -11.25 11.00
N LEU A 145 -44.16 -11.35 12.29
CA LEU A 145 -42.98 -10.68 12.82
C LEU A 145 -41.72 -11.37 12.33
N LYS A 146 -40.75 -10.56 11.92
CA LYS A 146 -39.51 -11.10 11.35
C LYS A 146 -38.44 -11.30 12.42
N ARG A 147 -38.10 -10.23 13.14
CA ARG A 147 -37.09 -10.30 14.17
C ARG A 147 -37.62 -9.66 15.44
N LEU A 148 -37.21 -10.21 16.57
CA LEU A 148 -37.56 -9.69 17.88
C LEU A 148 -36.35 -9.79 18.78
N THR A 149 -36.12 -8.76 19.59
CA THR A 149 -34.93 -8.72 20.42
C THR A 149 -35.22 -7.95 21.69
N ILE A 150 -34.63 -8.41 22.79
CA ILE A 150 -34.66 -7.73 24.07
C ILE A 150 -33.22 -7.56 24.53
N GLU A 151 -32.96 -6.56 25.36
CA GLU A 151 -31.58 -6.28 25.74
C GLU A 151 -31.52 -5.50 27.04
N HIS A 152 -30.69 -5.97 27.97
CA HIS A 152 -30.31 -5.24 29.18
C HIS A 152 -31.55 -4.75 29.94
N ASN A 153 -32.33 -5.71 30.41
CA ASN A 153 -33.56 -5.36 31.09
C ASN A 153 -33.76 -6.03 32.44
N LYS A 154 -32.96 -7.04 32.79
CA LYS A 154 -33.02 -7.65 34.12
C LYS A 154 -34.44 -8.06 34.47
N LEU A 155 -34.95 -9.03 33.71
CA LEU A 155 -36.35 -9.40 33.78
C LEU A 155 -36.48 -10.91 33.88
N ASN A 156 -37.66 -11.35 34.31
CA ASN A 156 -38.01 -12.77 34.37
C ASN A 156 -39.34 -12.98 33.67
N LEU A 157 -39.53 -14.17 33.11
CA LEU A 157 -40.64 -14.43 32.21
C LEU A 157 -41.41 -15.68 32.64
N GLN A 158 -42.71 -15.67 32.33
CA GLN A 158 -43.52 -16.86 32.44
C GLN A 158 -43.32 -17.72 31.18
N PRO A 159 -43.40 -19.05 31.33
CA PRO A 159 -43.20 -19.92 30.15
C PRO A 159 -44.17 -19.65 29.02
N GLY A 160 -45.42 -19.34 29.34
CA GLY A 160 -46.43 -19.15 28.32
C GLY A 160 -46.40 -17.82 27.61
N THR A 161 -45.46 -16.95 27.96
CA THR A 161 -45.45 -15.60 27.40
C THR A 161 -45.25 -15.62 25.89
N PHE A 162 -44.21 -16.31 25.42
CA PHE A 162 -43.91 -16.33 24.00
C PHE A 162 -44.79 -17.29 23.22
N GLU A 163 -45.42 -18.24 23.91
CA GLU A 163 -46.18 -19.27 23.21
C GLU A 163 -47.38 -18.71 22.47
N ALA A 164 -47.77 -17.47 22.74
CA ALA A 164 -48.84 -16.84 21.98
C ALA A 164 -48.50 -16.78 20.50
N LEU A 165 -47.32 -16.28 20.16
CA LEU A 165 -46.86 -16.24 18.77
C LEU A 165 -46.04 -17.50 18.51
N SER A 166 -46.56 -18.34 17.61
CA SER A 166 -45.89 -19.61 17.33
C SER A 166 -44.66 -19.43 16.46
N ASN A 167 -44.69 -18.49 15.52
CA ASN A 167 -43.68 -18.42 14.46
C ASN A 167 -43.01 -17.05 14.46
N LEU A 168 -41.68 -17.06 14.42
CA LEU A 168 -40.89 -15.84 14.34
C LEU A 168 -39.48 -16.25 13.95
N THR A 169 -38.92 -15.58 12.95
CA THR A 169 -37.68 -16.06 12.34
C THR A 169 -36.55 -16.10 13.37
N TYR A 170 -36.33 -15.00 14.07
CA TYR A 170 -35.19 -14.88 14.98
C TYR A 170 -35.63 -14.28 16.29
N LEU A 171 -34.99 -14.75 17.37
CA LEU A 171 -35.14 -14.17 18.69
C LEU A 171 -33.80 -14.20 19.39
N GLY A 172 -33.47 -13.12 20.09
CA GLY A 172 -32.23 -13.06 20.83
C GLY A 172 -32.36 -12.28 22.12
N LEU A 173 -31.75 -12.78 23.19
CA LEU A 173 -31.83 -12.14 24.51
C LEU A 173 -30.42 -11.97 25.05
N VAL A 174 -30.09 -10.75 25.46
CA VAL A 174 -28.75 -10.42 25.94
C VAL A 174 -28.88 -9.51 27.14
N TYR A 175 -28.13 -9.81 28.21
CA TYR A 175 -28.22 -9.08 29.48
C TYR A 175 -29.64 -9.07 30.03
N ASN A 176 -30.48 -10.02 29.65
CA ASN A 176 -31.83 -10.05 30.18
C ASN A 176 -31.87 -10.44 31.65
N GLY A 177 -30.78 -10.95 32.20
CA GLY A 177 -30.73 -11.27 33.62
C GLY A 177 -31.70 -12.33 34.06
N LEU A 178 -31.87 -13.38 33.26
CA LEU A 178 -32.74 -14.49 33.66
C LEU A 178 -31.99 -15.46 34.55
N ASN A 179 -32.60 -15.80 35.69
CA ASN A 179 -31.95 -16.71 36.62
C ASN A 179 -31.77 -18.09 36.02
N GLU A 180 -32.80 -18.60 35.33
CA GLU A 180 -32.73 -19.90 34.70
C GLU A 180 -33.89 -20.02 33.71
N ILE A 181 -33.69 -20.86 32.70
CA ILE A 181 -34.71 -21.02 31.67
C ILE A 181 -35.89 -21.80 32.22
N GLN A 182 -37.09 -21.23 32.09
CA GLN A 182 -38.29 -21.94 32.47
C GLN A 182 -38.55 -23.11 31.53
N PRO A 183 -39.08 -24.22 32.03
CA PRO A 183 -39.29 -25.39 31.18
C PRO A 183 -40.39 -25.16 30.15
N GLY A 184 -40.08 -24.42 29.11
CA GLY A 184 -41.07 -24.05 28.11
C GLY A 184 -41.23 -22.56 28.00
N LEU A 185 -40.16 -21.82 28.31
CA LEU A 185 -40.22 -20.36 28.25
C LEU A 185 -40.54 -19.88 26.84
N PHE A 186 -39.89 -20.46 25.85
CA PHE A 186 -40.14 -20.15 24.44
C PHE A 186 -40.84 -21.32 23.76
N ASP A 187 -41.78 -21.95 24.48
CA ASP A 187 -42.38 -23.19 24.01
C ASP A 187 -43.03 -23.01 22.64
N GLY A 188 -43.80 -21.94 22.48
CA GLY A 188 -44.48 -21.72 21.22
C GLY A 188 -43.58 -21.13 20.15
N LEU A 189 -42.56 -21.87 19.73
CA LEU A 189 -41.69 -21.45 18.64
C LEU A 189 -41.81 -22.44 17.49
N GLU A 190 -42.02 -21.91 16.29
CA GLU A 190 -42.16 -22.76 15.11
C GLU A 190 -41.24 -22.31 13.99
N SER A 191 -41.02 -20.99 13.88
CA SER A 191 -40.20 -20.43 12.83
C SER A 191 -38.87 -19.90 13.35
N LEU A 192 -38.49 -20.26 14.57
CA LEU A 192 -37.28 -19.71 15.16
C LEU A 192 -36.04 -20.33 14.53
N GLU A 193 -35.54 -19.71 13.46
CA GLU A 193 -34.38 -20.25 12.76
C GLU A 193 -33.16 -20.28 13.68
N ALA A 194 -32.93 -19.20 14.41
CA ALA A 194 -31.76 -19.10 15.28
C ALA A 194 -32.12 -18.31 16.53
N LEU A 195 -31.68 -18.79 17.67
CA LEU A 195 -31.86 -18.12 18.95
C LEU A 195 -30.51 -18.03 19.65
N SER A 196 -30.24 -16.89 20.26
CA SER A 196 -29.02 -16.70 21.03
C SER A 196 -29.36 -16.11 22.38
N LEU A 197 -28.85 -16.73 23.44
CA LEU A 197 -28.88 -16.15 24.78
C LEU A 197 -27.42 -16.01 25.21
N SER A 198 -26.87 -14.82 25.02
CA SER A 198 -25.44 -14.62 25.24
C SER A 198 -25.16 -14.28 26.69
N TYR A 199 -25.80 -13.25 27.21
CA TYR A 199 -25.50 -12.72 28.54
C TYR A 199 -26.73 -12.94 29.41
N ASN A 200 -26.74 -14.06 30.12
CA ASN A 200 -27.78 -14.31 31.11
C ASN A 200 -27.28 -15.39 32.06
N ASP A 201 -27.06 -15.02 33.32
CA ASP A 201 -26.47 -15.95 34.27
C ASP A 201 -27.47 -17.05 34.60
N ILE A 202 -27.77 -17.89 33.60
CA ILE A 202 -28.72 -18.97 33.81
C ILE A 202 -28.18 -19.92 34.86
N LYS A 203 -29.06 -20.36 35.76
CA LYS A 203 -28.64 -21.31 36.78
C LYS A 203 -28.19 -22.63 36.14
N SER A 204 -29.04 -23.20 35.31
CA SER A 204 -28.74 -24.45 34.60
C SER A 204 -29.80 -24.66 33.53
N LEU A 205 -29.64 -25.75 32.79
CA LEU A 205 -30.51 -26.04 31.65
C LEU A 205 -31.34 -27.29 31.91
N SER A 206 -32.58 -27.25 31.44
CA SER A 206 -33.49 -28.37 31.51
C SER A 206 -34.03 -28.65 30.11
N ALA A 207 -34.22 -29.93 29.80
CA ALA A 207 -34.73 -30.30 28.48
C ALA A 207 -36.11 -29.72 28.22
N GLY A 208 -36.89 -29.50 29.28
CA GLY A 208 -38.22 -28.95 29.12
C GLY A 208 -38.23 -27.53 28.58
N SER A 209 -37.16 -26.78 28.80
CA SER A 209 -37.07 -25.44 28.23
C SER A 209 -36.95 -25.46 26.71
N PHE A 210 -36.57 -26.60 26.14
CA PHE A 210 -36.30 -26.72 24.72
C PHE A 210 -37.48 -27.36 24.01
N ASN A 211 -38.21 -26.56 23.23
CA ASN A 211 -39.36 -27.04 22.48
C ASN A 211 -39.35 -26.41 21.10
N GLY A 212 -40.08 -27.02 20.18
CA GLY A 212 -40.10 -26.54 18.81
C GLY A 212 -38.76 -26.55 18.13
N LEU A 213 -37.85 -27.42 18.60
CA LEU A 213 -36.46 -27.41 18.20
C LEU A 213 -36.23 -27.53 16.70
N SER A 214 -37.26 -27.89 15.93
CA SER A 214 -37.08 -28.10 14.50
C SER A 214 -36.59 -26.85 13.81
N SER A 215 -37.16 -25.70 14.16
CA SER A 215 -36.76 -24.45 13.51
C SER A 215 -35.33 -24.05 13.86
N LEU A 216 -34.83 -24.44 15.03
CA LEU A 216 -33.52 -24.00 15.46
C LEU A 216 -32.44 -24.45 14.49
N ARG A 217 -31.56 -23.52 14.13
CA ARG A 217 -30.44 -23.83 13.25
C ARG A 217 -29.13 -23.34 13.85
N MET A 218 -29.21 -22.25 14.62
CA MET A 218 -28.04 -21.70 15.28
C MET A 218 -28.39 -21.39 16.73
N LEU A 219 -27.39 -21.51 17.61
CA LEU A 219 -27.57 -21.19 19.01
C LEU A 219 -26.24 -20.74 19.58
N ASN A 220 -26.24 -19.57 20.22
CA ASN A 220 -25.03 -18.96 20.73
C ASN A 220 -25.18 -18.67 22.22
N LEU A 221 -24.12 -18.97 22.97
CA LEU A 221 -24.06 -18.69 24.40
C LEU A 221 -22.74 -18.00 24.69
N ARG A 222 -22.77 -16.96 25.52
CA ARG A 222 -21.56 -16.18 25.78
C ARG A 222 -21.08 -16.30 27.22
N VAL A 223 -21.89 -15.90 28.21
CA VAL A 223 -21.40 -15.79 29.57
C VAL A 223 -22.37 -16.45 30.54
N ASN A 224 -23.28 -17.25 30.00
CA ASN A 224 -24.39 -17.78 30.79
C ASN A 224 -23.84 -18.75 31.81
N LYS A 225 -23.77 -18.30 33.07
CA LYS A 225 -23.01 -18.98 34.11
C LYS A 225 -23.76 -20.23 34.56
N ILE A 226 -23.70 -21.26 33.71
CA ILE A 226 -24.30 -22.53 34.01
C ILE A 226 -23.24 -23.49 34.53
N GLU A 227 -23.67 -24.62 35.08
CA GLU A 227 -22.75 -25.61 35.61
C GLU A 227 -22.97 -27.01 35.06
N SER A 228 -24.21 -27.40 34.75
CA SER A 228 -24.51 -28.74 34.29
C SER A 228 -25.63 -28.66 33.26
N PHE A 229 -25.94 -29.81 32.66
CA PHE A 229 -26.91 -29.90 31.58
C PHE A 229 -27.68 -31.20 31.70
N ASP A 230 -28.89 -31.20 31.15
CA ASP A 230 -29.71 -32.41 31.18
C ASP A 230 -29.11 -33.46 30.25
N ALA A 231 -29.46 -34.72 30.54
CA ALA A 231 -28.90 -35.84 29.79
C ALA A 231 -29.34 -35.85 28.34
N ASN A 232 -30.41 -35.16 28.00
CA ASN A 232 -30.86 -35.11 26.61
C ASN A 232 -31.35 -33.73 26.20
N THR A 233 -31.02 -32.68 26.97
CA THR A 233 -31.52 -31.35 26.65
C THR A 233 -31.07 -30.92 25.25
N PHE A 234 -29.81 -31.19 24.90
CA PHE A 234 -29.32 -30.92 23.56
C PHE A 234 -29.47 -32.12 22.65
N ALA A 235 -29.51 -33.33 23.22
CA ALA A 235 -29.82 -34.52 22.44
C ALA A 235 -31.27 -34.55 22.00
N SER A 236 -32.10 -33.64 22.52
CA SER A 236 -33.51 -33.60 22.16
C SER A 236 -33.75 -33.21 20.71
N LEU A 237 -32.73 -32.75 20.00
CA LEU A 237 -32.93 -32.25 18.64
C LEU A 237 -31.73 -32.59 17.79
N LYS A 238 -31.93 -32.47 16.47
CA LYS A 238 -30.85 -32.56 15.50
C LYS A 238 -30.85 -31.43 14.49
N GLU A 239 -31.96 -30.71 14.32
CA GLU A 239 -32.07 -29.70 13.28
C GLU A 239 -31.11 -28.55 13.46
N LEU A 240 -30.51 -28.39 14.64
CA LEU A 240 -29.53 -27.33 14.84
C LEU A 240 -28.33 -27.54 13.95
N SER A 241 -27.88 -26.46 13.30
CA SER A 241 -26.74 -26.50 12.41
C SER A 241 -25.47 -25.98 13.05
N ARG A 242 -25.55 -24.86 13.77
CA ARG A 242 -24.41 -24.23 14.40
C ARG A 242 -24.66 -24.10 15.89
N LEU A 243 -23.66 -24.45 16.70
CA LEU A 243 -23.73 -24.33 18.14
C LEU A 243 -22.48 -23.64 18.64
N GLU A 244 -22.66 -22.69 19.57
CA GLU A 244 -21.55 -21.88 20.06
C GLU A 244 -21.76 -21.64 21.56
N ILE A 245 -20.93 -22.28 22.39
CA ILE A 245 -20.96 -22.10 23.83
C ILE A 245 -19.56 -21.69 24.28
N THR A 246 -19.50 -20.68 25.14
CA THR A 246 -18.22 -20.15 25.59
C THR A 246 -18.35 -19.64 27.01
N LEU A 247 -17.19 -19.49 27.65
CA LEU A 247 -17.06 -18.72 28.89
C LEU A 247 -18.07 -19.16 29.93
N ASN A 248 -18.25 -20.46 30.07
CA ASN A 248 -19.27 -20.97 30.96
C ASN A 248 -18.65 -21.92 31.97
N PRO A 249 -19.04 -21.83 33.24
CA PRO A 249 -18.41 -22.63 34.33
C PRO A 249 -19.06 -23.99 34.53
N PHE A 250 -18.87 -24.87 33.55
CA PHE A 250 -19.33 -26.25 33.64
C PHE A 250 -18.11 -27.16 33.70
N VAL A 251 -18.12 -28.10 34.64
CA VAL A 251 -16.92 -28.87 34.90
C VAL A 251 -16.82 -30.12 34.03
N SER A 252 -17.94 -30.64 33.55
CA SER A 252 -17.94 -31.87 32.76
C SER A 252 -19.24 -31.93 31.97
N LEU A 253 -19.32 -32.91 31.08
CA LEU A 253 -20.46 -33.03 30.20
C LEU A 253 -20.98 -34.46 30.19
N PRO A 254 -22.28 -34.64 30.00
CA PRO A 254 -22.80 -36.00 29.80
C PRO A 254 -22.31 -36.58 28.48
N ARG A 255 -22.02 -37.88 28.49
CA ARG A 255 -21.58 -38.56 27.30
C ARG A 255 -22.75 -38.76 26.34
N GLY A 256 -22.46 -38.70 25.05
CA GLY A 256 -23.50 -38.93 24.05
C GLY A 256 -24.61 -37.91 24.09
N LEU A 257 -24.28 -36.64 24.35
CA LEU A 257 -25.28 -35.59 24.43
C LEU A 257 -25.71 -35.08 23.06
N PHE A 258 -25.08 -35.55 21.98
CA PHE A 258 -25.37 -35.06 20.63
C PHE A 258 -25.55 -36.19 19.64
N SER A 259 -25.73 -37.42 20.11
CA SER A 259 -25.87 -38.56 19.20
C SER A 259 -27.08 -38.37 18.28
N GLU A 260 -28.21 -37.93 18.84
CA GLU A 260 -29.35 -37.60 18.01
C GLU A 260 -29.05 -36.40 17.12
N ASN A 261 -28.27 -35.44 17.63
CA ASN A 261 -27.94 -34.22 16.89
C ASN A 261 -26.88 -34.51 15.83
N LYS A 262 -27.20 -35.43 14.93
CA LYS A 262 -26.30 -35.81 13.86
C LYS A 262 -26.26 -34.78 12.74
N LYS A 263 -27.16 -33.80 12.74
CA LYS A 263 -27.22 -32.77 11.71
C LYS A 263 -26.57 -31.47 12.18
N LEU A 264 -25.49 -31.56 12.96
CA LEU A 264 -24.78 -30.40 13.46
C LEU A 264 -23.59 -30.11 12.56
N LYS A 265 -23.41 -28.84 12.20
CA LYS A 265 -22.37 -28.44 11.26
C LYS A 265 -21.15 -27.83 11.95
N THR A 266 -21.36 -26.88 12.86
CA THR A 266 -20.28 -26.12 13.46
C THR A 266 -20.48 -26.01 14.97
N LEU A 267 -19.44 -26.35 15.73
CA LEU A 267 -19.45 -26.22 17.17
C LEU A 267 -18.26 -25.39 17.60
N ILE A 268 -18.48 -24.47 18.54
CA ILE A 268 -17.40 -23.68 19.12
C ILE A 268 -17.52 -23.77 20.62
N LEU A 269 -16.41 -24.11 21.28
CA LEU A 269 -16.36 -24.19 22.75
C LEU A 269 -15.01 -23.65 23.18
N THR A 270 -14.96 -22.36 23.48
CA THR A 270 -13.71 -21.67 23.76
C THR A 270 -13.75 -21.07 25.16
N ASN A 271 -12.58 -21.03 25.79
CA ASN A 271 -12.43 -20.47 27.13
C ASN A 271 -13.44 -21.07 28.09
N ASN A 272 -13.71 -22.36 27.90
CA ASN A 272 -14.64 -23.07 28.78
C ASN A 272 -13.91 -23.32 30.07
N ARG A 273 -13.96 -22.33 30.95
CA ARG A 273 -13.23 -22.41 32.21
C ARG A 273 -13.84 -23.48 33.10
N LYS A 274 -13.04 -23.94 34.06
CA LYS A 274 -13.38 -25.04 34.96
C LYS A 274 -13.64 -26.34 34.21
N LEU A 275 -13.35 -26.39 32.92
CA LEU A 275 -13.56 -27.58 32.10
C LEU A 275 -12.20 -28.17 31.77
N VAL A 276 -11.87 -29.27 32.45
CA VAL A 276 -10.59 -29.93 32.26
C VAL A 276 -10.72 -31.29 31.58
N THR A 277 -11.94 -31.83 31.49
CA THR A 277 -12.13 -33.17 30.98
C THR A 277 -13.42 -33.22 30.17
N LEU A 278 -13.46 -34.14 29.21
CA LEU A 278 -14.60 -34.34 28.34
C LEU A 278 -15.02 -35.80 28.34
N PRO A 279 -16.30 -36.09 28.17
CA PRO A 279 -16.74 -37.48 28.12
C PRO A 279 -16.38 -38.14 26.81
N GLU A 280 -16.00 -39.40 26.91
CA GLU A 280 -15.66 -40.19 25.73
C GLU A 280 -16.89 -40.40 24.86
N GLU A 281 -16.65 -40.51 23.55
CA GLU A 281 -17.69 -40.90 22.61
C GLU A 281 -18.75 -39.81 22.47
N LEU A 282 -18.62 -38.74 23.27
CA LEU A 282 -19.58 -37.64 23.22
C LEU A 282 -19.71 -37.09 21.81
N LEU A 283 -18.59 -36.87 21.14
CA LEU A 283 -18.58 -36.40 19.76
C LEU A 283 -18.54 -37.52 18.75
N ALA A 284 -18.60 -38.78 19.20
CA ALA A 284 -18.71 -39.89 18.27
C ALA A 284 -20.08 -39.87 17.60
N ASN A 285 -20.19 -40.62 16.51
CA ASN A 285 -21.39 -40.69 15.67
C ASN A 285 -21.73 -39.35 15.02
N LEU A 286 -20.86 -38.36 15.15
CA LEU A 286 -21.09 -37.08 14.51
C LEU A 286 -20.89 -37.26 13.01
N LYS A 287 -21.96 -37.62 12.30
CA LYS A 287 -21.83 -38.02 10.90
C LYS A 287 -21.31 -36.90 10.02
N GLU A 288 -21.42 -35.66 10.47
CA GLU A 288 -20.87 -34.55 9.71
C GLU A 288 -20.56 -33.40 10.66
N LEU A 289 -19.55 -32.61 10.30
CA LEU A 289 -19.23 -31.39 11.03
C LEU A 289 -18.31 -30.52 10.19
N THR A 290 -18.70 -29.26 10.00
CA THR A 290 -17.89 -28.37 9.18
C THR A 290 -16.59 -27.99 9.88
N VAL A 291 -16.70 -27.32 11.03
CA VAL A 291 -15.53 -26.84 11.76
C VAL A 291 -15.81 -26.94 13.25
N VAL A 292 -14.74 -26.87 14.04
CA VAL A 292 -14.86 -26.89 15.49
C VAL A 292 -13.54 -26.43 16.09
N ASN A 293 -13.62 -25.69 17.19
CA ASN A 293 -12.45 -25.31 17.96
C ASN A 293 -12.76 -25.41 19.44
N LEU A 294 -11.80 -25.93 20.20
CA LEU A 294 -11.97 -26.15 21.63
C LEU A 294 -10.85 -25.50 22.42
N SER A 295 -10.27 -24.43 21.87
CA SER A 295 -9.05 -23.87 22.42
C SER A 295 -9.32 -23.13 23.73
N HIS A 296 -8.23 -22.84 24.44
CA HIS A 296 -8.24 -22.01 25.65
C HIS A 296 -9.14 -22.59 26.73
N ASN A 297 -9.33 -23.90 26.72
CA ASN A 297 -10.17 -24.54 27.71
C ASN A 297 -9.39 -25.30 28.78
N GLY A 298 -8.11 -25.52 28.56
CA GLY A 298 -7.31 -26.22 29.55
C GLY A 298 -7.74 -27.64 29.82
N VAL A 299 -8.22 -28.34 28.80
CA VAL A 299 -8.70 -29.71 29.00
C VAL A 299 -7.51 -30.60 29.34
N GLY A 300 -7.66 -31.40 30.39
CA GLY A 300 -6.58 -32.22 30.88
C GLY A 300 -6.22 -33.37 29.97
N ASN A 301 -7.13 -34.33 29.84
CA ASN A 301 -6.90 -35.50 29.00
C ASN A 301 -8.17 -35.78 28.21
N LEU A 302 -8.00 -36.51 27.11
CA LEU A 302 -9.05 -36.75 26.15
C LEU A 302 -9.28 -38.23 25.96
N PRO A 303 -10.46 -38.64 25.50
CA PRO A 303 -10.67 -40.04 25.16
C PRO A 303 -9.82 -40.44 23.97
N GLU A 304 -9.72 -41.76 23.78
CA GLU A 304 -8.86 -42.30 22.72
C GLU A 304 -9.31 -41.80 21.35
N SER A 305 -10.62 -41.76 21.11
CA SER A 305 -11.17 -41.20 19.88
C SER A 305 -12.54 -40.64 20.23
N LEU A 306 -12.57 -39.35 20.57
CA LEU A 306 -13.84 -38.74 20.96
C LEU A 306 -14.81 -38.66 19.78
N LEU A 307 -14.30 -38.33 18.60
CA LEU A 307 -15.13 -38.08 17.44
C LEU A 307 -15.18 -39.30 16.54
N SER A 308 -16.38 -39.60 16.04
CA SER A 308 -16.56 -40.65 15.05
C SER A 308 -17.72 -40.28 14.15
N GLY A 309 -17.75 -40.86 12.97
CA GLY A 309 -18.80 -40.66 12.00
C GLY A 309 -18.56 -39.53 11.02
N SER A 310 -17.64 -38.62 11.30
CA SER A 310 -17.41 -37.48 10.44
C SER A 310 -16.27 -37.77 9.46
N SER A 311 -16.51 -37.48 8.19
CA SER A 311 -15.53 -37.75 7.14
C SER A 311 -14.26 -36.93 7.27
N GLY A 312 -14.27 -35.89 8.10
CA GLY A 312 -13.12 -35.02 8.21
C GLY A 312 -13.53 -33.60 8.51
N ILE A 313 -12.85 -32.99 9.48
CA ILE A 313 -13.17 -31.62 9.88
C ILE A 313 -11.99 -30.75 9.48
N ILE A 314 -12.10 -29.45 9.74
CA ILE A 314 -11.14 -28.49 9.23
C ILE A 314 -10.24 -27.96 10.34
N GLU A 315 -10.82 -27.43 11.42
CA GLU A 315 -10.02 -26.76 12.44
C GLU A 315 -9.62 -27.70 13.57
N LEU A 316 -10.59 -28.20 14.33
CA LEU A 316 -10.36 -29.10 15.45
C LEU A 316 -9.20 -28.64 16.33
N ASN A 317 -9.07 -27.34 16.55
CA ASN A 317 -7.93 -26.84 17.30
C ASN A 317 -8.18 -26.93 18.80
N LEU A 318 -7.09 -27.10 19.54
CA LEU A 318 -7.15 -27.23 20.99
C LEU A 318 -6.00 -26.47 21.64
N GLY A 319 -5.59 -25.37 21.03
CA GLY A 319 -4.52 -24.58 21.60
C GLY A 319 -4.88 -24.07 22.98
N TYR A 320 -3.85 -23.83 23.79
CA TYR A 320 -3.99 -23.30 25.14
C TYR A 320 -4.75 -24.25 26.05
N ASN A 321 -5.12 -25.42 25.58
CA ASN A 321 -5.73 -26.43 26.43
C ASN A 321 -4.70 -27.29 27.12
N ARG A 322 -3.42 -26.91 27.03
CA ARG A 322 -2.31 -27.49 27.77
C ARG A 322 -2.41 -29.01 27.88
N LEU A 323 -2.64 -29.64 26.73
CA LEU A 323 -2.77 -31.08 26.69
C LEU A 323 -1.48 -31.74 27.11
N ASN A 324 -1.61 -32.97 27.61
CA ASN A 324 -0.47 -33.75 28.07
C ASN A 324 -0.25 -35.00 27.23
N SER A 325 -1.26 -35.85 27.09
CA SER A 325 -1.16 -37.08 26.34
C SER A 325 -2.15 -37.04 25.18
N LEU A 326 -1.67 -37.44 24.00
CA LEU A 326 -2.48 -37.40 22.78
C LEU A 326 -2.67 -38.82 22.26
N PRO A 327 -3.82 -39.44 22.52
CA PRO A 327 -4.06 -40.79 22.02
C PRO A 327 -4.04 -40.84 20.49
N GLU A 328 -3.49 -41.92 19.96
CA GLU A 328 -3.40 -42.08 18.52
C GLU A 328 -4.74 -42.43 17.87
N GLU A 329 -5.74 -42.83 18.67
CA GLU A 329 -6.96 -43.37 18.10
C GLU A 329 -7.86 -42.29 17.52
N LEU A 330 -7.66 -41.03 17.89
CA LEU A 330 -8.36 -39.96 17.20
C LEU A 330 -7.80 -39.80 15.80
N LEU A 331 -8.49 -38.96 15.00
CA LEU A 331 -8.15 -38.71 13.61
C LEU A 331 -8.40 -39.95 12.76
N SER A 332 -8.72 -41.07 13.40
CA SER A 332 -9.00 -42.30 12.66
C SER A 332 -10.25 -42.16 11.82
N ASP A 333 -11.30 -41.57 12.39
CA ASP A 333 -12.52 -41.30 11.64
C ASP A 333 -12.32 -40.23 10.58
N GLN A 334 -11.21 -39.48 10.63
CA GLN A 334 -10.99 -38.34 9.76
C GLN A 334 -9.84 -38.64 8.81
N PRO A 335 -10.11 -39.18 7.62
CA PRO A 335 -9.03 -39.35 6.64
C PRO A 335 -8.44 -38.03 6.18
N GLN A 336 -9.16 -36.93 6.34
CA GLN A 336 -8.69 -35.62 5.93
C GLN A 336 -8.92 -34.61 7.03
N LEU A 337 -8.05 -33.61 7.08
CA LEU A 337 -8.23 -32.44 7.92
C LEU A 337 -7.30 -31.35 7.43
N GLN A 338 -7.78 -30.12 7.42
CA GLN A 338 -7.01 -29.04 6.83
C GLN A 338 -5.95 -28.51 7.79
N VAL A 339 -6.37 -27.93 8.91
CA VAL A 339 -5.47 -27.21 9.80
C VAL A 339 -5.64 -27.71 11.22
N LEU A 340 -4.53 -27.80 11.94
CA LEU A 340 -4.56 -28.18 13.35
C LEU A 340 -3.64 -27.26 14.14
N ASN A 341 -4.07 -26.93 15.36
CA ASN A 341 -3.25 -26.15 16.27
C ASN A 341 -3.35 -26.75 17.66
N LEU A 342 -2.20 -27.01 18.28
CA LEU A 342 -2.13 -27.59 19.61
C LEU A 342 -1.12 -26.85 20.48
N ASP A 343 -0.97 -25.55 20.26
CA ASP A 343 0.07 -24.79 20.93
C ASP A 343 -0.19 -24.71 22.43
N HIS A 344 0.88 -24.40 23.16
CA HIS A 344 0.83 -24.24 24.61
C HIS A 344 0.29 -25.49 25.29
N ASN A 345 0.70 -26.64 24.80
CA ASN A 345 0.27 -27.92 25.35
C ASN A 345 1.47 -28.72 25.81
N GLN A 346 1.34 -29.36 26.97
CA GLN A 346 2.47 -30.03 27.61
C GLN A 346 2.74 -31.32 26.85
N LEU A 347 3.43 -31.17 25.72
CA LEU A 347 3.70 -32.28 24.82
C LEU A 347 5.20 -32.37 24.58
N GLU A 348 5.82 -33.44 25.09
CA GLU A 348 7.23 -33.66 24.81
C GLU A 348 7.45 -34.21 23.41
N SER A 349 6.52 -35.04 22.93
CA SER A 349 6.63 -35.64 21.61
C SER A 349 5.29 -36.25 21.24
N ILE A 350 4.81 -35.91 20.05
CA ILE A 350 3.58 -36.52 19.52
C ILE A 350 3.86 -37.98 19.17
N PRO A 351 2.99 -38.91 19.54
CA PRO A 351 3.04 -40.24 18.91
C PRO A 351 2.82 -40.11 17.42
N ASP A 352 3.85 -40.45 16.64
CA ASP A 352 3.90 -40.08 15.23
C ASP A 352 2.73 -40.68 14.45
N TYR A 353 2.41 -41.95 14.71
CA TYR A 353 1.41 -42.63 13.89
C TYR A 353 0.03 -41.99 14.02
N PHE A 354 -0.22 -41.29 15.12
CA PHE A 354 -1.43 -40.47 15.19
C PHE A 354 -1.41 -39.40 14.12
N LEU A 355 -0.26 -38.76 13.92
CA LEU A 355 -0.16 -37.68 12.95
C LEU A 355 -0.35 -38.21 11.53
N GLU A 356 0.37 -39.28 11.18
CA GLU A 356 0.29 -39.78 9.82
C GLU A 356 -1.05 -40.41 9.50
N ARG A 357 -1.92 -40.61 10.49
CA ARG A 357 -3.25 -41.13 10.24
C ARG A 357 -3.95 -40.31 9.16
N ASN A 358 -3.81 -38.99 9.21
CA ASN A 358 -4.27 -38.13 8.14
C ASN A 358 -3.13 -37.88 7.15
N VAL A 359 -3.50 -37.64 5.89
CA VAL A 359 -2.56 -37.35 4.82
C VAL A 359 -2.68 -35.91 4.35
N GLU A 360 -3.89 -35.49 3.98
CA GLU A 360 -4.12 -34.10 3.61
C GLU A 360 -3.99 -33.22 4.83
N LEU A 361 -3.27 -32.10 4.68
CA LEU A 361 -3.09 -31.19 5.80
C LEU A 361 -2.61 -29.85 5.29
N GLN A 362 -3.15 -28.78 5.87
CA GLN A 362 -2.63 -27.44 5.71
C GLN A 362 -1.71 -27.12 6.89
N THR A 363 -1.41 -25.84 7.09
CA THR A 363 -0.57 -25.38 8.19
C THR A 363 -0.94 -26.05 9.50
N LEU A 364 0.09 -26.37 10.29
CA LEU A 364 -0.09 -26.94 11.62
C LEU A 364 0.80 -26.20 12.60
N TYR A 365 0.32 -26.08 13.84
CA TYR A 365 1.02 -25.36 14.89
C TYR A 365 1.18 -26.25 16.11
N LEU A 366 2.42 -26.40 16.59
CA LEU A 366 2.72 -27.15 17.80
C LEU A 366 3.65 -26.38 18.72
N SER A 367 3.78 -25.07 18.52
CA SER A 367 4.71 -24.27 19.27
C SER A 367 4.27 -24.17 20.73
N HIS A 368 5.11 -23.51 21.54
CA HIS A 368 4.86 -23.29 22.96
C HIS A 368 4.64 -24.59 23.72
N ASN A 369 5.02 -25.71 23.13
CA ASN A 369 4.90 -27.00 23.77
C ASN A 369 6.26 -27.44 24.29
N ARG A 370 6.27 -28.48 25.10
CA ARG A 370 7.55 -28.95 25.62
C ARG A 370 8.17 -29.97 24.70
N LEU A 371 8.20 -29.66 23.40
CA LEU A 371 8.65 -30.64 22.42
C LEU A 371 10.17 -30.69 22.41
N ARG A 372 10.70 -31.90 22.54
CA ARG A 372 12.14 -32.12 22.55
C ARG A 372 12.60 -33.09 21.48
N SER A 373 11.86 -34.17 21.27
CA SER A 373 12.20 -35.17 20.28
C SER A 373 11.21 -35.11 19.12
N LEU A 374 11.71 -35.40 17.93
CA LEU A 374 10.91 -35.38 16.71
C LEU A 374 11.15 -36.65 15.93
N SER A 375 10.17 -37.55 15.93
CA SER A 375 10.30 -38.80 15.20
C SER A 375 10.21 -38.57 13.70
N GLU A 376 10.97 -39.38 12.96
CA GLU A 376 10.98 -39.25 11.51
C GLU A 376 9.63 -39.60 10.90
N LYS A 377 9.01 -40.67 11.38
CA LYS A 377 7.81 -41.20 10.73
C LYS A 377 6.56 -40.43 11.12
N ALA A 378 6.62 -39.11 11.01
CA ALA A 378 5.46 -38.28 11.26
C ALA A 378 5.02 -37.48 10.05
N PHE A 379 5.86 -37.37 9.02
CA PHE A 379 5.55 -36.54 7.87
C PHE A 379 5.87 -37.21 6.55
N THR A 380 6.38 -38.44 6.57
CA THR A 380 6.80 -39.10 5.34
C THR A 380 5.64 -39.27 4.38
N LYS A 381 4.46 -39.59 4.90
CA LYS A 381 3.26 -39.66 4.09
C LYS A 381 2.42 -38.40 4.17
N LEU A 382 2.88 -37.38 4.91
CA LEU A 382 2.16 -36.11 5.01
C LEU A 382 2.42 -35.34 3.72
N LYS A 383 1.71 -35.76 2.67
CA LYS A 383 1.96 -35.20 1.34
C LYS A 383 1.56 -33.73 1.29
N ASN A 384 0.35 -33.42 1.75
CA ASN A 384 -0.12 -32.04 1.81
C ASN A 384 0.26 -31.45 3.15
N LEU A 385 1.01 -30.36 3.13
CA LEU A 385 1.41 -29.70 4.37
C LEU A 385 1.89 -28.30 4.06
N LYS A 386 1.62 -27.38 4.98
CA LYS A 386 2.07 -26.00 4.92
C LYS A 386 2.97 -25.74 6.14
N GLU A 387 3.27 -24.46 6.37
CA GLU A 387 4.21 -24.05 7.40
C GLU A 387 3.92 -24.71 8.74
N LEU A 388 4.97 -24.88 9.53
CA LEU A 388 4.88 -25.43 10.87
C LEU A 388 5.30 -24.40 11.89
N HIS A 389 4.58 -24.36 13.01
CA HIS A 389 4.83 -23.40 14.08
C HIS A 389 5.17 -24.23 15.32
N LEU A 390 6.46 -24.43 15.53
CA LEU A 390 6.94 -25.37 16.55
C LEU A 390 7.94 -24.72 17.49
N GLU A 391 8.14 -23.41 17.39
CA GLU A 391 9.10 -22.71 18.22
C GLU A 391 8.67 -22.76 19.69
N ASN A 392 9.51 -22.19 20.55
CA ASN A 392 9.26 -22.20 21.99
C ASN A 392 9.16 -23.63 22.50
N ASN A 393 9.92 -24.52 21.89
CA ASN A 393 9.93 -25.93 22.27
C ASN A 393 11.36 -26.35 22.52
N GLN A 394 11.53 -27.31 23.42
CA GLN A 394 12.85 -27.71 23.90
C GLN A 394 13.53 -28.63 22.89
N LEU A 395 13.62 -28.13 21.66
CA LEU A 395 14.10 -28.91 20.52
C LEU A 395 15.58 -28.65 20.31
N GLN A 396 16.35 -29.73 20.18
CA GLN A 396 17.77 -29.66 19.91
C GLN A 396 18.24 -30.57 18.79
N THR A 397 17.44 -31.55 18.37
CA THR A 397 17.78 -32.42 17.25
C THR A 397 16.57 -32.61 16.35
N ILE A 398 16.84 -32.91 15.09
CA ILE A 398 15.80 -33.21 14.10
C ILE A 398 16.24 -34.37 13.24
N PRO A 399 15.28 -35.08 12.63
CA PRO A 399 15.64 -36.18 11.73
C PRO A 399 16.39 -35.70 10.50
N GLN A 400 17.11 -36.63 9.88
CA GLN A 400 17.93 -36.29 8.71
C GLN A 400 17.07 -35.79 7.55
N PHE A 401 15.95 -36.45 7.30
CA PHE A 401 15.08 -36.07 6.18
C PHE A 401 13.64 -36.40 6.58
N LEU A 402 12.96 -35.42 7.13
CA LEU A 402 11.62 -35.62 7.68
C LEU A 402 10.52 -34.99 6.85
N PHE A 403 10.86 -34.18 5.85
CA PHE A 403 9.87 -33.52 5.02
C PHE A 403 9.52 -34.33 3.76
N SER A 404 9.70 -35.65 3.82
CA SER A 404 9.51 -36.47 2.63
C SER A 404 8.10 -36.36 2.09
N GLY A 405 7.10 -36.29 2.97
CA GLY A 405 5.73 -36.14 2.50
C GLY A 405 5.51 -34.84 1.75
N THR A 406 6.00 -33.74 2.30
CA THR A 406 5.80 -32.41 1.73
C THR A 406 7.16 -31.75 1.53
N PRO A 407 7.88 -32.13 0.48
CA PRO A 407 9.08 -31.36 0.10
C PRO A 407 8.76 -29.94 -0.30
N LYS A 408 7.53 -29.66 -0.69
CA LYS A 408 7.11 -28.31 -1.09
C LYS A 408 6.57 -27.52 0.10
N LEU A 409 7.36 -27.47 1.18
CA LEU A 409 7.02 -26.66 2.33
C LEU A 409 7.51 -25.24 2.11
N GLU A 410 6.77 -24.27 2.66
CA GLU A 410 7.06 -22.86 2.41
C GLU A 410 7.77 -22.18 3.57
N GLU A 411 7.29 -22.33 4.80
CA GLU A 411 7.90 -21.60 5.91
C GLU A 411 8.01 -22.47 7.15
N ILE A 412 9.01 -22.16 7.97
CA ILE A 412 9.26 -22.84 9.23
C ILE A 412 9.77 -21.80 10.22
N TYR A 413 9.38 -21.93 11.49
CA TYR A 413 9.76 -20.99 12.53
C TYR A 413 10.30 -21.77 13.73
N MET A 414 11.60 -22.05 13.71
CA MET A 414 12.29 -22.72 14.82
C MET A 414 12.98 -21.66 15.66
N GLN A 415 12.31 -21.22 16.71
CA GLN A 415 12.87 -20.23 17.61
C GLN A 415 12.79 -20.74 19.02
N ASN A 416 13.67 -20.21 19.87
CA ASN A 416 13.73 -20.55 21.29
C ASN A 416 13.93 -22.05 21.50
N ASN A 417 14.36 -22.76 20.47
CA ASN A 417 14.80 -24.13 20.59
C ASN A 417 16.33 -24.15 20.68
N GLN A 418 16.88 -25.34 20.83
CA GLN A 418 18.32 -25.50 21.04
C GLN A 418 18.94 -26.39 19.97
N LEU A 419 18.52 -26.19 18.72
CA LEU A 419 19.05 -26.98 17.62
C LEU A 419 20.53 -26.70 17.42
N ALA A 420 21.39 -27.66 17.79
CA ALA A 420 22.82 -27.48 17.60
C ALA A 420 23.17 -27.32 16.13
N LEU A 421 22.71 -28.27 15.31
CA LEU A 421 22.77 -28.20 13.85
C LEU A 421 24.17 -27.87 13.35
N HIS A 422 25.16 -28.53 13.94
CA HIS A 422 26.52 -28.34 13.46
C HIS A 422 26.68 -28.98 12.08
N ALA A 423 27.75 -28.59 11.39
CA ALA A 423 28.01 -29.13 10.06
C ALA A 423 28.14 -30.64 10.10
N ASN A 424 29.01 -31.15 10.97
CA ASN A 424 29.17 -32.58 11.14
C ASN A 424 28.05 -33.22 11.96
N SER A 425 27.20 -32.41 12.60
CA SER A 425 26.07 -32.97 13.32
C SER A 425 25.16 -33.75 12.39
N PHE A 426 24.94 -33.23 11.19
CA PHE A 426 24.21 -34.00 10.18
C PHE A 426 25.13 -34.94 9.43
N ILE A 427 26.23 -34.41 8.90
CA ILE A 427 27.08 -35.17 7.98
C ILE A 427 27.69 -36.35 8.74
N ASN A 428 27.22 -37.56 8.46
CA ASN A 428 27.71 -38.76 9.11
C ASN A 428 28.81 -39.43 8.30
N GLU A 429 28.52 -39.79 7.05
CA GLU A 429 29.52 -40.32 6.13
C GLU A 429 30.15 -39.13 5.40
N GLU A 430 31.36 -38.77 5.81
CA GLU A 430 31.97 -37.53 5.33
C GLU A 430 32.19 -37.55 3.83
N LEU A 431 32.64 -38.68 3.29
CA LEU A 431 32.93 -38.77 1.87
C LEU A 431 31.68 -39.01 1.03
N SER A 432 30.58 -39.41 1.64
CA SER A 432 29.35 -39.64 0.88
C SER A 432 28.78 -38.32 0.36
N ILE A 433 28.81 -37.27 1.17
CA ILE A 433 28.27 -35.97 0.82
C ILE A 433 29.35 -34.92 1.03
N ALA A 434 29.56 -34.07 0.03
CA ALA A 434 30.61 -33.07 0.08
C ALA A 434 30.06 -31.65 0.11
N ASP A 435 29.26 -31.25 -0.89
CA ASP A 435 28.72 -29.90 -0.90
C ASP A 435 27.67 -29.71 0.18
N ASN A 436 26.74 -30.65 0.27
CA ASN A 436 25.59 -30.52 1.16
C ASN A 436 25.68 -31.57 2.26
N ASP A 437 25.47 -31.14 3.50
CA ASP A 437 25.21 -32.11 4.54
C ASP A 437 23.84 -32.72 4.34
N ASN A 438 23.57 -33.81 5.05
CA ASN A 438 22.28 -34.47 4.91
C ASN A 438 21.22 -33.75 5.73
N THR A 439 21.15 -32.43 5.58
CA THR A 439 20.05 -31.67 6.13
C THR A 439 18.80 -31.95 5.31
N PRO A 440 17.63 -32.00 5.96
CA PRO A 440 16.39 -32.19 5.19
C PRO A 440 16.05 -31.03 4.27
N PHE A 441 16.93 -30.01 4.21
CA PHE A 441 16.76 -28.95 3.24
C PHE A 441 16.80 -29.48 1.82
N GLN A 442 17.52 -30.57 1.57
CA GLN A 442 17.48 -31.19 0.25
C GLN A 442 16.06 -31.56 -0.12
N VAL A 443 15.30 -32.09 0.85
CA VAL A 443 13.87 -32.32 0.61
C VAL A 443 13.17 -30.99 0.39
N LEU A 444 13.52 -29.97 1.17
CA LEU A 444 12.90 -28.66 1.00
C LEU A 444 13.43 -27.99 -0.25
N GLN A 445 12.84 -28.30 -1.40
CA GLN A 445 13.21 -27.64 -2.63
C GLN A 445 12.89 -26.15 -2.59
N LYS A 446 11.94 -25.76 -1.74
CA LYS A 446 11.61 -24.36 -1.53
C LYS A 446 11.43 -24.11 -0.05
N LEU A 447 11.67 -22.87 0.37
CA LEU A 447 11.41 -22.45 1.75
C LEU A 447 11.22 -20.94 1.71
N ARG A 448 9.97 -20.49 1.76
CA ARG A 448 9.70 -19.07 1.60
C ARG A 448 10.37 -18.25 2.71
N ILE A 449 9.96 -18.48 3.96
CA ILE A 449 10.49 -17.74 5.10
C ILE A 449 10.94 -18.74 6.15
N LEU A 450 12.08 -18.46 6.77
CA LEU A 450 12.59 -19.30 7.83
C LEU A 450 12.89 -18.45 9.05
N HIS A 451 12.49 -18.94 10.22
CA HIS A 451 12.65 -18.22 11.48
C HIS A 451 13.46 -19.08 12.42
N LEU A 452 14.78 -18.89 12.41
CA LEU A 452 15.67 -19.66 13.26
C LEU A 452 16.32 -18.81 14.34
N ARG A 453 15.81 -17.61 14.58
CA ARG A 453 16.37 -16.78 15.64
C ARG A 453 16.19 -17.45 16.99
N ASN A 454 17.07 -17.09 17.92
CA ASN A 454 17.06 -17.66 19.26
C ASN A 454 17.18 -19.18 19.22
N ASN A 455 18.31 -19.63 18.70
CA ASN A 455 18.59 -21.05 18.71
C ASN A 455 20.09 -21.24 18.61
N SER A 456 20.55 -22.42 19.03
CA SER A 456 21.98 -22.71 19.11
C SER A 456 22.53 -23.02 17.72
N ILE A 457 22.53 -21.98 16.88
CA ILE A 457 22.87 -22.14 15.48
C ILE A 457 24.38 -22.20 15.34
N SER A 458 24.94 -23.41 15.47
CA SER A 458 26.39 -23.54 15.43
C SER A 458 26.93 -23.31 14.02
N THR A 459 26.22 -23.79 13.01
CA THR A 459 26.76 -23.84 11.65
C THR A 459 25.78 -23.22 10.66
N ILE A 460 26.32 -22.44 9.73
CA ILE A 460 25.57 -21.94 8.58
C ILE A 460 25.81 -22.88 7.41
N PHE A 461 24.75 -23.17 6.65
CA PHE A 461 24.81 -24.16 5.58
C PHE A 461 24.47 -23.48 4.25
N GLN A 462 25.50 -23.18 3.46
CA GLN A 462 25.31 -22.60 2.14
C GLN A 462 24.61 -23.56 1.19
N ASP A 463 24.68 -24.87 1.46
CA ASP A 463 24.02 -25.83 0.58
C ASP A 463 22.52 -25.57 0.51
N TRP A 464 21.93 -25.03 1.58
CA TRP A 464 20.51 -24.71 1.59
C TRP A 464 20.12 -23.85 0.39
N TYR A 465 21.00 -22.91 0.03
CA TYR A 465 20.79 -22.10 -1.16
C TYR A 465 20.64 -22.97 -2.41
N ILE A 466 21.21 -24.17 -2.39
CA ILE A 466 21.07 -25.12 -3.48
C ILE A 466 19.99 -26.13 -3.11
N ASN A 467 19.88 -26.43 -1.82
CA ASN A 467 18.81 -27.32 -1.37
C ASN A 467 17.44 -26.71 -1.64
N ASN A 468 17.29 -25.41 -1.37
CA ASN A 468 16.08 -24.68 -1.70
C ASN A 468 16.46 -23.46 -2.51
N LEU A 469 15.67 -23.16 -3.54
CA LEU A 469 15.94 -22.06 -4.44
C LEU A 469 14.91 -20.94 -4.34
N GLU A 470 13.95 -21.04 -3.42
CA GLU A 470 12.90 -20.03 -3.24
C GLU A 470 12.96 -19.60 -1.79
N MET A 471 13.87 -18.67 -1.52
CA MET A 471 14.20 -18.24 -0.16
C MET A 471 14.34 -16.73 -0.23
N GLN A 472 13.54 -16.00 0.54
CA GLN A 472 13.55 -14.53 0.44
C GLN A 472 13.70 -13.78 1.76
N SER A 473 13.50 -14.42 2.91
CA SER A 473 13.60 -13.71 4.19
C SER A 473 14.06 -14.70 5.26
N LEU A 474 15.32 -14.59 5.67
CA LEU A 474 15.90 -15.50 6.65
C LEU A 474 16.03 -14.79 7.99
N ASP A 475 15.52 -15.43 9.04
CA ASP A 475 15.43 -14.85 10.37
C ASP A 475 16.40 -15.57 11.29
N LEU A 476 17.50 -14.90 11.61
CA LEU A 476 18.53 -15.46 12.49
C LEU A 476 18.88 -14.45 13.58
N SER A 477 18.88 -14.90 14.83
CA SER A 477 19.30 -14.08 15.95
C SER A 477 19.63 -14.99 17.10
N PHE A 478 20.51 -14.52 17.98
CA PHE A 478 20.97 -15.30 19.14
C PHE A 478 21.50 -16.64 18.67
N ASN A 479 22.39 -16.59 17.67
CA ASN A 479 22.92 -17.75 17.00
C ASN A 479 24.40 -17.91 17.27
N LYS A 480 24.89 -19.12 17.06
CA LYS A 480 26.27 -19.49 17.42
C LYS A 480 27.20 -19.44 16.22
N LEU A 481 26.97 -18.51 15.31
CA LEU A 481 27.87 -18.41 14.17
C LEU A 481 29.07 -17.55 14.52
N PRO A 482 30.29 -18.03 14.29
CA PRO A 482 31.48 -17.25 14.67
C PRO A 482 31.71 -16.03 13.79
N GLY A 483 31.22 -16.03 12.57
CA GLY A 483 31.46 -14.92 11.67
C GLY A 483 30.78 -15.19 10.34
N LEU A 484 30.92 -14.23 9.44
CA LEU A 484 30.32 -14.39 8.13
C LEU A 484 30.96 -15.55 7.39
N SER A 485 30.15 -16.22 6.58
CA SER A 485 30.61 -17.36 5.80
C SER A 485 30.85 -16.95 4.35
N TYR A 486 31.85 -17.58 3.74
CA TYR A 486 32.17 -17.33 2.35
C TYR A 486 31.04 -17.76 1.44
N THR A 487 30.95 -17.10 0.29
CA THR A 487 30.09 -17.53 -0.82
C THR A 487 28.65 -17.75 -0.36
N GLN A 488 28.14 -16.81 0.43
CA GLN A 488 26.77 -16.91 0.89
C GLN A 488 25.80 -16.01 0.14
N LEU A 489 26.28 -14.90 -0.43
CA LEU A 489 25.42 -14.05 -1.23
C LEU A 489 24.94 -14.74 -2.50
N GLN A 490 25.56 -15.87 -2.85
CA GLN A 490 25.27 -16.57 -4.10
C GLN A 490 23.94 -17.31 -3.96
N PHE A 491 22.86 -16.53 -4.08
CA PHE A 491 21.52 -17.09 -4.17
C PHE A 491 20.68 -16.46 -5.27
N GLN A 492 21.10 -15.31 -5.82
CA GLN A 492 20.43 -14.69 -6.96
C GLN A 492 18.96 -14.40 -6.67
N SER A 493 18.67 -14.08 -5.40
CA SER A 493 17.33 -13.70 -5.00
C SER A 493 17.43 -12.69 -3.88
N ASN A 494 16.33 -11.98 -3.66
CA ASN A 494 16.28 -10.93 -2.64
C ASN A 494 16.05 -11.53 -1.25
N ILE A 495 17.02 -12.36 -0.84
CA ILE A 495 17.08 -12.83 0.54
C ILE A 495 17.24 -11.66 1.48
N THR A 496 16.50 -11.68 2.57
CA THR A 496 16.73 -10.80 3.70
C THR A 496 17.24 -11.63 4.86
N LEU A 497 18.32 -11.18 5.47
CA LEU A 497 18.97 -11.92 6.54
C LEU A 497 19.13 -11.02 7.75
N ASN A 498 19.20 -11.64 8.92
CA ASN A 498 19.40 -10.93 10.16
C ASN A 498 20.56 -11.57 10.91
N LEU A 499 21.51 -10.74 11.36
CA LEU A 499 22.56 -11.18 12.28
C LEU A 499 22.50 -10.24 13.47
N SER A 500 21.62 -10.56 14.40
CA SER A 500 21.45 -9.80 15.62
C SER A 500 21.83 -10.68 16.80
N ASN A 501 22.65 -10.16 17.69
CA ASN A 501 23.04 -10.85 18.92
C ASN A 501 23.70 -12.19 18.59
N ASN A 502 24.52 -12.19 17.55
CA ASN A 502 25.18 -13.39 17.06
C ASN A 502 26.68 -13.18 17.08
N GLU A 503 27.42 -14.19 17.52
CA GLU A 503 28.84 -14.00 17.81
C GLU A 503 29.65 -13.88 16.54
N ILE A 504 29.40 -12.83 15.76
CA ILE A 504 30.10 -12.59 14.52
C ILE A 504 31.31 -11.72 14.81
N SER A 505 32.50 -12.19 14.45
CA SER A 505 33.74 -11.47 14.70
C SER A 505 34.46 -11.05 13.44
N GLN A 506 34.37 -11.84 12.37
CA GLN A 506 35.04 -11.51 11.12
C GLN A 506 34.08 -11.76 9.96
N VAL A 507 34.10 -10.85 9.00
CA VAL A 507 33.27 -10.95 7.80
C VAL A 507 34.08 -11.70 6.74
N LEU A 508 33.63 -12.91 6.40
CA LEU A 508 34.18 -13.64 5.26
C LEU A 508 33.18 -13.57 4.11
N LEU A 509 33.22 -12.45 3.39
CA LEU A 509 32.34 -12.25 2.25
C LEU A 509 33.08 -11.82 0.99
N ILE A 510 34.40 -11.67 1.04
CA ILE A 510 35.15 -11.37 -0.17
C ILE A 510 35.09 -12.57 -1.10
N ASP A 511 35.13 -13.78 -0.55
CA ASP A 511 34.82 -14.97 -1.34
C ASP A 511 33.37 -15.01 -1.75
N ASP A 512 32.50 -14.29 -1.04
CA ASP A 512 31.10 -14.15 -1.44
C ASP A 512 30.86 -12.94 -2.33
N LEU A 513 31.90 -12.20 -2.70
CA LEU A 513 31.74 -10.99 -3.49
C LEU A 513 31.33 -11.38 -4.91
N ASP A 514 30.02 -11.30 -5.17
CA ASP A 514 29.47 -11.61 -6.48
C ASP A 514 28.05 -11.05 -6.51
N LEU A 515 27.78 -10.19 -7.50
CA LEU A 515 26.51 -9.48 -7.56
C LEU A 515 25.61 -10.11 -8.61
N GLN A 516 24.40 -10.49 -8.19
CA GLN A 516 23.41 -11.02 -9.10
C GLN A 516 22.45 -9.93 -9.55
N PRO A 517 22.12 -9.89 -10.85
CA PRO A 517 21.26 -8.82 -11.36
C PRO A 517 19.88 -8.88 -10.71
N TYR A 518 19.32 -7.70 -10.45
CA TYR A 518 17.98 -7.56 -9.88
C TYR A 518 17.83 -8.35 -8.58
N GLN A 519 18.80 -8.16 -7.69
CA GLN A 519 18.81 -8.83 -6.40
C GLN A 519 19.01 -7.79 -5.30
N ARG A 520 18.19 -7.85 -4.26
CA ARG A 520 18.28 -6.97 -3.11
C ARG A 520 18.50 -7.87 -1.89
N ILE A 521 19.75 -8.19 -1.63
CA ILE A 521 20.12 -8.97 -0.46
C ILE A 521 20.15 -8.06 0.76
N ASN A 522 19.80 -8.60 1.93
CA ASN A 522 19.71 -7.79 3.12
C ASN A 522 20.28 -8.55 4.32
N VAL A 523 21.09 -7.86 5.11
CA VAL A 523 21.62 -8.42 6.36
C VAL A 523 21.47 -7.38 7.45
N ASP A 524 21.34 -7.85 8.69
CA ASP A 524 21.26 -6.99 9.86
C ASP A 524 22.49 -7.23 10.71
N LEU A 525 23.09 -6.15 11.21
CA LEU A 525 24.36 -6.22 11.93
C LEU A 525 24.09 -5.68 13.34
N ASN A 526 23.74 -6.57 14.25
CA ASN A 526 23.34 -6.15 15.60
C ASN A 526 24.01 -7.05 16.63
N HIS A 527 24.68 -6.44 17.60
CA HIS A 527 25.31 -7.15 18.72
C HIS A 527 26.17 -8.31 18.22
N ASN A 528 26.96 -8.03 17.20
CA ASN A 528 27.87 -9.01 16.63
C ASN A 528 29.31 -8.58 16.95
N PRO A 529 30.02 -9.33 17.80
CA PRO A 529 31.30 -8.84 18.33
C PRO A 529 32.39 -8.81 17.28
N LEU A 530 32.28 -7.89 16.33
CA LEU A 530 33.23 -7.84 15.22
C LEU A 530 34.61 -7.45 15.72
N ASN A 531 35.62 -8.15 15.20
CA ASN A 531 37.02 -7.78 15.38
C ASN A 531 37.48 -7.19 14.06
N CYS A 532 37.29 -5.88 13.90
CA CYS A 532 37.61 -5.22 12.65
C CYS A 532 39.10 -5.04 12.42
N ASN A 533 39.96 -5.64 13.26
CA ASN A 533 41.38 -5.41 13.15
C ASN A 533 41.92 -5.88 11.80
N CYS A 534 41.62 -7.12 11.43
CA CYS A 534 42.15 -7.73 10.22
C CYS A 534 41.03 -8.27 9.37
N ASN A 535 41.35 -8.52 8.10
CA ASN A 535 40.46 -9.17 7.15
C ASN A 535 39.10 -8.48 7.04
N ALA A 536 39.04 -7.20 7.38
CA ALA A 536 37.81 -6.43 7.26
C ALA A 536 37.97 -5.19 6.40
N LEU A 537 39.19 -4.87 5.98
CA LEU A 537 39.43 -3.61 5.28
C LEU A 537 38.66 -3.56 3.97
N LYS A 538 38.67 -4.65 3.21
CA LYS A 538 37.86 -4.70 2.00
C LYS A 538 36.39 -4.52 2.32
N PHE A 539 35.92 -5.20 3.37
CA PHE A 539 34.55 -5.02 3.80
C PHE A 539 34.32 -3.63 4.39
N ILE A 540 35.32 -3.08 5.07
CA ILE A 540 35.20 -1.74 5.64
C ILE A 540 34.98 -0.72 4.53
N GLN A 541 35.75 -0.82 3.45
CA GLN A 541 35.56 0.11 2.35
C GLN A 541 34.30 -0.22 1.55
N LEU A 542 33.93 -1.50 1.44
CA LEU A 542 32.71 -1.85 0.73
C LEU A 542 31.50 -1.23 1.40
N ILE A 543 31.45 -1.29 2.74
CA ILE A 543 30.39 -0.61 3.47
C ILE A 543 30.67 0.89 3.60
N GLN A 544 31.87 1.33 3.26
CA GLN A 544 32.20 2.75 3.28
C GLN A 544 31.58 3.39 2.04
N SER A 545 30.44 4.05 2.24
CA SER A 545 29.69 4.69 1.16
C SER A 545 29.40 3.69 0.04
N LYS A 546 28.67 2.64 0.39
CA LYS A 546 28.31 1.63 -0.60
C LYS A 546 27.31 2.21 -1.58
N ALA A 547 27.82 2.78 -2.68
CA ALA A 547 26.95 3.44 -3.64
C ALA A 547 25.94 2.48 -4.24
N GLU A 548 26.37 1.27 -4.59
CA GLU A 548 25.49 0.27 -5.14
C GLU A 548 25.96 -1.10 -4.72
N HIS A 549 25.03 -1.91 -4.21
CA HIS A 549 25.35 -3.27 -3.79
C HIS A 549 24.05 -4.03 -3.64
N GLY A 550 24.04 -5.28 -4.10
CA GLY A 550 22.87 -6.10 -3.90
C GLY A 550 22.56 -6.41 -2.45
N LEU A 551 23.54 -6.29 -1.57
CA LEU A 551 23.37 -6.57 -0.16
C LEU A 551 23.17 -5.27 0.61
N GLN A 552 22.19 -5.27 1.51
CA GLN A 552 21.92 -4.13 2.38
C GLN A 552 22.19 -4.52 3.82
N PHE A 553 22.65 -3.56 4.61
CA PHE A 553 23.18 -3.81 5.94
C PHE A 553 22.40 -3.01 6.98
N ASN A 554 22.66 -3.34 8.25
CA ASN A 554 22.17 -2.58 9.39
C ASN A 554 23.37 -2.31 10.28
N VAL A 555 24.13 -1.28 9.94
CA VAL A 555 25.43 -1.05 10.56
C VAL A 555 25.31 -0.29 11.87
N ASP A 556 24.39 0.68 11.94
CA ASP A 556 24.23 1.47 13.16
C ASP A 556 23.90 0.58 14.35
N GLN A 557 23.22 -0.54 14.12
CA GLN A 557 22.98 -1.51 15.17
C GLN A 557 24.26 -2.21 15.61
N LEU A 558 25.36 -2.03 14.87
CA LEU A 558 26.63 -2.66 15.20
C LEU A 558 27.64 -1.61 15.61
N ARG A 559 28.66 -2.05 16.34
CA ARG A 559 29.76 -1.19 16.73
C ARG A 559 30.95 -2.08 17.04
N CYS A 560 32.01 -1.99 16.23
CA CYS A 560 33.18 -2.83 16.41
C CYS A 560 33.80 -2.55 17.77
N SER A 561 34.11 -3.62 18.51
CA SER A 561 34.61 -3.46 19.87
C SER A 561 35.88 -4.25 20.13
N GLU A 562 36.05 -5.38 19.44
CA GLU A 562 37.15 -6.29 19.77
C GLU A 562 38.52 -5.64 19.66
N PRO A 563 38.86 -4.91 18.61
CA PRO A 563 40.13 -4.17 18.61
C PRO A 563 40.15 -3.16 19.74
N PRO A 564 41.31 -2.96 20.37
CA PRO A 564 41.38 -2.09 21.55
C PRO A 564 40.95 -0.66 21.26
N ASN A 565 41.64 0.00 20.31
CA ASN A 565 41.26 1.34 19.94
C ASN A 565 39.87 1.36 19.30
N LEU A 566 39.58 0.39 18.44
CA LEU A 566 38.26 0.27 17.83
C LEU A 566 37.32 -0.46 18.78
N LEU A 567 37.05 0.20 19.91
CA LEU A 567 36.20 -0.35 20.95
C LEU A 567 34.84 0.34 20.89
N ASP A 568 33.78 -0.47 20.82
CA ASP A 568 32.41 0.03 20.70
C ASP A 568 32.30 0.99 19.53
N ALA A 569 33.03 0.70 18.47
CA ALA A 569 33.20 1.62 17.35
C ALA A 569 32.26 1.19 16.23
N THR A 570 31.16 1.93 16.06
CA THR A 570 30.35 1.77 14.88
C THR A 570 31.09 2.35 13.68
N MET A 571 30.55 2.14 12.48
CA MET A 571 31.23 2.57 11.27
C MET A 571 31.47 4.07 11.26
N ASP A 572 30.46 4.84 11.65
CA ASP A 572 30.59 6.29 11.64
C ASP A 572 31.78 6.73 12.48
N GLN A 573 31.92 6.14 13.67
CA GLN A 573 33.12 6.35 14.46
C GLN A 573 34.35 5.82 13.75
N LEU A 574 34.21 4.67 13.09
CA LEU A 574 35.36 3.99 12.50
C LEU A 574 35.88 4.75 11.28
N GLN A 575 37.21 4.75 11.15
CA GLN A 575 37.89 5.25 9.95
C GLN A 575 38.65 4.08 9.35
N THR A 576 38.34 3.74 8.09
CA THR A 576 38.91 2.55 7.48
C THR A 576 40.43 2.63 7.33
N LYS A 577 40.99 3.84 7.33
CA LYS A 577 42.43 3.98 7.12
C LYS A 577 43.26 3.53 8.30
N ASP A 578 42.66 3.32 9.47
CA ASP A 578 43.40 2.90 10.66
C ASP A 578 43.26 1.41 10.95
N LEU A 579 42.69 0.65 10.02
CA LEU A 579 42.50 -0.78 10.24
C LEU A 579 43.84 -1.49 10.10
N LEU A 580 44.40 -1.93 11.21
CA LEU A 580 45.67 -2.65 11.24
C LEU A 580 45.40 -4.11 11.59
N CYS A 581 45.94 -5.02 10.78
CA CYS A 581 45.64 -6.43 10.97
C CYS A 581 46.10 -6.91 12.33
N ASP A 582 45.29 -7.78 12.95
CA ASP A 582 45.49 -8.12 14.35
C ASP A 582 46.75 -8.93 14.59
N PHE A 583 47.11 -9.83 13.67
CA PHE A 583 48.17 -10.79 13.96
C PHE A 583 49.50 -10.09 14.24
N GLU A 584 49.88 -9.14 13.38
CA GLU A 584 51.05 -8.27 13.60
C GLU A 584 52.29 -9.06 14.03
N SER A 585 52.34 -10.33 13.67
CA SER A 585 53.36 -11.25 14.18
C SER A 585 54.17 -11.79 12.99
N ALA A 586 55.27 -11.12 12.69
CA ALA A 586 56.23 -11.66 11.74
C ALA A 586 57.14 -12.71 12.36
N ASP A 587 57.00 -12.96 13.67
CA ASP A 587 57.82 -13.89 14.44
C ASP A 587 59.29 -13.54 14.39
N ASP A 588 59.64 -12.34 13.92
CA ASP A 588 61.02 -11.89 13.86
C ASP A 588 61.22 -10.47 14.34
N CYS A 589 60.15 -9.69 14.52
CA CYS A 589 60.30 -8.31 14.96
C CYS A 589 60.81 -8.28 16.40
N PRO A 590 61.54 -7.23 16.77
CA PRO A 590 62.07 -7.14 18.13
C PRO A 590 60.96 -7.12 19.17
N LYS A 591 61.25 -7.73 20.32
CA LYS A 591 60.28 -7.76 21.41
C LYS A 591 59.91 -6.36 21.86
N ASP A 592 60.91 -5.47 21.96
CA ASP A 592 60.65 -4.08 22.26
C ASP A 592 59.93 -3.36 21.13
N CYS A 593 59.83 -3.98 19.96
CA CYS A 593 59.21 -3.36 18.79
C CYS A 593 57.90 -4.05 18.44
N GLN A 594 57.18 -3.45 17.49
CA GLN A 594 55.95 -4.01 16.98
C GLN A 594 55.87 -3.77 15.48
N CYS A 595 55.18 -4.66 14.78
CA CYS A 595 55.08 -4.63 13.32
C CYS A 595 53.61 -4.75 12.93
N ALA A 596 53.00 -3.63 12.57
CA ALA A 596 51.59 -3.60 12.18
C ALA A 596 51.52 -3.43 10.66
N MET A 597 51.19 -4.51 9.97
CA MET A 597 51.05 -4.46 8.52
C MET A 597 49.77 -3.74 8.14
N ARG A 598 49.87 -2.80 7.20
CA ARG A 598 48.72 -2.10 6.67
C ARG A 598 48.31 -2.74 5.36
N LEU A 599 47.07 -3.23 5.30
CA LEU A 599 46.60 -3.90 4.09
C LEU A 599 46.53 -2.94 2.91
N LEU A 600 45.90 -1.79 3.11
CA LEU A 600 45.73 -0.85 2.01
C LEU A 600 47.06 -0.28 1.55
N ASP A 601 47.98 -0.04 2.48
CA ASP A 601 49.26 0.56 2.13
C ASP A 601 50.29 -0.46 1.68
N HIS A 602 50.00 -1.75 1.80
CA HIS A 602 50.95 -2.81 1.47
C HIS A 602 52.23 -2.70 2.28
N THR A 603 52.15 -2.04 3.44
CA THR A 603 53.30 -1.74 4.27
C THR A 603 53.06 -2.28 5.68
N VAL A 604 54.14 -2.37 6.44
CA VAL A 604 54.07 -2.79 7.84
C VAL A 604 54.58 -1.65 8.70
N ILE A 605 53.75 -1.20 9.63
CA ILE A 605 54.13 -0.13 10.54
C ILE A 605 55.17 -0.69 11.51
N VAL A 606 56.43 -0.32 11.31
CA VAL A 606 57.52 -0.79 12.15
C VAL A 606 57.64 0.19 13.30
N ASN A 607 56.82 -0.01 14.32
CA ASN A 607 56.78 0.87 15.48
C ASN A 607 57.37 0.13 16.68
N CYS A 608 58.43 0.69 17.25
CA CYS A 608 59.10 0.08 18.39
C CYS A 608 58.59 0.72 19.68
N SER A 609 59.21 0.31 20.80
CA SER A 609 58.76 0.76 22.11
C SER A 609 59.90 0.61 23.11
N GLY A 610 59.77 1.36 24.20
CA GLY A 610 60.61 1.17 25.36
C GLY A 610 61.87 2.01 25.41
N ARG A 611 62.32 2.54 24.28
CA ARG A 611 63.58 3.29 24.22
C ARG A 611 64.71 2.48 24.83
N GLY A 612 64.75 1.19 24.49
CA GLY A 612 65.66 0.27 25.17
C GLY A 612 67.12 0.71 25.06
N LEU A 613 67.51 1.18 23.87
CA LEU A 613 68.88 1.62 23.67
C LEU A 613 68.88 2.64 22.55
N THR A 614 69.82 3.59 22.65
CA THR A 614 69.99 4.57 21.57
C THR A 614 70.31 3.88 20.26
N GLU A 615 71.30 3.00 20.24
CA GLU A 615 71.74 2.35 19.01
C GLU A 615 70.78 1.19 18.70
N PHE A 616 69.62 1.54 18.19
CA PHE A 616 68.65 0.54 17.78
C PHE A 616 69.06 -0.04 16.43
N PRO A 617 69.33 -1.34 16.33
CA PRO A 617 69.69 -1.92 15.04
C PRO A 617 68.52 -1.91 14.08
N ASP A 618 68.85 -1.94 12.78
CA ASP A 618 67.83 -1.86 11.75
C ASP A 618 66.83 -3.01 11.87
N LEU A 619 65.57 -2.69 11.64
CA LEU A 619 64.51 -3.69 11.69
C LEU A 619 64.65 -4.66 10.52
N PRO A 620 64.09 -5.88 10.65
CA PRO A 620 64.16 -6.83 9.53
C PRO A 620 63.28 -6.42 8.36
N ILE A 621 63.68 -5.33 7.69
CA ILE A 621 62.91 -4.84 6.54
C ILE A 621 62.79 -5.88 5.43
N PRO A 622 63.85 -6.63 5.05
CA PRO A 622 63.69 -7.57 3.93
C PRO A 622 62.55 -8.56 4.08
N SER A 623 62.12 -8.84 5.30
CA SER A 623 60.96 -9.70 5.51
C SER A 623 59.73 -8.96 4.99
N GLN A 624 59.28 -9.34 3.80
CA GLN A 624 58.16 -8.69 3.14
C GLN A 624 56.81 -9.30 3.53
N LEU A 625 56.75 -9.97 4.68
CA LEU A 625 55.54 -10.64 5.16
C LEU A 625 55.02 -11.61 4.11
N HIS A 626 55.84 -12.63 3.84
CA HIS A 626 55.55 -13.63 2.80
C HIS A 626 55.35 -12.98 1.44
N GLU A 627 56.13 -11.94 1.17
CA GLU A 627 56.11 -11.18 -0.08
C GLU A 627 54.76 -10.54 -0.35
N ASP A 628 53.84 -10.57 0.61
CA ASP A 628 52.55 -9.94 0.44
C ASP A 628 52.58 -8.44 0.72
N PHE A 629 53.71 -7.92 1.21
CA PHE A 629 53.83 -6.50 1.53
C PHE A 629 55.28 -6.09 1.25
N ASN A 630 55.51 -5.56 0.05
CA ASN A 630 56.85 -5.17 -0.35
C ASN A 630 57.22 -3.81 0.20
N ALA A 631 56.37 -2.81 -0.03
CA ALA A 631 56.61 -1.49 0.52
C ALA A 631 56.54 -1.54 2.04
N LEU A 632 57.24 -0.61 2.69
CA LEU A 632 57.37 -0.66 4.14
C LEU A 632 57.37 0.76 4.70
N GLU A 633 57.27 0.83 6.02
CA GLU A 633 57.23 2.10 6.75
C GLU A 633 57.83 1.89 8.12
N VAL A 634 58.81 2.71 8.48
CA VAL A 634 59.50 2.59 9.76
C VAL A 634 58.99 3.69 10.67
N HIS A 635 58.34 3.29 11.76
CA HIS A 635 57.64 4.20 12.64
C HIS A 635 58.12 4.04 14.07
N VAL A 636 59.43 4.08 14.27
CA VAL A 636 60.04 3.79 15.56
C VAL A 636 59.51 4.73 16.64
N GLU A 637 58.77 4.18 17.59
CA GLU A 637 58.07 4.93 18.62
C GLU A 637 58.79 4.82 19.95
N ASN A 638 58.95 5.95 20.62
CA ASN A 638 59.48 6.01 21.99
C ASN A 638 60.80 5.27 22.09
N ASN A 639 61.80 5.80 21.38
CA ASN A 639 63.11 5.18 21.36
C ASN A 639 64.16 6.25 21.08
N ARG A 640 65.22 6.25 21.88
CA ARG A 640 66.41 7.01 21.54
C ARG A 640 67.10 6.32 20.37
N LEU A 641 67.54 7.10 19.39
CA LEU A 641 68.13 6.56 18.16
C LEU A 641 69.52 7.13 17.93
N THR A 642 70.47 6.23 17.69
CA THR A 642 71.79 6.58 17.15
C THR A 642 72.26 5.68 16.03
N LYS A 643 71.73 4.46 15.92
CA LYS A 643 72.15 3.50 14.90
C LYS A 643 71.13 3.49 13.76
N LEU A 644 71.61 3.68 12.54
CA LEU A 644 70.80 3.82 11.35
C LEU A 644 71.37 2.95 10.24
N PRO A 645 70.58 2.65 9.20
CA PRO A 645 71.08 1.76 8.14
C PRO A 645 72.14 2.42 7.28
N ASN A 646 73.40 2.04 7.49
CA ASN A 646 74.47 2.53 6.64
C ASN A 646 74.32 1.95 5.24
N LEU A 647 74.67 2.74 4.24
CA LEU A 647 74.59 2.38 2.84
C LEU A 647 73.17 2.02 2.40
N THR A 648 72.18 2.23 3.27
CA THR A 648 70.77 1.98 2.97
C THR A 648 70.58 0.57 2.40
N LYS A 649 70.85 -0.41 3.26
CA LYS A 649 70.65 -1.79 2.85
C LYS A 649 69.17 -2.13 2.69
N HIS A 650 68.29 -1.22 3.08
CA HIS A 650 66.84 -1.44 3.04
C HIS A 650 66.22 -0.22 2.36
N ASN A 651 66.11 -0.28 1.04
CA ASN A 651 65.54 0.82 0.26
C ASN A 651 64.02 0.73 0.14
N GLU A 652 63.41 -0.29 0.72
CA GLU A 652 61.99 -0.57 0.56
C GLU A 652 61.11 0.23 1.50
N ILE A 653 61.62 1.35 2.04
CA ILE A 653 60.90 2.15 3.01
C ILE A 653 60.95 3.61 2.57
N THR A 654 59.84 4.32 2.75
CA THR A 654 59.78 5.75 2.51
C THR A 654 59.40 6.55 3.75
N GLN A 655 59.19 5.90 4.88
CA GLN A 655 58.72 6.57 6.09
C GLN A 655 59.67 6.28 7.25
N LEU A 656 60.07 7.34 7.95
CA LEU A 656 60.85 7.23 9.16
C LEU A 656 60.22 8.07 10.25
N TYR A 657 60.43 7.68 11.50
CA TYR A 657 59.80 8.32 12.64
C TYR A 657 60.79 9.06 13.52
N ALA A 658 61.82 8.37 14.03
CA ALA A 658 62.81 8.98 14.91
C ALA A 658 62.15 9.66 16.11
N ARG A 659 61.12 9.02 16.66
CA ARG A 659 60.44 9.56 17.83
C ARG A 659 61.22 9.23 19.08
N ASN A 660 61.34 10.22 19.98
CA ASN A 660 62.04 10.07 21.25
C ASN A 660 63.52 9.79 21.04
N ASN A 661 64.02 10.06 19.85
CA ASN A 661 65.41 9.79 19.52
C ASN A 661 66.34 10.70 20.30
N SER A 662 67.50 10.16 20.68
CA SER A 662 68.63 10.95 21.14
C SER A 662 69.71 10.81 20.08
N ILE A 663 69.61 11.62 19.05
CA ILE A 663 70.48 11.50 17.88
C ILE A 663 71.78 12.25 18.15
N GLN A 664 72.89 11.70 17.63
CA GLN A 664 74.18 12.37 17.78
C GLN A 664 75.04 12.26 16.53
N ASN A 665 74.47 11.93 15.38
CA ASN A 665 75.28 11.71 14.18
C ASN A 665 74.43 11.94 12.94
N LEU A 666 75.11 12.03 11.80
CA LEU A 666 74.45 12.22 10.51
C LEU A 666 75.38 11.75 9.40
N LEU A 667 74.82 11.00 8.45
CA LEU A 667 75.58 10.58 7.27
C LEU A 667 74.63 10.28 6.13
N PRO A 668 74.80 10.92 4.97
CA PRO A 668 73.88 10.66 3.85
C PRO A 668 73.83 9.21 3.42
N HIS A 669 74.97 8.50 3.46
CA HIS A 669 74.94 7.06 3.21
C HIS A 669 74.11 6.35 4.27
N ASN A 670 74.25 6.78 5.52
CA ASN A 670 73.39 6.28 6.58
C ASN A 670 71.93 6.65 6.34
N ILE A 671 71.67 7.77 5.67
CA ILE A 671 70.30 8.18 5.38
C ILE A 671 69.78 7.36 4.21
N PRO A 672 68.62 6.71 4.35
CA PRO A 672 68.04 6.00 3.21
C PRO A 672 67.63 6.94 2.09
N SER A 673 67.71 6.44 0.86
CA SER A 673 67.38 7.25 -0.30
C SER A 673 65.87 7.29 -0.55
N LYS A 674 65.26 6.11 -0.73
CA LYS A 674 63.83 6.05 -0.99
C LYS A 674 63.02 6.54 0.20
N LEU A 675 63.62 6.63 1.38
CA LEU A 675 62.95 7.21 2.52
C LEU A 675 62.64 8.68 2.25
N ARG A 676 61.37 9.04 2.34
CA ARG A 676 60.95 10.42 2.15
C ARG A 676 60.28 11.00 3.38
N ILE A 677 59.25 10.34 3.90
CA ILE A 677 58.43 10.92 4.98
C ILE A 677 59.12 10.56 6.29
N ILE A 678 60.08 11.39 6.66
CA ILE A 678 60.87 11.16 7.86
C ILE A 678 60.62 12.31 8.83
N ASP A 679 60.08 11.98 10.01
CA ASP A 679 59.82 13.01 11.00
C ASP A 679 61.12 13.62 11.50
N LEU A 680 62.10 12.77 11.84
CA LEU A 680 63.39 13.18 12.38
C LEU A 680 63.23 14.23 13.49
N SER A 681 62.57 13.81 14.57
CA SER A 681 62.38 14.66 15.73
C SER A 681 63.65 14.68 16.59
N GLN A 682 63.67 15.58 17.57
CA GLN A 682 64.68 15.62 18.61
C GLN A 682 66.09 15.68 18.02
N ASN A 683 66.32 16.71 17.22
CA ASN A 683 67.55 16.81 16.44
C ASN A 683 68.62 17.56 17.21
N LEU A 684 69.86 17.47 16.72
CA LEU A 684 70.97 18.18 17.32
C LEU A 684 71.94 18.78 16.31
N LEU A 685 71.75 18.57 15.01
CA LEU A 685 72.74 18.98 14.03
C LEU A 685 72.90 20.49 14.00
N LYS A 686 74.12 20.95 14.27
CA LYS A 686 74.50 22.34 14.06
C LYS A 686 75.28 22.53 12.78
N MET A 687 75.41 21.49 11.96
CA MET A 687 76.18 21.53 10.73
C MET A 687 75.41 20.76 9.66
N ILE A 688 76.07 20.49 8.54
CA ILE A 688 75.46 19.77 7.42
C ILE A 688 76.55 19.30 6.48
N ASP A 689 76.26 18.24 5.72
CA ASP A 689 77.11 17.79 4.63
C ASP A 689 76.41 18.09 3.31
N ASP A 690 77.15 18.70 2.37
CA ASP A 690 76.56 19.15 1.12
C ASP A 690 75.99 18.01 0.30
N SER A 691 76.41 16.78 0.56
CA SER A 691 75.91 15.62 -0.18
C SER A 691 74.45 15.34 0.10
N THR A 692 73.86 16.01 1.10
CA THR A 692 72.46 15.78 1.42
C THR A 692 71.57 16.08 0.23
N LEU A 693 71.80 17.21 -0.43
CA LEU A 693 70.99 17.54 -1.61
C LEU A 693 71.19 16.50 -2.71
N ALA A 694 72.43 16.06 -2.92
CA ALA A 694 72.69 15.00 -3.88
C ALA A 694 71.85 13.77 -3.56
N GLN A 695 71.74 13.44 -2.27
CA GLN A 695 70.81 12.41 -1.86
C GLN A 695 69.37 12.90 -1.91
N ILE A 696 69.15 14.19 -1.69
CA ILE A 696 67.80 14.73 -1.64
C ILE A 696 67.18 14.61 -3.02
N ASN A 697 66.22 13.69 -3.16
CA ASN A 697 65.50 13.50 -4.40
C ASN A 697 64.17 12.83 -4.04
N ARG A 698 63.08 13.59 -4.12
CA ARG A 698 61.78 13.16 -3.62
C ARG A 698 61.04 12.26 -4.59
N SER A 699 61.75 11.60 -5.51
CA SER A 699 61.10 10.74 -6.50
C SER A 699 60.31 9.63 -5.82
N SER A 700 60.85 9.03 -4.78
CA SER A 700 60.15 7.95 -4.09
C SER A 700 58.85 8.46 -3.47
N HIS A 701 58.92 9.57 -2.75
CA HIS A 701 57.75 10.19 -2.12
C HIS A 701 58.17 11.57 -1.63
N LEU A 702 57.23 12.27 -0.99
CA LEU A 702 57.51 13.60 -0.46
C LEU A 702 58.51 13.52 0.68
N GLU A 703 59.72 14.05 0.46
CA GLU A 703 60.77 14.00 1.47
C GLU A 703 60.51 15.00 2.59
N THR A 704 59.43 14.80 3.34
CA THR A 704 59.10 15.69 4.45
C THR A 704 60.02 15.43 5.62
N ILE A 705 60.48 16.51 6.24
CA ILE A 705 61.38 16.43 7.40
C ILE A 705 60.90 17.43 8.44
N ARG A 706 60.98 17.03 9.73
CA ARG A 706 60.55 17.87 10.85
C ARG A 706 61.63 17.88 11.93
N LEU A 707 62.61 18.75 11.77
CA LEU A 707 63.67 18.85 12.77
C LEU A 707 63.13 19.52 14.03
N SER A 708 63.34 18.87 15.18
CA SER A 708 62.80 19.32 16.45
C SER A 708 63.88 19.32 17.51
N GLN A 709 63.73 20.22 18.48
CA GLN A 709 64.65 20.32 19.62
C GLN A 709 66.09 20.43 19.14
N ASN A 710 66.29 21.19 18.07
CA ASN A 710 67.51 21.13 17.28
C ASN A 710 68.40 22.33 17.59
N GLN A 711 69.65 22.04 17.96
CA GLN A 711 70.66 23.07 18.16
C GLN A 711 71.43 23.23 16.87
N TRP A 712 71.34 24.42 16.27
CA TRP A 712 71.94 24.69 14.97
C TRP A 712 72.92 25.84 15.09
N LEU A 713 74.09 25.68 14.49
CA LEU A 713 75.09 26.74 14.38
C LEU A 713 75.04 27.25 12.95
N CYS A 714 74.56 28.47 12.77
CA CYS A 714 74.42 29.05 11.44
C CYS A 714 75.76 29.63 11.00
N ASP A 715 76.35 29.01 9.99
CA ASP A 715 77.61 29.48 9.41
C ASP A 715 77.52 29.40 7.89
N CYS A 716 78.61 29.78 7.24
CA CYS A 716 78.56 30.05 5.80
C CYS A 716 78.15 28.84 4.96
N PRO A 717 78.77 27.67 5.07
CA PRO A 717 78.36 26.56 4.19
C PRO A 717 76.92 26.13 4.41
N ALA A 718 76.49 26.05 5.67
CA ALA A 718 75.14 25.60 5.97
C ALA A 718 74.11 26.68 5.68
N SER A 719 74.48 27.96 5.75
CA SER A 719 73.52 29.02 5.49
C SER A 719 73.07 29.01 4.04
N SER A 720 74.03 28.98 3.11
CA SER A 720 73.68 28.90 1.70
C SER A 720 72.92 27.62 1.39
N PHE A 721 73.31 26.52 2.04
CA PHE A 721 72.58 25.27 1.86
C PHE A 721 71.14 25.42 2.31
N LEU A 722 70.92 26.09 3.44
CA LEU A 722 69.56 26.32 3.89
C LEU A 722 68.81 27.25 2.96
N ILE A 723 69.51 28.19 2.32
CA ILE A 723 68.87 29.03 1.32
C ILE A 723 68.36 28.18 0.16
N PHE A 724 69.21 27.28 -0.33
CA PHE A 724 68.81 26.40 -1.43
C PHE A 724 67.64 25.51 -1.02
N VAL A 725 67.71 24.96 0.19
CA VAL A 725 66.65 24.07 0.66
C VAL A 725 65.35 24.85 0.86
N GLN A 726 65.46 26.10 1.31
CA GLN A 726 64.28 26.95 1.43
C GLN A 726 63.69 27.25 0.07
N GLN A 727 64.53 27.30 -0.96
CA GLN A 727 63.99 27.37 -2.32
C GLN A 727 63.12 26.14 -2.61
N ASN A 728 63.42 25.01 -1.99
CA ASN A 728 62.60 23.81 -2.06
C ASN A 728 61.94 23.50 -0.72
N SER A 729 61.57 24.53 0.03
CA SER A 729 61.09 24.37 1.39
C SER A 729 59.74 23.68 1.45
N ARG A 730 59.20 23.29 0.29
CA ARG A 730 57.93 22.58 0.26
C ARG A 730 57.98 21.29 1.07
N LEU A 731 59.18 20.72 1.24
CA LEU A 731 59.36 19.51 2.02
C LEU A 731 59.92 19.80 3.41
N ILE A 732 59.90 21.05 3.84
CA ILE A 732 60.43 21.46 5.14
C ILE A 732 59.25 21.82 6.04
N SER A 733 59.23 21.23 7.24
CA SER A 733 58.12 21.46 8.15
C SER A 733 58.02 22.91 8.57
N ASP A 734 59.17 23.53 8.88
CA ASP A 734 59.17 24.93 9.30
C ASP A 734 60.55 25.52 9.08
N MET A 735 60.60 26.68 8.43
CA MET A 735 61.87 27.35 8.22
C MET A 735 62.51 27.73 9.55
N SER A 736 61.72 28.26 10.49
CA SER A 736 62.25 28.70 11.77
C SER A 736 62.76 27.56 12.63
N ALA A 737 62.46 26.31 12.24
CA ALA A 737 62.96 25.17 12.99
C ALA A 737 64.49 25.14 13.04
N ILE A 738 65.16 25.83 12.11
CA ILE A 738 66.60 25.99 12.20
C ILE A 738 66.97 26.62 13.54
N ARG A 739 66.52 27.86 13.75
CA ARG A 739 66.62 28.54 15.04
C ARG A 739 68.03 28.44 15.61
N CYS A 740 68.94 29.14 14.93
CA CYS A 740 70.38 29.07 15.20
C CYS A 740 70.67 29.03 16.69
N HIS A 741 71.29 27.95 17.14
CA HIS A 741 71.51 27.73 18.57
C HIS A 741 72.22 28.89 19.24
N PRO A 742 73.31 29.47 18.68
CA PRO A 742 73.87 30.67 19.31
C PRO A 742 72.90 31.84 19.30
N SER A 743 72.46 32.27 18.11
CA SER A 743 71.56 33.42 18.01
C SER A 743 70.10 33.02 17.86
N GLY A 744 69.75 32.36 16.76
CA GLY A 744 68.37 32.05 16.47
C GLY A 744 67.75 33.16 15.63
N LYS A 745 67.56 32.91 14.34
CA LYS A 745 67.08 33.97 13.46
C LYS A 745 66.53 33.32 12.18
N SER A 746 66.23 34.17 11.20
CA SER A 746 65.72 33.73 9.91
C SER A 746 66.84 33.71 8.88
N LEU A 747 66.78 32.71 7.99
CA LEU A 747 67.82 32.57 6.98
C LEU A 747 67.86 33.78 6.04
N ASP A 748 66.72 34.41 5.80
CA ASP A 748 66.69 35.56 4.91
C ASP A 748 67.33 36.77 5.57
N SER A 749 67.10 36.95 6.88
CA SER A 749 67.62 38.12 7.57
C SER A 749 69.15 38.15 7.55
N ILE A 750 69.78 37.00 7.76
CA ILE A 750 71.22 36.97 7.91
C ILE A 750 71.90 37.13 6.56
N THR A 751 72.97 37.92 6.54
CA THR A 751 73.89 37.99 5.42
C THR A 751 75.21 37.35 5.83
N VAL A 752 75.85 36.68 4.87
CA VAL A 752 77.00 35.84 5.19
C VAL A 752 78.35 36.51 4.93
N ASN A 753 78.38 37.60 4.15
CA ASN A 753 79.64 38.25 3.86
C ASN A 753 80.30 38.79 5.12
N GLU A 754 79.52 39.41 6.00
CA GLU A 754 80.06 39.91 7.26
C GLU A 754 80.55 38.75 8.14
N LEU A 755 79.81 37.64 8.17
CA LEU A 755 80.22 36.50 8.97
C LEU A 755 81.55 35.93 8.49
N CYS A 756 81.71 35.78 7.18
CA CYS A 756 82.95 35.28 6.59
C CYS A 756 83.32 36.17 5.41
N PHE A 757 84.39 36.95 5.59
CA PHE A 757 84.88 37.82 4.53
C PHE A 757 86.36 37.55 4.27
N ALA B 6 -3.98 4.41 31.81
CA ALA B 6 -4.35 3.06 31.41
C ALA B 6 -4.72 3.02 29.93
N PRO B 7 -4.25 1.99 29.23
CA PRO B 7 -4.60 1.86 27.81
C PRO B 7 -6.08 1.63 27.63
N PHE B 8 -6.61 2.12 26.51
CA PHE B 8 -8.02 2.02 26.20
C PHE B 8 -8.22 1.22 24.93
N LEU B 9 -9.47 0.81 24.72
CA LEU B 9 -9.82 0.09 23.50
C LEU B 9 -9.66 1.00 22.29
N CYS B 10 -9.18 0.42 21.19
CA CYS B 10 -8.98 1.12 19.92
C CYS B 10 -8.08 2.34 20.12
N GLU B 11 -6.83 2.07 20.44
CA GLU B 11 -5.82 3.10 20.46
C GLU B 11 -5.82 3.84 19.12
N SER B 12 -5.79 5.16 19.19
CA SER B 12 -5.93 5.99 18.00
C SER B 12 -4.87 7.08 18.01
N GLU B 13 -4.53 7.56 16.82
CA GLU B 13 -3.51 8.58 16.66
C GLU B 13 -4.16 9.93 16.41
N GLN B 14 -3.80 10.91 17.23
CA GLN B 14 -4.27 12.27 17.08
C GLN B 14 -3.20 13.12 16.41
N LEU B 15 -3.64 14.07 15.59
CA LEU B 15 -2.72 14.83 14.76
C LEU B 15 -3.10 16.30 14.75
N LEU B 16 -2.10 17.17 14.79
CA LEU B 16 -2.28 18.59 14.59
C LEU B 16 -1.96 18.89 13.14
N ILE B 17 -3.00 19.08 12.34
CA ILE B 17 -2.79 19.44 10.95
C ILE B 17 -2.58 20.94 10.86
N HIS B 18 -1.51 21.35 10.20
CA HIS B 18 -1.26 22.76 10.01
C HIS B 18 -2.36 23.36 9.14
N PRO B 19 -2.86 24.54 9.48
CA PRO B 19 -3.89 25.17 8.63
C PRO B 19 -3.33 25.55 7.27
N LYS B 20 -4.17 26.15 6.43
CA LYS B 20 -3.75 26.51 5.09
C LYS B 20 -2.58 27.48 5.14
N GLU B 21 -1.40 27.03 4.73
CA GLU B 21 -0.21 27.87 4.70
C GLU B 21 0.05 28.44 3.32
N GLU B 22 -0.83 28.21 2.34
CA GLU B 22 -0.68 28.87 1.05
C GLU B 22 -0.78 30.38 1.19
N LEU B 23 -1.61 30.85 2.11
CA LEU B 23 -1.73 32.27 2.44
C LEU B 23 -2.01 33.10 1.18
N SER B 24 -2.97 32.62 0.40
CA SER B 24 -3.35 33.25 -0.88
C SER B 24 -2.14 33.34 -1.80
N ARG B 25 -1.27 32.33 -1.75
CA ARG B 25 -0.06 32.27 -2.57
C ARG B 25 0.79 33.52 -2.36
N ASN B 26 1.30 33.65 -1.13
CA ASN B 26 2.15 34.79 -0.78
C ASN B 26 3.28 34.99 -1.76
N ASN B 27 3.63 33.97 -2.54
CA ASN B 27 4.58 34.10 -3.64
C ASN B 27 3.96 34.72 -4.87
N SER B 28 2.79 35.36 -4.74
CA SER B 28 2.19 36.04 -5.89
C SER B 28 3.03 37.23 -6.33
N MET B 29 3.51 38.02 -5.38
CA MET B 29 4.28 39.21 -5.70
C MET B 29 5.67 39.25 -5.08
N VAL B 30 5.92 38.53 -3.99
CA VAL B 30 7.25 38.37 -3.44
C VAL B 30 7.47 36.87 -3.18
N TRP B 31 8.63 36.37 -3.58
CA TRP B 31 8.92 34.95 -3.50
C TRP B 31 9.92 34.61 -2.40
N ILE B 32 10.00 35.43 -1.37
CA ILE B 32 10.82 35.15 -0.20
C ILE B 32 9.90 34.77 0.93
N VAL B 33 9.99 33.51 1.37
CA VAL B 33 9.06 32.99 2.36
C VAL B 33 9.31 33.66 3.71
N ASN B 34 8.22 33.95 4.42
CA ASN B 34 8.29 34.44 5.79
C ASN B 34 7.24 33.75 6.65
N THR B 35 6.88 32.52 6.29
CA THR B 35 5.81 31.76 6.96
C THR B 35 6.37 30.82 8.02
N LYS B 36 7.47 31.19 8.67
CA LYS B 36 8.13 30.32 9.63
C LYS B 36 7.44 30.27 10.98
N ASP B 37 6.41 31.08 11.19
CA ASP B 37 5.73 31.12 12.48
C ASP B 37 4.88 29.86 12.67
N TYR B 38 4.16 29.81 13.79
CA TYR B 38 3.33 28.68 14.14
C TYR B 38 1.95 29.15 14.58
N LYS B 39 0.93 28.39 14.22
CA LYS B 39 -0.44 28.63 14.64
C LYS B 39 -0.99 27.39 15.33
N GLN B 40 -2.08 27.57 16.07
CA GLN B 40 -2.61 26.49 16.90
C GLN B 40 -2.98 25.25 16.09
N GLY B 41 -3.26 25.41 14.79
CA GLY B 41 -3.60 24.24 14.00
C GLY B 41 -4.95 23.67 14.41
N VAL B 42 -5.15 22.40 14.03
CA VAL B 42 -6.39 21.70 14.31
C VAL B 42 -6.05 20.28 14.75
N ARG B 43 -6.72 19.80 15.80
CA ARG B 43 -6.47 18.48 16.34
C ARG B 43 -7.48 17.48 15.78
N ILE B 44 -6.97 16.43 15.15
CA ILE B 44 -7.79 15.37 14.60
C ILE B 44 -7.21 14.04 15.04
N GLU B 45 -8.05 13.15 15.56
CA GLU B 45 -7.63 11.83 15.99
C GLU B 45 -8.29 10.78 15.12
N LYS B 46 -7.48 9.84 14.63
CA LYS B 46 -7.97 8.71 13.87
C LYS B 46 -7.32 7.45 14.41
N CYS B 47 -7.99 6.33 14.20
CA CYS B 47 -7.52 5.03 14.68
C CYS B 47 -6.90 4.28 13.52
N LEU B 48 -5.63 4.57 13.24
CA LEU B 48 -4.86 3.84 12.26
C LEU B 48 -3.89 2.86 12.91
N LYS B 49 -4.14 2.50 14.17
CA LYS B 49 -3.32 1.53 14.86
C LYS B 49 -3.32 0.23 14.07
N ARG B 50 -2.15 -0.16 13.55
CA ARG B 50 -2.03 -1.27 12.62
C ARG B 50 -2.97 -1.06 11.42
N GLN B 51 -3.01 0.18 10.94
CA GLN B 51 -3.95 0.59 9.89
C GLN B 51 -5.37 0.19 10.27
N LEU B 52 -5.80 0.69 11.43
CA LEU B 52 -7.08 0.31 12.04
C LEU B 52 -7.11 -1.20 12.30
N GLY B 53 -6.23 -1.61 13.21
CA GLY B 53 -6.26 -2.97 13.71
C GLY B 53 -7.64 -3.28 14.26
N LYS B 54 -8.35 -4.21 13.61
CA LYS B 54 -9.75 -4.42 13.92
C LYS B 54 -9.98 -4.85 15.36
N PRO B 55 -9.26 -5.85 15.92
CA PRO B 55 -9.43 -6.12 17.36
C PRO B 55 -8.87 -4.96 18.18
N CYS B 56 -9.76 -4.17 18.73
CA CYS B 56 -9.40 -2.84 19.21
C CYS B 56 -8.91 -2.80 20.65
N ASN B 57 -9.03 -3.89 21.39
CA ASN B 57 -8.74 -3.84 22.81
C ASN B 57 -7.98 -5.07 23.25
N PHE B 58 -7.19 -4.89 24.30
CA PHE B 58 -6.63 -6.04 25.01
C PHE B 58 -7.74 -6.92 25.56
N CYS B 59 -8.85 -6.31 25.98
CA CYS B 59 -10.02 -7.06 26.43
C CYS B 59 -10.67 -7.84 25.31
N ASP B 60 -10.37 -7.51 24.06
CA ASP B 60 -10.96 -8.14 22.87
C ASP B 60 -12.49 -8.08 23.01
N ALA B 61 -13.22 -9.18 22.77
CA ALA B 61 -14.67 -9.22 22.81
C ALA B 61 -15.28 -8.31 21.74
N ASP B 62 -14.42 -7.67 20.96
CA ASP B 62 -14.86 -6.84 19.83
C ASP B 62 -13.69 -6.68 18.90
N THR B 63 -13.81 -7.20 17.68
CA THR B 63 -12.74 -7.15 16.69
C THR B 63 -13.02 -6.10 15.63
N GLU B 64 -13.55 -4.94 16.03
CA GLU B 64 -13.86 -3.89 15.07
C GLU B 64 -14.05 -2.58 15.81
N CYS B 65 -13.25 -1.58 15.46
CA CYS B 65 -13.48 -0.22 15.92
C CYS B 65 -13.41 0.70 14.71
N LYS B 66 -14.24 1.73 14.72
CA LYS B 66 -14.46 2.58 13.56
C LYS B 66 -14.28 4.04 13.93
N GLN B 67 -13.61 4.78 13.06
CA GLN B 67 -13.48 6.21 13.26
C GLN B 67 -14.82 6.90 13.01
N LEU B 68 -15.07 7.96 13.79
CA LEU B 68 -16.34 8.66 13.75
C LEU B 68 -16.11 10.13 13.48
N PHE B 69 -16.80 10.67 12.48
CA PHE B 69 -16.73 12.09 12.21
C PHE B 69 -17.56 12.86 13.22
N HIS B 70 -17.70 14.16 12.98
CA HIS B 70 -18.59 14.99 13.78
C HIS B 70 -19.03 16.15 12.91
N TYR B 71 -20.30 16.20 12.57
CA TYR B 71 -20.82 17.28 11.76
C TYR B 71 -21.19 18.45 12.66
N ARG B 72 -20.91 19.65 12.18
CA ARG B 72 -21.19 20.86 12.94
C ARG B 72 -21.92 21.85 12.05
N THR B 73 -23.08 22.30 12.52
CA THR B 73 -23.83 23.31 11.81
C THR B 73 -23.17 24.66 12.01
N LEU B 74 -22.19 24.98 11.15
CA LEU B 74 -21.37 26.16 11.36
C LEU B 74 -22.12 27.46 11.11
N VAL B 75 -23.33 27.41 10.56
CA VAL B 75 -24.03 28.65 10.26
C VAL B 75 -25.54 28.47 10.20
N ALA B 76 -26.26 29.38 10.84
CA ALA B 76 -27.67 29.57 10.58
C ALA B 76 -28.02 31.05 10.60
N VAL B 77 -27.02 31.93 10.74
CA VAL B 77 -27.29 33.37 10.84
C VAL B 77 -27.84 33.91 9.53
N ASP B 78 -27.33 33.43 8.40
CA ASP B 78 -27.66 33.99 7.09
C ASP B 78 -27.36 35.48 7.04
N LYS B 79 -26.21 35.87 7.60
CA LYS B 79 -25.85 37.28 7.72
C LYS B 79 -25.57 37.93 6.37
N VAL B 80 -25.48 37.15 5.29
CA VAL B 80 -25.29 37.72 3.96
C VAL B 80 -26.44 38.63 3.57
N THR B 81 -27.57 38.53 4.27
CA THR B 81 -28.77 39.32 3.99
C THR B 81 -29.31 39.07 2.59
N LYS B 82 -29.00 37.90 2.04
CA LYS B 82 -29.48 37.53 0.72
C LYS B 82 -30.20 36.19 0.71
N LYS B 83 -29.82 35.27 1.59
CA LYS B 83 -30.37 33.92 1.57
C LYS B 83 -30.13 33.27 2.92
N PRO B 84 -30.96 32.32 3.31
CA PRO B 84 -30.69 31.56 4.53
C PRO B 84 -29.50 30.64 4.37
N TYR B 85 -28.30 31.22 4.39
CA TYR B 85 -27.10 30.43 4.20
C TYR B 85 -26.88 29.49 5.36
N LYS B 86 -26.71 28.21 5.05
CA LYS B 86 -26.46 27.16 6.03
C LYS B 86 -25.31 26.29 5.54
N GLU B 87 -24.76 25.50 6.44
CA GLU B 87 -23.60 24.69 6.09
C GLU B 87 -23.34 23.67 7.19
N GLN B 88 -22.95 22.46 6.79
CA GLN B 88 -22.53 21.42 7.70
C GLN B 88 -21.08 21.05 7.40
N VAL B 89 -20.25 20.99 8.44
CA VAL B 89 -18.84 20.66 8.29
C VAL B 89 -18.55 19.46 9.18
N LEU B 90 -17.78 18.52 8.65
CA LEU B 90 -17.44 17.28 9.34
C LEU B 90 -15.93 17.18 9.53
N LEU B 91 -15.55 16.27 10.42
CA LEU B 91 -14.15 15.91 10.64
C LEU B 91 -14.11 14.68 11.54
N PRO B 92 -13.16 13.77 11.32
CA PRO B 92 -13.12 12.54 12.10
C PRO B 92 -12.72 12.79 13.54
N SER B 93 -13.67 13.28 14.34
CA SER B 93 -13.34 13.76 15.68
C SER B 93 -12.80 12.64 16.57
N CYS B 94 -13.41 11.46 16.52
CA CYS B 94 -13.02 10.41 17.45
C CYS B 94 -13.26 9.05 16.83
N CYS B 95 -12.58 8.05 17.38
CA CYS B 95 -12.74 6.66 16.97
C CYS B 95 -13.10 5.81 18.17
N LYS B 96 -13.86 4.76 17.94
CA LYS B 96 -14.45 3.99 19.02
C LYS B 96 -14.72 2.57 18.55
N CYS B 97 -14.87 1.67 19.51
CA CYS B 97 -15.19 0.28 19.22
C CYS B 97 -16.70 0.08 19.20
N ALA B 98 -17.16 -0.72 18.24
CA ALA B 98 -18.57 -1.06 18.12
C ALA B 98 -18.68 -2.53 17.76
N LYS B 99 -19.36 -3.30 18.60
CA LYS B 99 -19.47 -4.72 18.39
C LYS B 99 -20.35 -5.02 17.17
N ILE B 100 -20.09 -6.16 16.53
CA ILE B 100 -20.87 -6.61 15.41
C ILE B 100 -21.79 -7.73 15.86
N LEU B 101 -22.69 -8.14 14.97
CA LEU B 101 -23.61 -9.24 15.22
C LEU B 101 -23.22 -10.40 14.33
N SER B 102 -22.90 -11.53 14.94
CA SER B 102 -22.49 -12.70 14.17
C SER B 102 -23.69 -13.32 13.46
N THR B 103 -23.39 -14.17 12.47
CA THR B 103 -24.45 -14.84 11.72
C THR B 103 -25.26 -15.76 12.63
N GLY B 104 -24.59 -16.50 13.52
CA GLY B 104 -25.27 -17.38 14.44
C GLY B 104 -26.09 -16.63 15.48
N ALA C 6 -27.53 0.29 19.26
CA ALA C 6 -26.23 0.78 19.67
C ALA C 6 -25.22 -0.35 19.75
N PRO C 7 -24.62 -0.70 18.62
CA PRO C 7 -23.64 -1.78 18.60
C PRO C 7 -22.32 -1.40 19.26
N PHE C 8 -22.28 -0.22 19.86
CA PHE C 8 -21.06 0.33 20.43
C PHE C 8 -20.87 -0.21 21.85
N LEU C 9 -19.93 0.39 22.59
CA LEU C 9 -19.58 -0.09 23.91
C LEU C 9 -20.44 0.52 25.01
N CYS C 10 -20.57 1.84 25.01
CA CYS C 10 -21.25 2.54 26.09
C CYS C 10 -22.36 3.42 25.53
N GLU C 11 -23.44 3.55 26.30
CA GLU C 11 -24.50 4.48 25.94
C GLU C 11 -23.97 5.89 25.95
N SER C 12 -24.47 6.71 25.04
CA SER C 12 -23.97 8.07 24.87
C SER C 12 -25.12 8.98 24.49
N GLU C 13 -24.90 10.28 24.66
CA GLU C 13 -25.89 11.29 24.31
C GLU C 13 -25.29 12.19 23.23
N GLN C 14 -26.01 12.36 22.14
CA GLN C 14 -25.60 13.22 21.05
C GLN C 14 -26.46 14.47 21.06
N LEU C 15 -25.83 15.63 21.23
CA LEU C 15 -26.54 16.89 21.33
C LEU C 15 -25.94 17.88 20.35
N LEU C 16 -26.76 18.86 19.96
CA LEU C 16 -26.33 19.86 19.00
C LEU C 16 -26.47 21.25 19.59
N ILE C 17 -26.00 21.43 20.82
CA ILE C 17 -26.22 22.69 21.52
C ILE C 17 -25.46 23.83 20.84
N HIS C 18 -26.04 25.03 20.94
CA HIS C 18 -25.33 26.25 20.59
C HIS C 18 -24.75 26.81 21.88
N PRO C 19 -23.49 26.57 22.18
CA PRO C 19 -22.94 27.00 23.47
C PRO C 19 -22.90 28.50 23.59
N LYS C 20 -22.97 28.98 24.84
CA LYS C 20 -22.97 30.40 25.14
C LYS C 20 -21.67 30.91 25.72
N GLU C 21 -21.01 30.14 26.57
CA GLU C 21 -19.78 30.62 27.21
C GLU C 21 -18.91 29.41 27.58
N GLU C 22 -17.86 29.18 26.80
CA GLU C 22 -16.87 28.16 27.11
C GLU C 22 -15.61 28.41 26.29
N LEU C 23 -14.45 28.46 26.93
CA LEU C 23 -13.22 28.85 26.25
C LEU C 23 -12.07 27.93 26.65
N SER C 24 -11.12 27.77 25.72
CA SER C 24 -9.86 27.12 26.06
C SER C 24 -9.13 27.91 27.13
N ARG C 25 -9.07 29.22 27.00
CA ARG C 25 -8.58 30.08 28.05
C ARG C 25 -9.72 30.32 29.04
N ASN C 26 -9.51 31.26 29.96
CA ASN C 26 -10.45 31.53 31.04
C ASN C 26 -11.45 32.63 30.68
N ASN C 27 -11.71 32.84 29.39
CA ASN C 27 -12.52 33.99 28.98
C ASN C 27 -13.37 33.58 27.79
N SER C 28 -14.68 33.46 28.03
CA SER C 28 -15.65 33.17 26.97
C SER C 28 -16.51 34.39 26.64
N MET C 29 -16.16 35.56 27.18
CA MET C 29 -16.95 36.77 26.95
C MET C 29 -17.07 37.11 25.48
N VAL C 30 -16.09 36.68 24.67
CA VAL C 30 -16.17 36.89 23.24
C VAL C 30 -17.43 36.24 22.68
N TRP C 31 -17.87 35.13 23.26
CA TRP C 31 -19.05 34.43 22.80
C TRP C 31 -20.27 34.65 23.68
N ILE C 32 -20.19 35.52 24.70
CA ILE C 32 -21.37 35.81 25.50
C ILE C 32 -22.20 36.96 24.95
N VAL C 33 -21.76 37.58 23.86
CA VAL C 33 -22.46 38.72 23.27
C VAL C 33 -22.66 38.45 21.78
N ASN C 34 -23.89 38.64 21.31
CA ASN C 34 -24.26 38.55 19.89
C ASN C 34 -23.97 37.15 19.32
N THR C 35 -24.72 36.18 19.85
CA THR C 35 -24.77 34.83 19.32
C THR C 35 -26.23 34.38 19.17
N LYS C 36 -27.14 35.33 18.98
CA LYS C 36 -28.57 35.11 19.08
C LYS C 36 -29.20 34.66 17.76
N ASP C 37 -28.42 34.49 16.70
CA ASP C 37 -28.94 33.97 15.45
C ASP C 37 -28.37 32.59 15.13
N TYR C 38 -28.11 31.81 16.17
CA TYR C 38 -27.53 30.47 16.05
C TYR C 38 -26.35 30.49 15.09
N LYS C 39 -25.40 31.36 15.39
CA LYS C 39 -24.21 31.46 14.56
C LYS C 39 -23.51 30.12 14.45
N GLN C 40 -23.47 29.36 15.53
CA GLN C 40 -22.75 28.11 15.55
C GLN C 40 -23.58 27.02 16.22
N GLY C 41 -23.28 25.79 15.83
CA GLY C 41 -23.88 24.61 16.43
C GLY C 41 -23.01 23.40 16.22
N VAL C 42 -22.72 22.66 17.29
CA VAL C 42 -21.80 21.55 17.26
C VAL C 42 -22.50 20.31 17.79
N ARG C 43 -22.35 19.19 17.08
CA ARG C 43 -22.93 17.93 17.55
C ARG C 43 -22.06 17.39 18.68
N ILE C 44 -22.26 17.97 19.86
CA ILE C 44 -21.54 17.53 21.04
C ILE C 44 -22.08 16.16 21.46
N GLU C 45 -21.17 15.22 21.67
CA GLU C 45 -21.52 13.91 22.21
C GLU C 45 -21.24 13.91 23.70
N LYS C 46 -22.21 13.43 24.48
CA LYS C 46 -22.07 13.32 25.93
C LYS C 46 -22.20 11.86 26.32
N CYS C 47 -21.31 11.41 27.19
CA CYS C 47 -21.38 10.03 27.66
C CYS C 47 -22.52 9.85 28.65
N LEU C 48 -22.89 8.59 28.85
CA LEU C 48 -23.93 8.26 29.82
C LEU C 48 -23.50 8.68 31.22
N LYS C 49 -24.48 9.13 32.01
CA LYS C 49 -24.21 9.58 33.37
C LYS C 49 -23.52 8.50 34.18
N ARG C 50 -22.52 8.90 34.96
CA ARG C 50 -21.65 7.96 35.68
C ARG C 50 -20.97 7.02 34.70
N GLN C 51 -20.24 7.59 33.75
CA GLN C 51 -19.51 6.79 32.78
C GLN C 51 -18.46 5.93 33.46
N LEU C 52 -17.75 6.48 34.45
CA LEU C 52 -16.77 5.70 35.18
C LEU C 52 -17.44 4.53 35.89
N GLY C 53 -18.57 4.77 36.54
CA GLY C 53 -19.33 3.71 37.16
C GLY C 53 -19.97 2.75 36.19
N LYS C 54 -19.72 2.92 34.89
CA LYS C 54 -20.28 2.08 33.85
C LYS C 54 -19.14 1.56 32.98
N PRO C 55 -18.47 0.49 33.40
CA PRO C 55 -17.51 -0.17 32.50
C PRO C 55 -18.25 -0.75 31.31
N CYS C 56 -17.53 -0.87 30.20
CA CYS C 56 -18.15 -1.32 28.95
C CYS C 56 -18.79 -2.68 29.13
N ASN C 57 -19.95 -2.84 28.49
CA ASN C 57 -20.57 -4.15 28.41
C ASN C 57 -19.68 -5.08 27.59
N PHE C 58 -19.92 -6.39 27.74
CA PHE C 58 -19.16 -7.43 27.06
C PHE C 58 -17.68 -7.37 27.39
N CYS C 59 -17.31 -6.71 28.48
CA CYS C 59 -15.92 -6.60 28.88
C CYS C 59 -15.84 -6.22 30.35
N ASP C 60 -14.67 -6.47 30.93
CA ASP C 60 -14.39 -6.12 32.32
C ASP C 60 -12.99 -5.56 32.47
N ALA C 61 -12.57 -4.74 31.50
CA ALA C 61 -11.23 -4.19 31.53
C ALA C 61 -11.09 -3.15 32.64
N ASP C 62 -9.84 -2.90 33.03
CA ASP C 62 -9.55 -1.83 33.98
C ASP C 62 -9.99 -0.47 33.43
N THR C 63 -9.95 -0.32 32.11
CA THR C 63 -10.36 0.91 31.45
C THR C 63 -11.85 0.85 31.18
N GLU C 64 -12.63 1.61 31.93
CA GLU C 64 -14.06 1.76 31.70
C GLU C 64 -14.29 2.93 30.75
N CYS C 65 -15.56 3.20 30.42
CA CYS C 65 -15.87 4.29 29.50
C CYS C 65 -15.39 5.62 30.05
N LYS C 66 -14.72 6.39 29.19
CA LYS C 66 -14.24 7.72 29.54
C LYS C 66 -14.55 8.66 28.39
N GLN C 67 -14.76 9.94 28.72
CA GLN C 67 -15.08 10.95 27.73
C GLN C 67 -13.92 11.95 27.63
N LEU C 68 -13.35 12.08 26.45
CA LEU C 68 -12.25 12.99 26.21
C LEU C 68 -12.79 14.28 25.58
N PHE C 69 -11.88 15.14 25.12
CA PHE C 69 -12.23 16.46 24.64
C PHE C 69 -11.54 16.75 23.31
N HIS C 70 -11.89 17.89 22.72
CA HIS C 70 -11.24 18.38 21.51
C HIS C 70 -11.58 19.86 21.35
N TYR C 71 -11.00 20.48 20.32
CA TYR C 71 -11.04 21.93 20.16
C TYR C 71 -11.48 22.27 18.75
N ARG C 72 -11.82 23.54 18.55
CA ARG C 72 -12.08 24.07 17.19
C ARG C 72 -11.89 25.58 17.23
N THR C 73 -10.75 26.05 16.75
CA THR C 73 -10.44 27.48 16.72
C THR C 73 -11.04 28.10 15.45
N LEU C 74 -10.83 29.39 15.23
CA LEU C 74 -11.40 30.07 14.08
C LEU C 74 -10.71 31.41 13.85
N VAL C 75 -11.00 32.01 12.69
CA VAL C 75 -10.56 33.36 12.35
C VAL C 75 -11.73 34.13 11.76
N ALA C 76 -12.87 33.45 11.58
CA ALA C 76 -13.98 34.01 10.82
C ALA C 76 -14.52 35.28 11.47
N VAL C 77 -14.97 36.20 10.63
CA VAL C 77 -15.51 37.47 11.08
C VAL C 77 -17.03 37.35 11.13
N ASP C 78 -17.58 37.40 12.33
CA ASP C 78 -19.02 37.34 12.53
C ASP C 78 -19.59 38.76 12.58
N LYS C 79 -20.79 38.90 13.13
CA LYS C 79 -21.45 40.20 13.24
C LYS C 79 -21.21 40.88 14.58
N VAL C 80 -20.08 40.62 15.23
CA VAL C 80 -19.75 41.27 16.50
C VAL C 80 -18.30 41.76 16.46
N THR C 81 -18.02 42.73 17.33
CA THR C 81 -16.71 43.37 17.38
C THR C 81 -15.61 42.42 17.78
N LYS C 82 -15.67 41.92 19.01
CA LYS C 82 -14.58 41.18 19.62
C LYS C 82 -14.85 39.69 19.44
N LYS C 83 -14.52 39.19 18.24
CA LYS C 83 -14.67 37.78 17.90
C LYS C 83 -13.38 37.27 17.27
N PRO C 84 -12.32 37.09 18.06
CA PRO C 84 -11.11 36.48 17.51
C PRO C 84 -11.36 35.11 16.92
N TYR C 85 -12.22 34.33 17.54
CA TYR C 85 -12.66 33.05 16.98
C TYR C 85 -13.97 32.66 17.65
N LYS C 86 -15.05 32.66 16.88
CA LYS C 86 -16.33 32.22 17.42
C LYS C 86 -16.44 30.71 17.50
N GLU C 87 -15.58 29.97 16.80
CA GLU C 87 -15.62 28.51 16.87
C GLU C 87 -15.16 28.04 18.24
N GLN C 88 -15.88 27.08 18.79
CA GLN C 88 -15.69 26.67 20.18
C GLN C 88 -14.50 25.73 20.32
N VAL C 89 -13.81 25.85 21.45
CA VAL C 89 -12.62 25.07 21.76
C VAL C 89 -12.81 24.41 23.11
N LEU C 90 -12.04 23.34 23.33
CA LEU C 90 -12.12 22.51 24.53
C LEU C 90 -13.54 21.95 24.68
N LEU C 91 -13.90 21.11 23.74
CA LEU C 91 -15.23 20.52 23.74
C LEU C 91 -15.17 19.02 23.99
N PRO C 92 -16.10 18.48 24.77
CA PRO C 92 -16.06 17.04 25.06
C PRO C 92 -16.16 16.20 23.81
N SER C 93 -15.57 15.02 23.86
CA SER C 93 -15.47 14.14 22.72
C SER C 93 -16.07 12.78 23.07
N CYS C 94 -15.83 11.81 22.19
CA CYS C 94 -16.43 10.49 22.26
C CYS C 94 -16.24 9.83 23.62
N CYS C 95 -17.09 8.84 23.93
CA CYS C 95 -16.98 8.07 25.16
C CYS C 95 -16.60 6.64 24.81
N LYS C 96 -15.53 6.14 25.41
CA LYS C 96 -15.07 4.79 25.14
C LYS C 96 -14.24 4.31 26.32
N CYS C 97 -14.04 2.99 26.38
CA CYS C 97 -13.24 2.39 27.44
C CYS C 97 -11.75 2.65 27.24
N ARG D 5 -4.48 -49.51 -26.90
CA ARG D 5 -5.18 -50.23 -27.96
C ARG D 5 -4.36 -50.25 -29.24
N PHE D 6 -5.03 -50.11 -30.38
CA PHE D 6 -4.36 -50.13 -31.68
C PHE D 6 -3.90 -48.74 -32.10
N THR D 7 -3.22 -48.06 -31.18
CA THR D 7 -2.70 -46.73 -31.51
C THR D 7 -1.47 -46.83 -32.39
N CYS D 8 -0.70 -47.90 -32.25
CA CYS D 8 0.43 -48.17 -33.14
C CYS D 8 0.20 -49.47 -33.87
N PRO D 9 -0.30 -49.45 -35.11
CA PRO D 9 -0.57 -50.69 -35.83
C PRO D 9 0.71 -51.45 -36.15
N GLU D 10 0.56 -52.76 -36.30
CA GLU D 10 1.69 -53.63 -36.54
C GLU D 10 2.14 -53.56 -37.99
N GLU D 11 3.37 -54.00 -38.24
CA GLU D 11 3.94 -54.07 -39.57
C GLU D 11 3.98 -55.51 -40.03
N SER D 12 3.50 -55.77 -41.24
CA SER D 12 3.40 -57.13 -41.74
C SER D 12 3.49 -57.12 -43.26
N GLU D 13 3.52 -58.32 -43.84
CA GLU D 13 3.72 -58.47 -45.27
C GLU D 13 2.56 -57.87 -46.05
N ALA D 14 1.33 -58.18 -45.67
CA ALA D 14 0.17 -57.66 -46.40
C ALA D 14 0.14 -56.14 -46.37
N SER D 15 0.37 -55.55 -45.20
CA SER D 15 0.44 -54.10 -45.08
C SER D 15 1.20 -53.77 -43.81
N ASN D 16 2.41 -53.24 -43.96
CA ASN D 16 3.19 -52.88 -42.79
C ASN D 16 2.61 -51.64 -42.12
N CYS D 17 3.20 -51.25 -41.00
CA CYS D 17 2.88 -49.97 -40.40
C CYS D 17 4.10 -49.43 -39.66
N SER D 18 4.09 -48.11 -39.44
CA SER D 18 5.16 -47.42 -38.74
C SER D 18 4.50 -46.47 -37.73
N CYS D 19 4.58 -46.82 -36.45
CA CYS D 19 4.04 -45.97 -35.40
C CYS D 19 5.03 -44.88 -35.06
N GLU D 20 4.66 -43.63 -35.32
CA GLU D 20 5.51 -42.51 -34.94
C GLU D 20 5.54 -42.36 -33.44
N GLU D 21 6.59 -41.70 -32.95
CA GLU D 21 6.85 -41.63 -31.52
C GLU D 21 5.86 -40.70 -30.82
N PHE D 22 4.72 -41.24 -30.41
CA PHE D 22 3.74 -40.49 -29.65
C PHE D 22 3.07 -41.47 -28.70
N PRO D 23 2.89 -41.10 -27.43
CA PRO D 23 2.17 -41.97 -26.49
C PRO D 23 0.67 -41.81 -26.66
N SER D 24 -0.03 -42.94 -26.82
CA SER D 24 -1.47 -43.01 -27.03
C SER D 24 -1.92 -42.27 -28.29
N LYS D 25 -0.97 -41.74 -29.07
CA LYS D 25 -1.25 -41.10 -30.34
C LYS D 25 -0.20 -41.60 -31.32
N THR D 26 -0.40 -41.32 -32.61
CA THR D 26 0.56 -41.76 -33.60
C THR D 26 0.33 -41.04 -34.91
N HIS D 27 1.39 -40.45 -35.46
CA HIS D 27 1.42 -40.05 -36.85
C HIS D 27 1.43 -41.31 -37.71
N PHE D 28 0.27 -41.68 -38.25
CA PHE D 28 0.13 -42.94 -38.96
C PHE D 28 0.83 -42.84 -40.31
N TYR D 29 2.14 -43.10 -40.29
CA TYR D 29 2.87 -43.39 -41.51
C TYR D 29 2.83 -44.87 -41.85
N CYS D 30 1.78 -45.56 -41.42
CA CYS D 30 1.70 -47.01 -41.56
C CYS D 30 1.90 -47.50 -42.98
N PRO D 31 1.25 -46.93 -44.02
CA PRO D 31 1.53 -47.42 -45.38
C PRO D 31 3.00 -47.28 -45.74
N ASP D 32 3.53 -46.06 -45.67
CA ASP D 32 4.94 -45.76 -45.85
C ASP D 32 5.50 -46.27 -47.18
N PHE D 33 4.63 -46.71 -48.10
CA PHE D 33 5.09 -47.16 -49.40
C PHE D 33 5.39 -46.00 -50.34
N ASN D 34 4.93 -44.81 -50.01
CA ASN D 34 5.21 -43.58 -50.73
C ASN D 34 4.72 -42.41 -49.90
N PRO D 35 5.47 -41.30 -49.83
CA PRO D 35 4.98 -40.15 -49.05
C PRO D 35 3.79 -39.48 -49.73
N THR D 36 2.78 -40.28 -50.04
CA THR D 36 1.61 -39.79 -50.75
C THR D 36 0.57 -39.22 -49.79
N LEU D 37 0.45 -39.80 -48.60
CA LEU D 37 -0.51 -39.33 -47.61
C LEU D 37 0.11 -39.54 -46.24
N TYR D 38 -0.03 -38.56 -45.37
CA TYR D 38 0.50 -38.64 -44.01
C TYR D 38 -0.66 -38.53 -43.03
N VAL D 39 -0.72 -39.45 -42.08
CA VAL D 39 -1.84 -39.54 -41.16
C VAL D 39 -1.39 -39.17 -39.75
N ASP D 40 -2.32 -38.58 -39.00
CA ASP D 40 -2.09 -38.19 -37.62
C ASP D 40 -3.26 -38.73 -36.81
N VAL D 41 -2.97 -39.57 -35.82
CA VAL D 41 -3.98 -40.32 -35.10
C VAL D 41 -3.68 -40.27 -33.61
N GLU D 42 -4.69 -40.01 -32.80
CA GLU D 42 -4.62 -40.13 -31.37
C GLU D 42 -5.53 -41.28 -30.92
N ASP D 43 -5.63 -41.47 -29.60
CA ASP D 43 -6.50 -42.53 -29.08
C ASP D 43 -7.95 -42.28 -29.45
N ARG D 44 -8.42 -41.04 -29.28
CA ARG D 44 -9.79 -40.70 -29.63
C ARG D 44 -9.94 -39.32 -30.25
N MET D 45 -8.85 -38.60 -30.51
CA MET D 45 -8.97 -37.20 -30.88
C MET D 45 -9.31 -37.02 -32.36
N ARG D 46 -8.40 -37.42 -33.24
CA ARG D 46 -8.61 -37.23 -34.67
C ARG D 46 -7.91 -38.34 -35.45
N VAL D 47 -8.44 -38.62 -36.64
CA VAL D 47 -7.84 -39.57 -37.57
C VAL D 47 -7.61 -38.85 -38.90
N ASP D 48 -7.79 -37.53 -38.90
CA ASP D 48 -7.58 -36.76 -40.12
C ASP D 48 -6.14 -36.87 -40.57
N PHE D 49 -5.94 -36.88 -41.89
CA PHE D 49 -4.63 -37.14 -42.45
C PHE D 49 -4.33 -36.19 -43.59
N LYS D 50 -3.04 -35.91 -43.75
CA LYS D 50 -2.53 -35.04 -44.80
C LYS D 50 -2.56 -35.81 -46.12
N CYS D 51 -3.76 -35.95 -46.66
CA CYS D 51 -3.96 -36.62 -47.94
C CYS D 51 -3.47 -35.70 -49.05
N TYR D 52 -2.16 -35.76 -49.30
CA TYR D 52 -1.56 -34.89 -50.31
C TYR D 52 -2.23 -35.11 -51.67
N ASP D 53 -2.31 -36.36 -52.11
CA ASP D 53 -3.01 -36.67 -53.35
C ASP D 53 -4.51 -36.58 -53.10
N GLU D 54 -5.20 -35.87 -53.99
CA GLU D 54 -6.66 -35.84 -53.92
C GLU D 54 -7.26 -37.24 -54.00
N PRO D 55 -6.83 -38.13 -54.90
CA PRO D 55 -7.30 -39.53 -54.81
C PRO D 55 -6.65 -40.25 -53.64
N HIS D 56 -7.44 -40.54 -52.60
CA HIS D 56 -6.88 -41.15 -51.40
C HIS D 56 -6.52 -42.62 -51.64
N ASP D 57 -7.40 -43.37 -52.31
CA ASP D 57 -7.24 -44.82 -52.47
C ASP D 57 -7.09 -45.52 -51.12
N PHE D 58 -8.16 -45.43 -50.32
CA PHE D 58 -8.18 -46.10 -49.02
C PHE D 58 -7.95 -47.59 -49.16
N LYS D 59 -8.31 -48.16 -50.30
CA LYS D 59 -8.00 -49.57 -50.55
C LYS D 59 -6.50 -49.81 -50.53
N SER D 60 -5.73 -48.89 -51.12
CA SER D 60 -4.27 -48.96 -51.07
C SER D 60 -3.71 -48.46 -49.76
N LEU D 61 -4.56 -48.33 -48.75
CA LEU D 61 -4.17 -47.95 -47.41
C LEU D 61 -4.37 -49.13 -46.46
N PRO D 62 -3.64 -49.17 -45.34
CA PRO D 62 -3.68 -50.35 -44.47
C PRO D 62 -5.07 -50.69 -43.93
N ASN D 63 -6.07 -49.85 -44.14
CA ASN D 63 -7.47 -50.11 -43.78
C ASN D 63 -7.59 -50.69 -42.36
N LEU D 64 -7.19 -49.88 -41.40
CA LEU D 64 -7.07 -50.30 -40.00
C LEU D 64 -8.28 -49.83 -39.22
N ALA D 65 -9.35 -50.62 -39.27
CA ALA D 65 -10.54 -50.33 -38.47
C ALA D 65 -10.24 -50.55 -36.99
N ILE D 66 -10.70 -49.64 -36.15
CA ILE D 66 -10.52 -49.76 -34.72
C ILE D 66 -11.86 -49.60 -34.01
N GLY D 67 -12.94 -49.60 -34.78
CA GLY D 67 -14.27 -49.46 -34.21
C GLY D 67 -14.64 -48.01 -33.96
N SER D 68 -15.83 -47.84 -33.38
CA SER D 68 -16.41 -46.51 -33.17
C SER D 68 -15.61 -45.76 -32.11
N VAL D 69 -14.80 -44.81 -32.55
CA VAL D 69 -14.10 -43.90 -31.65
C VAL D 69 -14.37 -42.48 -32.14
N LYS D 70 -14.25 -41.52 -31.21
CA LYS D 70 -14.66 -40.15 -31.50
C LYS D 70 -13.74 -39.43 -32.47
N LEU D 71 -12.59 -40.02 -32.82
CA LEU D 71 -11.67 -39.38 -33.74
C LEU D 71 -12.17 -39.50 -35.18
N LEU D 72 -11.90 -38.48 -35.99
CA LEU D 72 -12.40 -38.45 -37.36
C LEU D 72 -11.42 -37.74 -38.30
N THR D 73 -11.75 -37.79 -39.58
CA THR D 73 -11.04 -37.07 -40.63
C THR D 73 -11.97 -36.01 -41.20
N VAL D 74 -11.48 -34.79 -41.36
CA VAL D 74 -12.32 -33.70 -41.84
C VAL D 74 -11.64 -32.92 -42.96
N VAL D 75 -10.33 -33.08 -43.11
CA VAL D 75 -9.53 -32.17 -43.91
C VAL D 75 -9.12 -32.83 -45.22
N ASP D 76 -9.62 -32.32 -46.33
CA ASP D 76 -9.05 -32.51 -47.66
C ASP D 76 -9.23 -33.93 -48.19
N CYS D 77 -9.68 -34.84 -47.35
CA CYS D 77 -9.76 -36.25 -47.72
C CYS D 77 -11.22 -36.59 -48.02
N VAL D 78 -11.52 -36.76 -49.31
CA VAL D 78 -12.90 -36.89 -49.78
C VAL D 78 -13.07 -38.23 -50.46
N LEU D 79 -14.27 -38.49 -50.99
CA LEU D 79 -14.56 -39.70 -51.73
C LEU D 79 -15.45 -39.36 -52.90
N ASP D 80 -15.55 -40.29 -53.84
CA ASP D 80 -16.36 -40.10 -55.03
C ASP D 80 -17.85 -40.12 -54.68
N ASP D 81 -18.65 -39.54 -55.57
CA ASP D 81 -20.08 -39.36 -55.32
C ASP D 81 -20.82 -40.68 -55.40
N ASP D 82 -22.06 -40.67 -54.92
CA ASP D 82 -22.97 -41.81 -54.91
C ASP D 82 -22.41 -42.99 -54.11
N ARG D 83 -21.48 -42.73 -53.21
CA ARG D 83 -20.88 -43.82 -52.48
C ARG D 83 -21.24 -43.76 -51.01
N PRO D 84 -21.61 -44.89 -50.41
CA PRO D 84 -21.85 -44.90 -48.96
C PRO D 84 -20.59 -44.52 -48.21
N ILE D 85 -20.78 -43.85 -47.07
CA ILE D 85 -19.64 -43.42 -46.28
C ILE D 85 -18.83 -44.62 -45.79
N LEU D 86 -19.44 -45.80 -45.75
CA LEU D 86 -18.67 -47.02 -45.43
C LEU D 86 -17.53 -47.21 -46.41
N GLU D 87 -17.76 -46.91 -47.69
CA GLU D 87 -16.65 -46.93 -48.64
C GLU D 87 -15.60 -45.90 -48.26
N SER D 88 -16.04 -44.71 -47.84
CA SER D 88 -15.10 -43.76 -47.26
C SER D 88 -14.51 -44.29 -45.95
N PHE D 89 -15.29 -45.06 -45.21
CA PHE D 89 -14.80 -45.68 -43.97
C PHE D 89 -13.87 -46.84 -44.23
N LYS D 90 -13.44 -47.05 -45.48
CA LYS D 90 -12.65 -48.23 -45.81
C LYS D 90 -11.42 -48.35 -44.93
N PHE D 91 -10.76 -47.23 -44.63
CA PHE D 91 -9.56 -47.31 -43.80
C PHE D 91 -9.91 -47.63 -42.36
N LEU D 92 -11.03 -47.14 -41.86
CA LEU D 92 -11.40 -47.39 -40.47
C LEU D 92 -12.91 -47.50 -40.39
N GLU D 93 -13.40 -48.68 -40.03
CA GLU D 93 -14.83 -48.86 -39.82
C GLU D 93 -15.19 -48.50 -38.39
N VAL D 94 -16.30 -47.77 -38.24
CA VAL D 94 -16.81 -47.36 -36.94
C VAL D 94 -18.25 -47.81 -36.83
N ALA D 95 -18.74 -47.87 -35.59
CA ALA D 95 -20.12 -48.25 -35.31
C ALA D 95 -20.85 -47.02 -34.78
N ASP D 96 -21.32 -46.19 -35.71
CA ASP D 96 -22.17 -45.05 -35.43
C ASP D 96 -21.69 -44.24 -34.23
N VAL D 97 -20.50 -43.65 -34.38
CA VAL D 97 -20.00 -42.73 -33.36
C VAL D 97 -20.98 -41.58 -33.21
N ARG D 98 -21.21 -41.15 -31.96
CA ARG D 98 -22.05 -39.99 -31.74
C ARG D 98 -21.36 -38.69 -32.12
N SER D 99 -20.06 -38.74 -32.43
CA SER D 99 -19.31 -37.57 -32.90
C SER D 99 -18.90 -37.82 -34.34
N PHE D 100 -19.43 -37.02 -35.25
CA PHE D 100 -18.94 -36.97 -36.63
C PHE D 100 -18.70 -35.52 -37.00
N VAL D 101 -17.49 -35.25 -37.49
CA VAL D 101 -17.14 -33.93 -38.01
C VAL D 101 -16.59 -34.11 -39.42
N TYR D 102 -16.93 -33.18 -40.29
CA TYR D 102 -16.29 -33.10 -41.60
C TYR D 102 -16.39 -31.69 -42.14
N ASN D 103 -15.31 -31.23 -42.75
CA ASN D 103 -15.23 -29.90 -43.36
C ASN D 103 -14.79 -30.11 -44.81
N ASN D 104 -15.76 -30.10 -45.71
CA ASN D 104 -15.42 -30.19 -47.13
C ASN D 104 -14.86 -28.85 -47.59
N HIS D 105 -13.65 -28.89 -48.15
CA HIS D 105 -13.03 -27.69 -48.69
C HIS D 105 -13.02 -27.63 -50.21
N GLU D 106 -12.67 -28.73 -50.87
CA GLU D 106 -12.49 -28.68 -52.31
C GLU D 106 -13.80 -28.43 -53.05
N ASN D 107 -14.89 -29.04 -52.58
CA ASN D 107 -16.15 -28.98 -53.31
C ASN D 107 -17.30 -29.00 -52.32
N GLY D 108 -18.48 -29.32 -52.82
CA GLY D 108 -19.66 -29.50 -52.00
C GLY D 108 -20.54 -30.58 -52.57
N ILE D 109 -20.94 -31.54 -51.74
CA ILE D 109 -21.65 -32.71 -52.22
C ILE D 109 -23.08 -32.68 -51.68
N ARG D 110 -23.96 -33.40 -52.39
CA ARG D 110 -25.35 -33.50 -51.98
C ARG D 110 -25.51 -34.17 -50.63
N TYR D 111 -24.50 -34.91 -50.18
CA TYR D 111 -24.50 -35.55 -48.86
C TYR D 111 -25.70 -36.48 -48.72
N ASN D 112 -25.78 -37.44 -49.65
CA ASN D 112 -26.96 -38.26 -49.80
C ASN D 112 -27.15 -39.20 -48.63
N ALA D 113 -28.41 -39.59 -48.41
CA ALA D 113 -28.69 -40.71 -47.52
C ALA D 113 -28.03 -41.98 -48.06
N LYS D 114 -28.12 -42.20 -49.37
CA LYS D 114 -27.36 -43.27 -49.99
C LYS D 114 -25.87 -43.06 -49.79
N TYR D 115 -25.41 -41.82 -49.84
CA TYR D 115 -24.03 -41.53 -49.51
C TYR D 115 -23.75 -41.78 -48.04
N PHE D 116 -24.76 -41.61 -47.18
CA PHE D 116 -24.58 -41.76 -45.73
C PHE D 116 -25.10 -43.13 -45.31
N GLU D 117 -24.29 -44.15 -45.60
CA GLU D 117 -24.56 -45.52 -45.16
C GLU D 117 -23.33 -46.01 -44.41
N GLY D 118 -23.48 -46.22 -43.11
CA GLY D 118 -22.39 -46.66 -42.27
C GLY D 118 -22.33 -45.90 -40.96
N MET D 119 -22.71 -44.63 -41.00
CA MET D 119 -22.85 -43.80 -39.81
C MET D 119 -24.28 -43.29 -39.81
N GLU D 120 -25.09 -43.79 -38.88
CA GLU D 120 -26.45 -43.32 -38.72
C GLU D 120 -26.69 -42.72 -37.34
N GLN D 121 -26.42 -43.46 -36.27
CA GLN D 121 -26.56 -42.90 -34.94
C GLN D 121 -25.47 -41.88 -34.68
N LEU D 122 -25.87 -40.71 -34.19
CA LEU D 122 -24.97 -39.58 -34.09
C LEU D 122 -25.52 -38.58 -33.09
N GLU D 123 -24.62 -37.81 -32.48
CA GLU D 123 -25.01 -36.68 -31.64
C GLU D 123 -24.47 -35.36 -32.16
N ASN D 124 -23.18 -35.32 -32.51
CA ASN D 124 -22.54 -34.12 -33.03
C ASN D 124 -22.34 -34.25 -34.52
N LEU D 125 -22.88 -33.30 -35.28
CA LEU D 125 -22.82 -33.33 -36.74
C LEU D 125 -22.29 -32.00 -37.26
N THR D 126 -21.41 -32.08 -38.26
CA THR D 126 -20.84 -30.90 -38.88
C THR D 126 -20.87 -31.04 -40.40
N LEU D 127 -21.36 -30.02 -41.08
CA LEU D 127 -21.27 -29.92 -42.52
C LEU D 127 -20.64 -28.60 -42.89
N ALA D 128 -19.99 -28.57 -44.05
CA ALA D 128 -19.20 -27.39 -44.41
C ALA D 128 -19.06 -27.31 -45.92
N ARG D 129 -19.45 -26.17 -46.49
CA ARG D 129 -19.22 -25.84 -47.89
C ARG D 129 -19.81 -26.91 -48.81
N GLY D 130 -21.14 -26.98 -48.77
CA GLY D 130 -21.87 -27.93 -49.59
C GLY D 130 -23.31 -28.06 -49.17
N VAL D 131 -23.76 -29.30 -48.97
CA VAL D 131 -25.11 -29.61 -48.54
C VAL D 131 -26.11 -29.10 -49.58
N VAL D 132 -25.68 -29.02 -50.83
CA VAL D 132 -26.51 -28.52 -51.91
C VAL D 132 -27.25 -29.71 -52.53
N SER D 133 -28.56 -29.52 -52.74
CA SER D 133 -29.41 -30.55 -53.34
C SER D 133 -29.42 -31.84 -52.50
N ILE D 134 -29.94 -31.71 -51.28
CA ILE D 134 -30.07 -32.84 -50.37
C ILE D 134 -31.55 -33.01 -50.02
N ASP D 135 -32.03 -34.24 -50.10
CA ASP D 135 -33.43 -34.55 -49.87
C ASP D 135 -33.70 -34.72 -48.37
N ARG D 136 -34.98 -34.91 -48.03
CA ARG D 136 -35.38 -35.21 -46.65
C ARG D 136 -35.17 -36.69 -46.38
N ASP D 137 -33.97 -37.18 -46.67
CA ASP D 137 -33.67 -38.60 -46.58
C ASP D 137 -32.53 -38.92 -45.62
N THR D 138 -31.46 -38.11 -45.66
CA THR D 138 -30.31 -38.39 -44.82
C THR D 138 -30.65 -38.27 -43.34
N PHE D 139 -31.63 -37.45 -43.00
CA PHE D 139 -32.03 -37.28 -41.60
C PHE D 139 -32.78 -38.48 -41.06
N SER D 140 -33.24 -39.38 -41.93
CA SER D 140 -34.06 -40.49 -41.48
C SER D 140 -33.28 -41.39 -40.51
N GLY D 141 -32.09 -41.82 -40.91
CA GLY D 141 -31.33 -42.74 -40.10
C GLY D 141 -30.54 -42.11 -38.97
N PHE D 142 -30.53 -40.77 -38.88
CA PHE D 142 -29.71 -40.10 -37.88
C PHE D 142 -30.49 -39.88 -36.59
N LEU D 143 -30.87 -41.01 -35.98
CA LEU D 143 -31.63 -40.97 -34.75
C LEU D 143 -30.75 -40.53 -33.59
N ASN D 144 -31.40 -40.02 -32.54
CA ASN D 144 -30.74 -39.54 -31.33
C ASN D 144 -29.74 -38.44 -31.66
N LEU D 145 -30.03 -37.65 -32.68
CA LEU D 145 -29.17 -36.56 -33.09
C LEU D 145 -29.45 -35.32 -32.26
N LYS D 146 -28.37 -34.65 -31.86
CA LYS D 146 -28.49 -33.51 -30.96
C LYS D 146 -27.85 -32.24 -31.50
N ARG D 147 -26.73 -32.35 -32.20
CA ARG D 147 -25.99 -31.20 -32.66
C ARG D 147 -25.78 -31.27 -34.16
N LEU D 148 -25.97 -30.12 -34.83
CA LEU D 148 -25.74 -30.02 -36.26
C LEU D 148 -25.23 -28.61 -36.55
N THR D 149 -24.13 -28.52 -37.29
CA THR D 149 -23.52 -27.25 -37.63
C THR D 149 -23.38 -27.14 -39.15
N ILE D 150 -23.57 -25.94 -39.66
CA ILE D 150 -23.36 -25.63 -41.06
C ILE D 150 -22.33 -24.51 -41.14
N GLU D 151 -21.25 -24.75 -41.88
CA GLU D 151 -20.23 -23.74 -42.11
C GLU D 151 -20.65 -22.83 -43.25
N HIS D 152 -19.70 -22.07 -43.79
CA HIS D 152 -19.93 -21.32 -45.02
C HIS D 152 -20.55 -22.23 -46.07
N ASN D 153 -21.79 -21.94 -46.45
CA ASN D 153 -22.50 -22.76 -47.42
C ASN D 153 -23.43 -21.86 -48.20
N LYS D 154 -24.22 -22.47 -49.08
CA LYS D 154 -25.22 -21.72 -49.83
C LYS D 154 -26.29 -22.68 -50.33
N LEU D 155 -27.48 -22.62 -49.73
CA LEU D 155 -28.63 -23.35 -50.23
C LEU D 155 -29.92 -22.89 -49.57
N ASN D 156 -30.94 -22.59 -50.37
CA ASN D 156 -32.27 -22.36 -49.83
C ASN D 156 -32.85 -23.67 -49.31
N LEU D 157 -33.63 -23.58 -48.24
CA LEU D 157 -34.14 -24.75 -47.54
C LEU D 157 -35.58 -25.03 -47.93
N GLN D 158 -35.87 -26.28 -48.23
CA GLN D 158 -37.24 -26.71 -48.42
C GLN D 158 -37.95 -26.76 -47.07
N PRO D 159 -39.17 -26.23 -46.97
CA PRO D 159 -39.87 -26.21 -45.68
C PRO D 159 -40.10 -27.60 -45.11
N GLY D 160 -39.99 -27.71 -43.79
CA GLY D 160 -40.20 -28.98 -43.12
C GLY D 160 -39.22 -30.06 -43.53
N THR D 161 -37.98 -29.69 -43.84
CA THR D 161 -37.02 -30.67 -44.32
C THR D 161 -36.62 -31.63 -43.21
N PHE D 162 -36.29 -31.11 -42.04
CA PHE D 162 -35.79 -31.93 -40.93
C PHE D 162 -36.92 -32.30 -39.97
N GLU D 163 -38.02 -32.84 -40.52
CA GLU D 163 -39.12 -33.25 -39.64
C GLU D 163 -38.81 -34.56 -38.93
N ALA D 164 -37.94 -35.38 -39.50
CA ALA D 164 -37.63 -36.68 -38.90
C ALA D 164 -36.89 -36.53 -37.58
N LEU D 165 -36.07 -35.50 -37.45
CA LEU D 165 -35.21 -35.33 -36.28
C LEU D 165 -35.70 -34.11 -35.49
N SER D 166 -36.66 -34.33 -34.60
CA SER D 166 -37.08 -33.30 -33.67
C SER D 166 -36.20 -33.27 -32.42
N ASN D 167 -35.22 -34.15 -32.33
CA ASN D 167 -34.40 -34.32 -31.14
C ASN D 167 -33.13 -33.48 -31.15
N LEU D 168 -32.88 -32.75 -32.24
CA LEU D 168 -31.66 -31.96 -32.33
C LEU D 168 -31.61 -30.93 -31.21
N THR D 169 -30.66 -31.09 -30.28
CA THR D 169 -30.55 -30.14 -29.19
C THR D 169 -29.96 -28.81 -29.68
N TYR D 170 -28.91 -28.86 -30.48
CA TYR D 170 -28.20 -27.69 -30.95
C TYR D 170 -28.22 -27.63 -32.47
N LEU D 171 -28.33 -26.41 -33.01
CA LEU D 171 -28.29 -26.19 -34.44
C LEU D 171 -27.26 -25.12 -34.77
N GLY D 172 -26.50 -25.35 -35.84
CA GLY D 172 -25.58 -24.35 -36.34
C GLY D 172 -25.76 -24.11 -37.82
N LEU D 173 -26.13 -22.87 -38.20
CA LEU D 173 -26.37 -22.53 -39.59
C LEU D 173 -25.58 -21.30 -40.03
N VAL D 174 -24.60 -20.89 -39.23
CA VAL D 174 -23.91 -19.63 -39.49
C VAL D 174 -23.07 -19.75 -40.76
N TYR D 175 -22.73 -18.59 -41.30
CA TYR D 175 -21.88 -18.46 -42.48
C TYR D 175 -22.54 -19.04 -43.73
N ASN D 176 -23.73 -19.61 -43.57
CA ASN D 176 -24.45 -20.11 -44.72
C ASN D 176 -24.95 -18.98 -45.62
N GLY D 177 -24.95 -17.76 -45.11
CA GLY D 177 -25.53 -16.66 -45.86
C GLY D 177 -26.99 -16.95 -46.14
N LEU D 178 -27.71 -17.38 -45.10
CA LEU D 178 -29.09 -17.79 -45.27
C LEU D 178 -29.90 -16.66 -45.88
N ASN D 179 -30.47 -16.94 -47.06
CA ASN D 179 -31.11 -15.89 -47.84
C ASN D 179 -32.45 -15.49 -47.24
N GLU D 180 -33.39 -16.43 -47.24
CA GLU D 180 -34.76 -16.16 -46.81
C GLU D 180 -35.19 -17.22 -45.81
N ILE D 181 -36.43 -17.07 -45.32
CA ILE D 181 -37.01 -18.00 -44.36
C ILE D 181 -38.42 -18.34 -44.78
N GLN D 182 -38.94 -19.43 -44.18
CA GLN D 182 -40.27 -19.92 -44.45
C GLN D 182 -40.89 -20.37 -43.13
N PRO D 183 -42.14 -19.99 -42.85
CA PRO D 183 -42.79 -20.45 -41.62
C PRO D 183 -43.17 -21.92 -41.70
N GLY D 184 -42.24 -22.79 -41.32
CA GLY D 184 -42.47 -24.22 -41.45
C GLY D 184 -41.24 -25.02 -41.79
N LEU D 185 -40.09 -24.35 -41.97
CA LEU D 185 -38.85 -25.07 -42.23
C LEU D 185 -38.47 -25.94 -41.05
N PHE D 186 -38.62 -25.43 -39.83
CA PHE D 186 -38.08 -26.06 -38.64
C PHE D 186 -39.16 -26.68 -37.77
N ASP D 187 -40.39 -26.77 -38.26
CA ASP D 187 -41.49 -27.19 -37.41
C ASP D 187 -41.44 -28.66 -37.06
N GLY D 188 -40.54 -29.43 -37.68
CA GLY D 188 -40.38 -30.83 -37.31
C GLY D 188 -39.28 -31.04 -36.29
N LEU D 189 -38.89 -29.97 -35.60
CA LEU D 189 -37.83 -30.01 -34.61
C LEU D 189 -38.29 -29.28 -33.36
N GLU D 190 -38.32 -29.99 -32.23
CA GLU D 190 -38.78 -29.42 -30.98
C GLU D 190 -37.68 -29.30 -29.93
N SER D 191 -36.78 -30.27 -29.85
CA SER D 191 -35.67 -30.23 -28.91
C SER D 191 -34.63 -29.21 -29.25
N LEU D 192 -34.89 -28.39 -30.27
CA LEU D 192 -33.91 -27.43 -30.76
C LEU D 192 -34.08 -26.12 -29.99
N GLU D 193 -33.20 -25.90 -29.02
CA GLU D 193 -33.20 -24.67 -28.24
C GLU D 193 -32.00 -23.79 -28.50
N ALA D 194 -30.97 -24.31 -29.15
CA ALA D 194 -29.78 -23.53 -29.51
C ALA D 194 -29.78 -23.30 -31.02
N LEU D 195 -29.62 -22.05 -31.42
CA LEU D 195 -29.75 -21.69 -32.82
C LEU D 195 -29.07 -20.36 -33.07
N SER D 196 -28.26 -20.30 -34.13
CA SER D 196 -27.56 -19.07 -34.51
C SER D 196 -27.60 -18.92 -36.02
N LEU D 197 -27.85 -17.70 -36.49
CA LEU D 197 -27.98 -17.42 -37.91
C LEU D 197 -27.07 -16.29 -38.34
N SER D 198 -25.92 -16.14 -37.70
CA SER D 198 -25.02 -15.06 -38.07
C SER D 198 -24.50 -15.28 -39.48
N TYR D 199 -23.90 -14.23 -40.03
CA TYR D 199 -23.38 -14.24 -41.39
C TYR D 199 -24.45 -14.66 -42.39
N ASN D 200 -25.64 -14.11 -42.22
CA ASN D 200 -26.77 -14.38 -43.09
C ASN D 200 -27.42 -13.08 -43.52
N ASP D 201 -28.26 -13.18 -44.54
CA ASP D 201 -28.90 -12.03 -45.16
C ASP D 201 -30.41 -12.18 -45.16
N ILE D 202 -30.97 -12.61 -44.03
CA ILE D 202 -32.41 -12.73 -43.91
C ILE D 202 -33.02 -11.35 -44.05
N LYS D 203 -33.76 -11.14 -45.13
CA LYS D 203 -34.33 -9.81 -45.38
C LYS D 203 -35.39 -9.46 -44.34
N SER D 204 -36.45 -10.26 -44.28
CA SER D 204 -37.56 -10.00 -43.37
C SER D 204 -37.83 -11.23 -42.53
N LEU D 205 -38.46 -10.99 -41.38
CA LEU D 205 -38.86 -12.07 -40.48
C LEU D 205 -40.27 -12.51 -40.83
N SER D 206 -40.38 -13.69 -41.43
CA SER D 206 -41.68 -14.22 -41.82
C SER D 206 -42.53 -14.48 -40.59
N ALA D 207 -43.82 -14.13 -40.69
CA ALA D 207 -44.76 -14.31 -39.59
C ALA D 207 -44.74 -15.75 -39.10
N GLY D 208 -44.33 -15.93 -37.85
CA GLY D 208 -44.24 -17.27 -37.30
C GLY D 208 -43.29 -18.17 -38.05
N SER D 209 -42.20 -17.60 -38.57
CA SER D 209 -41.21 -18.42 -39.27
C SER D 209 -40.56 -19.42 -38.35
N PHE D 210 -40.56 -19.15 -37.04
CA PHE D 210 -39.96 -20.01 -36.05
C PHE D 210 -40.96 -20.92 -35.38
N ASN D 211 -42.17 -21.03 -35.94
CA ASN D 211 -43.18 -21.91 -35.39
C ASN D 211 -42.67 -23.35 -35.39
N GLY D 212 -43.34 -24.21 -34.62
CA GLY D 212 -42.95 -25.59 -34.54
C GLY D 212 -41.64 -25.83 -33.84
N LEU D 213 -41.21 -24.90 -32.99
CA LEU D 213 -40.02 -25.05 -32.16
C LEU D 213 -40.50 -25.05 -30.72
N SER D 214 -40.84 -26.25 -30.22
CA SER D 214 -41.47 -26.36 -28.91
C SER D 214 -40.53 -25.86 -27.81
N SER D 215 -39.26 -26.28 -27.86
CA SER D 215 -38.29 -25.92 -26.83
C SER D 215 -37.15 -25.18 -27.50
N LEU D 216 -37.30 -23.87 -27.67
CA LEU D 216 -36.24 -23.02 -28.18
C LEU D 216 -35.85 -22.03 -27.09
N ARG D 217 -34.57 -21.97 -26.79
CA ARG D 217 -34.09 -21.18 -25.67
C ARG D 217 -33.01 -20.19 -26.06
N MET D 218 -32.14 -20.55 -27.01
CA MET D 218 -31.05 -19.69 -27.45
C MET D 218 -31.30 -19.26 -28.89
N LEU D 219 -31.11 -17.98 -29.16
CA LEU D 219 -31.26 -17.45 -30.51
C LEU D 219 -30.17 -16.42 -30.72
N ASN D 220 -29.42 -16.56 -31.81
CA ASN D 220 -28.26 -15.71 -32.08
C ASN D 220 -28.37 -15.13 -33.49
N LEU D 221 -28.73 -13.86 -33.58
CA LEU D 221 -28.67 -13.11 -34.82
C LEU D 221 -27.55 -12.09 -34.66
N ARG D 222 -26.40 -12.40 -35.24
CA ARG D 222 -25.19 -11.61 -35.04
C ARG D 222 -24.79 -10.84 -36.29
N VAL D 223 -24.58 -11.54 -37.41
CA VAL D 223 -24.35 -10.86 -38.67
C VAL D 223 -25.53 -11.17 -39.57
N ASN D 224 -26.55 -10.34 -39.51
CA ASN D 224 -27.85 -10.66 -40.13
C ASN D 224 -28.43 -9.36 -40.67
N LYS D 225 -28.31 -9.17 -41.98
CA LYS D 225 -28.82 -7.96 -42.62
C LYS D 225 -30.34 -8.07 -42.70
N ILE D 226 -30.99 -7.64 -41.64
CA ILE D 226 -32.43 -7.73 -41.51
C ILE D 226 -33.00 -6.35 -41.25
N GLU D 227 -34.11 -6.03 -41.90
CA GLU D 227 -34.77 -4.74 -41.71
C GLU D 227 -36.25 -4.84 -41.38
N SER D 228 -36.87 -6.01 -41.54
CA SER D 228 -38.31 -6.15 -41.35
C SER D 228 -38.61 -7.32 -40.42
N PHE D 229 -39.58 -7.13 -39.54
CA PHE D 229 -39.92 -8.13 -38.54
C PHE D 229 -41.43 -8.35 -38.47
N ASP D 230 -41.86 -9.09 -37.45
CA ASP D 230 -43.28 -9.29 -37.17
C ASP D 230 -43.41 -9.85 -35.76
N ALA D 231 -44.44 -9.40 -35.05
CA ALA D 231 -44.70 -9.93 -33.71
C ALA D 231 -45.02 -11.42 -33.77
N ASN D 232 -45.66 -11.86 -34.85
CA ASN D 232 -45.96 -13.28 -35.01
C ASN D 232 -44.71 -14.14 -35.03
N THR D 233 -43.56 -13.55 -35.38
CA THR D 233 -42.32 -14.32 -35.39
C THR D 233 -42.01 -14.87 -34.01
N PHE D 234 -42.16 -14.05 -32.98
CA PHE D 234 -41.89 -14.46 -31.61
C PHE D 234 -43.15 -14.69 -30.80
N ALA D 235 -44.31 -14.72 -31.45
CA ALA D 235 -45.56 -14.93 -30.72
C ALA D 235 -45.61 -16.32 -30.11
N SER D 236 -45.24 -17.34 -30.88
CA SER D 236 -45.39 -18.72 -30.43
C SER D 236 -44.27 -19.16 -29.50
N LEU D 237 -43.16 -18.41 -29.45
CA LEU D 237 -41.99 -18.84 -28.71
C LEU D 237 -41.93 -18.18 -27.34
N LYS D 238 -42.90 -18.54 -26.50
CA LYS D 238 -42.90 -18.08 -25.12
C LYS D 238 -41.83 -18.77 -24.29
N GLU D 239 -41.37 -19.93 -24.72
CA GLU D 239 -40.35 -20.68 -23.99
C GLU D 239 -38.95 -20.15 -24.23
N LEU D 240 -38.78 -19.20 -25.14
CA LEU D 240 -37.45 -18.66 -25.42
C LEU D 240 -36.92 -17.92 -24.20
N SER D 241 -35.63 -18.08 -23.94
CA SER D 241 -35.00 -17.51 -22.75
C SER D 241 -34.20 -16.25 -23.03
N ARG D 242 -33.26 -16.32 -23.99
CA ARG D 242 -32.37 -15.20 -24.27
C ARG D 242 -32.22 -15.05 -25.78
N LEU D 243 -32.31 -13.80 -26.25
CA LEU D 243 -32.29 -13.49 -27.66
C LEU D 243 -31.20 -12.46 -27.93
N GLU D 244 -30.64 -12.51 -29.13
CA GLU D 244 -29.57 -11.61 -29.53
C GLU D 244 -29.84 -11.06 -30.92
N ILE D 245 -29.76 -9.74 -31.05
CA ILE D 245 -29.93 -9.04 -32.33
C ILE D 245 -28.71 -8.19 -32.57
N THR D 246 -28.10 -8.33 -33.75
CA THR D 246 -26.87 -7.62 -34.04
C THR D 246 -26.76 -7.39 -35.54
N LEU D 247 -26.30 -6.20 -35.91
CA LEU D 247 -25.99 -5.87 -37.31
C LEU D 247 -27.19 -6.05 -38.21
N ASN D 248 -28.31 -5.46 -37.83
CA ASN D 248 -29.52 -5.54 -38.63
C ASN D 248 -30.00 -4.14 -38.97
N PRO D 249 -30.06 -3.77 -40.22
CA PRO D 249 -30.38 -2.40 -40.62
C PRO D 249 -31.88 -2.09 -40.66
N PHE D 250 -32.60 -2.53 -39.64
CA PHE D 250 -33.98 -2.13 -39.45
C PHE D 250 -34.02 -0.77 -38.77
N VAL D 251 -35.13 -0.06 -38.95
CA VAL D 251 -35.24 1.29 -38.44
C VAL D 251 -36.04 1.31 -37.14
N SER D 252 -37.02 0.43 -37.02
CA SER D 252 -37.85 0.40 -35.82
C SER D 252 -38.53 -0.95 -35.71
N LEU D 253 -38.89 -1.28 -34.52
CA LEU D 253 -39.58 -2.53 -34.32
C LEU D 253 -41.08 -2.36 -34.52
N PRO D 254 -41.78 -3.43 -34.90
CA PRO D 254 -43.24 -3.42 -34.82
C PRO D 254 -43.68 -3.41 -33.36
N ARG D 255 -44.84 -2.80 -33.12
CA ARG D 255 -45.38 -2.78 -31.78
C ARG D 255 -45.89 -4.17 -31.38
N GLY D 256 -45.76 -4.48 -30.09
CA GLY D 256 -46.17 -5.78 -29.61
C GLY D 256 -45.23 -6.91 -30.01
N LEU D 257 -43.99 -6.56 -30.35
CA LEU D 257 -43.05 -7.55 -30.88
C LEU D 257 -42.70 -8.60 -29.83
N PHE D 258 -42.50 -8.19 -28.58
CA PHE D 258 -41.88 -9.06 -27.60
C PHE D 258 -42.75 -9.45 -26.43
N SER D 259 -43.91 -8.80 -26.24
CA SER D 259 -44.74 -9.11 -25.09
C SER D 259 -45.24 -10.55 -25.12
N GLU D 260 -45.19 -11.20 -26.28
CA GLU D 260 -45.73 -12.56 -26.40
C GLU D 260 -44.95 -13.55 -25.54
N ASN D 261 -43.63 -13.56 -25.67
CA ASN D 261 -42.85 -14.42 -24.82
C ASN D 261 -42.90 -13.93 -23.38
N LYS D 262 -42.64 -14.83 -22.45
CA LYS D 262 -42.63 -14.51 -21.03
C LYS D 262 -41.28 -14.73 -20.37
N LYS D 263 -40.67 -15.89 -20.59
CA LYS D 263 -39.39 -16.17 -19.94
C LYS D 263 -38.22 -15.61 -20.75
N LEU D 264 -38.33 -14.35 -21.16
CA LEU D 264 -37.24 -13.67 -21.82
C LEU D 264 -36.27 -13.18 -20.76
N LYS D 265 -35.06 -13.72 -20.76
CA LYS D 265 -34.11 -13.36 -19.71
C LYS D 265 -33.16 -12.26 -20.16
N THR D 266 -32.53 -12.43 -21.32
CA THR D 266 -31.52 -11.49 -21.80
C THR D 266 -31.85 -11.09 -23.23
N LEU D 267 -31.67 -9.80 -23.52
CA LEU D 267 -31.90 -9.27 -24.85
C LEU D 267 -30.71 -8.42 -25.27
N ILE D 268 -30.28 -8.58 -26.51
CA ILE D 268 -29.14 -7.85 -27.06
C ILE D 268 -29.56 -7.26 -28.39
N LEU D 269 -29.42 -5.94 -28.52
CA LEU D 269 -29.82 -5.24 -29.74
C LEU D 269 -28.65 -4.48 -30.33
N THR D 270 -27.45 -5.03 -30.23
CA THR D 270 -26.25 -4.26 -30.54
C THR D 270 -26.19 -3.89 -32.02
N ASN D 271 -25.64 -2.71 -32.28
CA ASN D 271 -25.20 -2.30 -33.60
C ASN D 271 -26.34 -2.36 -34.62
N ASN D 272 -27.33 -1.49 -34.38
CA ASN D 272 -28.38 -1.21 -35.35
C ASN D 272 -28.50 0.31 -35.45
N ARG D 273 -27.64 0.90 -36.28
CA ARG D 273 -27.66 2.35 -36.45
C ARG D 273 -28.95 2.79 -37.11
N LYS D 274 -29.48 1.98 -38.04
CA LYS D 274 -30.74 2.31 -38.67
C LYS D 274 -31.87 2.33 -37.65
N LEU D 275 -31.80 1.48 -36.63
CA LEU D 275 -32.78 1.49 -35.55
C LEU D 275 -32.78 2.83 -34.85
N VAL D 276 -33.86 3.58 -34.97
CA VAL D 276 -33.89 4.95 -34.46
C VAL D 276 -34.96 5.11 -33.40
N THR D 277 -36.02 4.32 -33.48
CA THR D 277 -37.16 4.48 -32.59
C THR D 277 -37.65 3.12 -32.14
N LEU D 278 -38.34 3.11 -31.00
CA LEU D 278 -38.86 1.89 -30.42
C LEU D 278 -40.35 2.02 -30.15
N PRO D 279 -41.11 0.94 -30.31
CA PRO D 279 -42.53 0.99 -29.98
C PRO D 279 -42.73 1.16 -28.48
N GLU D 280 -43.81 1.84 -28.11
CA GLU D 280 -44.12 2.04 -26.71
C GLU D 280 -44.38 0.71 -26.03
N GLU D 281 -43.96 0.62 -24.76
CA GLU D 281 -44.16 -0.57 -23.95
C GLU D 281 -43.62 -1.82 -24.65
N LEU D 282 -42.41 -1.69 -25.19
CA LEU D 282 -41.78 -2.82 -25.85
C LEU D 282 -41.60 -3.98 -24.87
N LEU D 283 -41.13 -3.68 -23.67
CA LEU D 283 -40.92 -4.71 -22.64
C LEU D 283 -42.10 -4.71 -21.67
N ALA D 284 -43.22 -5.19 -22.17
CA ALA D 284 -44.47 -5.19 -21.41
C ALA D 284 -44.49 -6.40 -20.47
N ASN D 285 -44.11 -6.17 -19.22
CA ASN D 285 -44.32 -7.13 -18.13
C ASN D 285 -43.62 -8.47 -18.41
N LEU D 286 -42.30 -8.40 -18.52
CA LEU D 286 -41.46 -9.60 -18.64
C LEU D 286 -40.52 -9.59 -17.44
N LYS D 287 -40.98 -10.17 -16.33
CA LYS D 287 -40.17 -10.18 -15.12
C LYS D 287 -38.89 -10.96 -15.32
N GLU D 288 -38.90 -11.93 -16.23
CA GLU D 288 -37.69 -12.72 -16.49
C GLU D 288 -36.57 -11.85 -17.04
N LEU D 289 -36.91 -10.72 -17.67
CA LEU D 289 -35.89 -9.87 -18.27
C LEU D 289 -34.92 -9.37 -17.22
N THR D 290 -33.64 -9.63 -17.44
CA THR D 290 -32.60 -9.28 -16.49
C THR D 290 -31.56 -8.35 -17.09
N VAL D 291 -31.05 -8.68 -18.28
CA VAL D 291 -30.02 -7.90 -18.95
C VAL D 291 -30.54 -7.52 -20.33
N VAL D 292 -30.49 -6.22 -20.64
CA VAL D 292 -30.87 -5.73 -21.95
C VAL D 292 -29.85 -4.70 -22.39
N ASN D 293 -29.31 -4.86 -23.59
CA ASN D 293 -28.29 -3.97 -24.11
C ASN D 293 -28.73 -3.45 -25.47
N LEU D 294 -28.50 -2.17 -25.70
CA LEU D 294 -28.87 -1.51 -26.95
C LEU D 294 -27.71 -0.70 -27.49
N SER D 295 -26.49 -1.11 -27.15
CA SER D 295 -25.32 -0.29 -27.40
C SER D 295 -25.09 -0.09 -28.88
N HIS D 296 -24.52 1.07 -29.21
CA HIS D 296 -24.12 1.41 -30.58
C HIS D 296 -25.29 1.30 -31.55
N ASN D 297 -26.45 1.77 -31.12
CA ASN D 297 -27.64 1.78 -31.94
C ASN D 297 -28.09 3.21 -32.14
N GLY D 298 -28.36 3.59 -33.39
CA GLY D 298 -28.71 4.96 -33.69
C GLY D 298 -30.11 5.33 -33.25
N VAL D 299 -30.47 4.97 -32.02
CA VAL D 299 -31.83 5.23 -31.56
C VAL D 299 -32.00 6.71 -31.28
N GLY D 300 -33.03 7.30 -31.88
CA GLY D 300 -33.23 8.73 -31.79
C GLY D 300 -33.54 9.21 -30.38
N ASN D 301 -34.69 8.85 -29.86
CA ASN D 301 -35.08 9.22 -28.52
C ASN D 301 -35.90 8.09 -27.91
N LEU D 302 -35.71 7.87 -26.62
CA LEU D 302 -36.36 6.74 -25.95
C LEU D 302 -37.80 7.08 -25.65
N PRO D 303 -38.77 6.32 -26.17
CA PRO D 303 -40.15 6.48 -25.71
C PRO D 303 -40.26 6.17 -24.22
N GLU D 304 -41.12 6.91 -23.54
CA GLU D 304 -41.24 6.76 -22.09
C GLU D 304 -41.65 5.34 -21.71
N SER D 305 -42.82 4.93 -22.15
CA SER D 305 -43.34 3.61 -21.80
C SER D 305 -42.58 2.57 -22.60
N LEU D 306 -41.54 2.03 -22.02
CA LEU D 306 -40.85 0.95 -22.69
C LEU D 306 -40.65 -0.26 -21.80
N LEU D 307 -40.42 -0.06 -20.51
CA LEU D 307 -40.03 -1.13 -19.60
C LEU D 307 -41.01 -1.32 -18.46
N SER D 308 -42.23 -0.82 -18.58
CA SER D 308 -43.22 -1.00 -17.53
C SER D 308 -43.59 -2.47 -17.41
N GLY D 309 -43.85 -2.90 -16.17
CA GLY D 309 -44.22 -4.27 -15.90
C GLY D 309 -43.07 -5.20 -15.62
N SER D 310 -41.83 -4.77 -15.83
CA SER D 310 -40.65 -5.61 -15.61
C SER D 310 -39.75 -4.95 -14.58
N SER D 311 -39.40 -5.70 -13.55
CA SER D 311 -38.54 -5.20 -12.48
C SER D 311 -37.30 -6.04 -12.25
N GLY D 312 -37.20 -7.21 -12.86
CA GLY D 312 -36.05 -8.06 -12.66
C GLY D 312 -34.80 -7.64 -13.41
N ILE D 313 -34.85 -6.50 -14.08
CA ILE D 313 -33.68 -6.01 -14.81
C ILE D 313 -32.55 -5.74 -13.84
N ILE D 314 -31.37 -6.23 -14.18
CA ILE D 314 -30.17 -6.02 -13.38
C ILE D 314 -29.18 -5.14 -14.11
N GLU D 315 -28.94 -5.42 -15.39
CA GLU D 315 -28.05 -4.64 -16.23
C GLU D 315 -28.88 -3.90 -17.26
N LEU D 316 -28.79 -2.59 -17.26
CA LEU D 316 -29.40 -1.77 -18.30
C LEU D 316 -28.28 -1.02 -19.00
N ASN D 317 -28.09 -1.30 -20.30
CA ASN D 317 -26.98 -0.75 -21.05
C ASN D 317 -27.51 -0.09 -22.31
N LEU D 318 -27.07 1.13 -22.56
CA LEU D 318 -27.47 1.86 -23.76
C LEU D 318 -26.33 2.11 -24.72
N GLY D 319 -25.09 2.14 -24.24
CA GLY D 319 -23.98 2.28 -25.13
C GLY D 319 -24.01 3.60 -25.88
N TYR D 320 -23.24 3.62 -26.96
CA TYR D 320 -23.11 4.84 -27.77
C TYR D 320 -24.35 4.94 -28.63
N ASN D 321 -25.39 5.55 -28.08
CA ASN D 321 -26.67 5.64 -28.77
C ASN D 321 -27.11 7.08 -28.84
N ARG D 322 -27.87 7.39 -29.90
CA ARG D 322 -28.24 8.76 -30.20
C ARG D 322 -29.36 9.30 -29.33
N LEU D 323 -29.69 8.62 -28.23
CA LEU D 323 -30.77 9.08 -27.37
C LEU D 323 -30.43 10.44 -26.79
N ASN D 324 -31.47 11.27 -26.62
CA ASN D 324 -31.30 12.66 -26.24
C ASN D 324 -31.85 12.98 -24.86
N SER D 325 -33.11 12.63 -24.59
CA SER D 325 -33.74 12.97 -23.32
C SER D 325 -34.41 11.75 -22.72
N LEU D 326 -34.48 11.73 -21.40
CA LEU D 326 -34.98 10.58 -20.65
C LEU D 326 -36.25 10.95 -19.91
N PRO D 327 -37.38 10.34 -20.19
CA PRO D 327 -38.55 10.49 -19.31
C PRO D 327 -38.27 9.90 -17.94
N GLU D 328 -38.86 10.50 -16.91
CA GLU D 328 -38.64 10.02 -15.55
C GLU D 328 -39.18 8.62 -15.35
N GLU D 329 -40.08 8.16 -16.22
CA GLU D 329 -40.74 6.87 -16.04
C GLU D 329 -39.92 5.75 -16.70
N LEU D 330 -38.68 5.63 -16.26
CA LEU D 330 -37.80 4.57 -16.70
C LEU D 330 -37.19 3.79 -15.55
N LEU D 331 -36.99 4.42 -14.41
CA LEU D 331 -36.65 3.71 -13.18
C LEU D 331 -37.88 3.38 -12.35
N SER D 332 -39.06 3.84 -12.78
CA SER D 332 -40.25 3.68 -11.97
C SER D 332 -40.58 2.22 -11.73
N ASP D 333 -40.47 1.39 -12.77
CA ASP D 333 -40.86 0.00 -12.69
C ASP D 333 -39.77 -0.92 -12.18
N GLN D 334 -38.57 -0.39 -11.91
CA GLN D 334 -37.39 -1.22 -11.65
C GLN D 334 -36.78 -0.80 -10.33
N PRO D 335 -37.37 -1.22 -9.21
CA PRO D 335 -36.77 -0.89 -7.90
C PRO D 335 -35.37 -1.44 -7.74
N GLN D 336 -35.06 -2.56 -8.39
CA GLN D 336 -33.75 -3.17 -8.31
C GLN D 336 -33.06 -3.04 -9.66
N LEU D 337 -31.89 -2.41 -9.66
CA LEU D 337 -31.03 -2.30 -10.83
C LEU D 337 -29.60 -2.21 -10.34
N GLN D 338 -28.68 -2.86 -11.06
CA GLN D 338 -27.31 -2.92 -10.61
C GLN D 338 -26.39 -1.98 -11.36
N VAL D 339 -26.44 -2.00 -12.69
CA VAL D 339 -25.53 -1.22 -13.51
C VAL D 339 -26.34 -0.45 -14.55
N LEU D 340 -26.01 0.82 -14.71
CA LEU D 340 -26.60 1.67 -15.74
C LEU D 340 -25.48 2.43 -16.43
N ASN D 341 -25.54 2.50 -17.75
CA ASN D 341 -24.51 3.17 -18.53
C ASN D 341 -25.16 3.92 -19.68
N LEU D 342 -24.79 5.18 -19.84
CA LEU D 342 -25.28 6.02 -20.94
C LEU D 342 -24.08 6.77 -21.48
N ASP D 343 -23.41 6.19 -22.47
CA ASP D 343 -22.08 6.62 -22.86
C ASP D 343 -22.09 7.17 -24.28
N HIS D 344 -21.39 8.29 -24.47
CA HIS D 344 -21.23 8.90 -25.79
C HIS D 344 -22.58 9.25 -26.39
N ASN D 345 -23.50 9.70 -25.54
CA ASN D 345 -24.86 9.98 -25.95
C ASN D 345 -25.13 11.48 -25.87
N GLN D 346 -25.91 11.97 -26.82
CA GLN D 346 -26.22 13.39 -26.91
C GLN D 346 -27.08 13.88 -25.74
N LEU D 347 -27.35 13.02 -24.76
CA LEU D 347 -28.04 13.47 -23.56
C LEU D 347 -27.28 14.61 -22.93
N GLU D 348 -28.02 15.64 -22.51
CA GLU D 348 -27.42 16.87 -22.01
C GLU D 348 -27.90 17.30 -20.64
N SER D 349 -29.02 16.76 -20.14
CA SER D 349 -29.55 17.17 -18.86
C SER D 349 -30.35 16.00 -18.28
N ILE D 350 -29.75 15.31 -17.34
CA ILE D 350 -30.44 14.21 -16.67
C ILE D 350 -31.60 14.77 -15.84
N PRO D 351 -32.82 14.28 -16.01
CA PRO D 351 -33.91 14.73 -15.14
C PRO D 351 -33.61 14.42 -13.68
N ASP D 352 -33.92 15.39 -12.82
CA ASP D 352 -33.53 15.31 -11.42
C ASP D 352 -34.25 14.19 -10.69
N TYR D 353 -35.57 14.14 -10.81
CA TYR D 353 -36.38 13.19 -10.05
C TYR D 353 -36.42 11.84 -10.75
N PHE D 354 -35.23 11.26 -10.94
CA PHE D 354 -35.08 10.01 -11.67
C PHE D 354 -34.59 8.90 -10.77
N LEU D 355 -33.46 9.09 -10.10
CA LEU D 355 -32.76 8.00 -9.44
C LEU D 355 -33.39 7.61 -8.11
N GLU D 356 -34.38 8.36 -7.63
CA GLU D 356 -35.05 8.00 -6.39
C GLU D 356 -35.73 6.64 -6.50
N ARG D 357 -36.16 6.28 -7.71
CA ARG D 357 -36.92 5.05 -7.89
C ARG D 357 -36.10 3.79 -7.65
N ASN D 358 -34.77 3.88 -7.62
CA ASN D 358 -33.93 2.74 -7.33
C ASN D 358 -33.01 3.08 -6.16
N VAL D 359 -32.62 2.04 -5.42
CA VAL D 359 -31.70 2.22 -4.31
C VAL D 359 -30.40 1.47 -4.58
N GLU D 360 -30.48 0.33 -5.25
CA GLU D 360 -29.38 -0.61 -5.32
C GLU D 360 -28.52 -0.42 -6.58
N LEU D 361 -28.66 0.69 -7.28
CA LEU D 361 -27.77 0.95 -8.40
C LEU D 361 -26.34 1.10 -7.90
N GLN D 362 -25.40 0.47 -8.60
CA GLN D 362 -24.03 0.41 -8.15
C GLN D 362 -23.07 1.26 -8.95
N THR D 363 -23.28 1.39 -10.26
CA THR D 363 -22.37 2.14 -11.10
C THR D 363 -23.16 3.07 -12.00
N LEU D 364 -22.43 3.95 -12.67
CA LEU D 364 -23.03 4.89 -13.61
C LEU D 364 -21.94 5.46 -14.50
N TYR D 365 -22.26 5.64 -15.77
CA TYR D 365 -21.31 6.13 -16.76
C TYR D 365 -22.05 7.05 -17.70
N LEU D 366 -21.69 8.32 -17.70
CA LEU D 366 -22.31 9.31 -18.57
C LEU D 366 -21.26 9.96 -19.47
N SER D 367 -20.30 9.14 -19.90
CA SER D 367 -19.14 9.65 -20.60
C SER D 367 -19.53 10.41 -21.86
N HIS D 368 -18.90 11.57 -22.06
CA HIS D 368 -19.02 12.36 -23.28
C HIS D 368 -20.47 12.75 -23.55
N ASN D 369 -21.27 12.85 -22.50
CA ASN D 369 -22.58 13.45 -22.68
C ASN D 369 -22.43 14.97 -22.60
N ARG D 370 -23.56 15.68 -22.61
CA ARG D 370 -23.56 17.13 -22.63
C ARG D 370 -24.15 17.69 -21.36
N LEU D 371 -23.84 17.05 -20.23
CA LEU D 371 -24.47 17.39 -18.95
C LEU D 371 -24.01 18.76 -18.51
N ARG D 372 -24.84 19.77 -18.78
CA ARG D 372 -24.47 21.13 -18.43
C ARG D 372 -24.27 21.28 -16.93
N SER D 373 -25.17 20.70 -16.15
CA SER D 373 -25.08 20.73 -14.69
C SER D 373 -25.90 19.58 -14.14
N LEU D 374 -25.75 19.36 -12.85
CA LEU D 374 -26.45 18.28 -12.15
C LEU D 374 -27.23 18.86 -10.98
N SER D 375 -28.40 18.31 -10.72
CA SER D 375 -29.23 18.74 -9.61
C SER D 375 -28.91 17.93 -8.37
N GLU D 376 -29.15 18.54 -7.20
CA GLU D 376 -28.87 17.85 -5.94
C GLU D 376 -29.83 16.70 -5.71
N LYS D 377 -31.06 16.83 -6.18
CA LYS D 377 -32.09 15.83 -5.88
C LYS D 377 -31.88 14.51 -6.61
N ALA D 378 -30.90 14.44 -7.51
CA ALA D 378 -30.66 13.19 -8.22
C ALA D 378 -30.25 12.07 -7.28
N PHE D 379 -29.43 12.39 -6.28
CA PHE D 379 -28.79 11.37 -5.45
C PHE D 379 -29.49 11.18 -4.11
N THR D 380 -30.82 11.29 -4.10
CA THR D 380 -31.54 11.21 -2.83
C THR D 380 -31.53 9.80 -2.27
N LYS D 381 -31.82 8.80 -3.11
CA LYS D 381 -32.10 7.47 -2.61
C LYS D 381 -31.14 6.42 -3.16
N LEU D 382 -29.85 6.69 -3.16
CA LEU D 382 -28.87 5.82 -3.77
C LEU D 382 -27.77 5.53 -2.77
N LYS D 383 -27.65 4.27 -2.34
CA LYS D 383 -26.71 3.88 -1.30
C LYS D 383 -25.91 2.67 -1.73
N ASN D 384 -25.61 2.56 -3.03
CA ASN D 384 -24.87 1.42 -3.51
C ASN D 384 -23.81 1.79 -4.52
N LEU D 385 -23.57 3.08 -4.75
CA LEU D 385 -22.63 3.49 -5.76
C LEU D 385 -21.21 3.12 -5.38
N LYS D 386 -20.46 2.63 -6.36
CA LYS D 386 -19.02 2.44 -6.22
C LYS D 386 -18.24 3.13 -7.32
N GLU D 387 -18.88 3.50 -8.41
CA GLU D 387 -18.23 4.15 -9.54
C GLU D 387 -19.09 5.32 -10.01
N LEU D 388 -18.47 6.18 -10.81
CA LEU D 388 -19.16 7.32 -11.39
C LEU D 388 -18.30 7.85 -12.51
N HIS D 389 -18.86 7.97 -13.71
CA HIS D 389 -18.08 8.29 -14.90
C HIS D 389 -18.77 9.42 -15.65
N LEU D 390 -18.16 10.60 -15.60
CA LEU D 390 -18.71 11.82 -16.18
C LEU D 390 -17.70 12.48 -17.10
N GLU D 391 -16.92 11.66 -17.80
CA GLU D 391 -15.79 12.13 -18.60
C GLU D 391 -16.22 13.05 -19.72
N ASN D 392 -15.84 14.31 -19.64
CA ASN D 392 -16.11 15.30 -20.69
C ASN D 392 -17.61 15.45 -20.93
N ASN D 393 -18.31 15.89 -19.88
CA ASN D 393 -19.76 15.98 -19.92
C ASN D 393 -20.27 17.41 -19.93
N GLN D 394 -19.40 18.40 -20.14
CA GLN D 394 -19.78 19.81 -20.19
C GLN D 394 -20.30 20.29 -18.83
N LEU D 395 -19.71 19.80 -17.76
CA LEU D 395 -20.06 20.27 -16.43
C LEU D 395 -19.46 21.64 -16.18
N GLN D 396 -20.07 22.38 -15.26
CA GLN D 396 -19.56 23.68 -14.87
C GLN D 396 -19.26 23.80 -13.39
N THR D 397 -20.05 23.16 -12.54
CA THR D 397 -19.86 23.26 -11.09
C THR D 397 -20.48 22.04 -10.44
N ILE D 398 -20.32 21.95 -9.13
CA ILE D 398 -20.84 20.85 -8.32
C ILE D 398 -21.76 21.44 -7.27
N PRO D 399 -23.01 20.97 -7.16
CA PRO D 399 -23.83 21.39 -6.02
C PRO D 399 -23.18 20.94 -4.72
N GLN D 400 -23.23 21.81 -3.71
CA GLN D 400 -22.55 21.52 -2.46
C GLN D 400 -23.12 20.27 -1.80
N PHE D 401 -24.44 20.15 -1.75
CA PHE D 401 -25.07 18.97 -1.17
C PHE D 401 -25.41 17.94 -2.25
N LEU D 402 -24.43 17.62 -3.08
CA LEU D 402 -24.65 16.65 -4.14
C LEU D 402 -24.53 15.21 -3.64
N PHE D 403 -23.59 14.96 -2.72
CA PHE D 403 -23.34 13.62 -2.22
C PHE D 403 -23.93 13.40 -0.84
N SER D 404 -24.95 14.17 -0.47
CA SER D 404 -25.55 14.03 0.84
C SER D 404 -26.15 12.63 1.01
N GLY D 405 -26.83 12.12 0.00
CA GLY D 405 -27.49 10.84 0.10
C GLY D 405 -26.76 9.69 -0.54
N THR D 406 -25.46 9.84 -0.78
CA THR D 406 -24.65 8.81 -1.43
C THR D 406 -23.35 8.60 -0.67
N PRO D 407 -23.43 7.98 0.51
CA PRO D 407 -22.20 7.79 1.31
C PRO D 407 -21.42 6.54 0.93
N LYS D 408 -22.11 5.56 0.35
CA LYS D 408 -21.47 4.29 0.04
C LYS D 408 -20.48 4.37 -1.11
N LEU D 409 -20.25 5.56 -1.65
CA LEU D 409 -19.37 5.68 -2.81
C LEU D 409 -17.96 5.25 -2.47
N GLU D 410 -17.28 4.71 -3.46
CA GLU D 410 -15.88 4.35 -3.31
C GLU D 410 -14.96 5.01 -4.32
N GLU D 411 -15.37 5.10 -5.57
CA GLU D 411 -14.53 5.65 -6.62
C GLU D 411 -15.32 6.57 -7.52
N ILE D 412 -14.70 7.69 -7.87
CA ILE D 412 -15.22 8.65 -8.83
C ILE D 412 -14.26 8.74 -10.00
N TYR D 413 -14.80 8.63 -11.21
CA TYR D 413 -14.02 8.83 -12.41
C TYR D 413 -14.61 10.05 -13.09
N MET D 414 -14.20 11.23 -12.61
CA MET D 414 -14.64 12.47 -13.22
C MET D 414 -13.81 12.71 -14.48
N GLN D 415 -12.51 12.41 -14.40
CA GLN D 415 -11.66 12.16 -15.56
C GLN D 415 -11.48 13.36 -16.47
N ASN D 416 -11.31 13.08 -17.76
CA ASN D 416 -11.21 14.14 -18.74
C ASN D 416 -12.48 14.97 -18.74
N ASN D 417 -12.32 16.28 -18.87
CA ASN D 417 -13.40 17.21 -18.59
C ASN D 417 -13.41 18.28 -19.68
N GLN D 418 -14.15 18.00 -20.75
CA GLN D 418 -14.28 18.97 -21.83
C GLN D 418 -15.17 20.09 -21.32
N LEU D 419 -14.75 20.70 -20.22
CA LEU D 419 -15.61 21.52 -19.39
C LEU D 419 -14.72 22.27 -18.39
N ALA D 420 -15.36 22.92 -17.41
CA ALA D 420 -14.64 23.70 -16.42
C ALA D 420 -15.25 23.44 -15.05
N LEU D 421 -14.42 23.63 -14.02
CA LEU D 421 -14.84 23.49 -12.63
C LEU D 421 -14.01 24.45 -11.78
N HIS D 422 -14.68 25.40 -11.13
CA HIS D 422 -14.00 26.36 -10.26
C HIS D 422 -13.67 25.66 -8.95
N ALA D 423 -12.45 25.13 -8.87
CA ALA D 423 -12.00 24.45 -7.66
C ALA D 423 -11.12 25.39 -6.84
N ASN D 424 -11.72 26.49 -6.39
CA ASN D 424 -11.02 27.42 -5.52
C ASN D 424 -11.67 27.58 -4.16
N SER D 425 -12.96 27.92 -4.14
CA SER D 425 -13.62 28.21 -2.87
C SER D 425 -15.12 27.97 -3.02
N PHE D 426 -15.62 26.91 -2.40
CA PHE D 426 -17.06 26.73 -2.31
C PHE D 426 -17.69 27.79 -1.43
N ILE D 427 -17.06 28.09 -0.29
CA ILE D 427 -17.58 29.04 0.68
C ILE D 427 -16.40 29.83 1.20
N ASN D 428 -16.32 31.11 0.83
CA ASN D 428 -15.21 31.97 1.22
C ASN D 428 -15.68 33.34 1.68
N GLU D 429 -16.92 33.45 2.12
CA GLU D 429 -17.48 34.73 2.52
C GLU D 429 -16.85 35.16 3.85
N GLU D 430 -17.24 36.36 4.29
CA GLU D 430 -16.86 36.79 5.64
C GLU D 430 -17.43 35.84 6.68
N LEU D 431 -18.51 35.15 6.36
CA LEU D 431 -19.10 34.17 7.24
C LEU D 431 -18.45 32.79 7.10
N SER D 432 -17.55 32.62 6.15
CA SER D 432 -16.96 31.32 5.90
C SER D 432 -16.11 30.87 7.09
N ILE D 433 -15.89 29.56 7.17
CA ILE D 433 -15.16 28.93 8.25
C ILE D 433 -13.91 28.29 7.69
N ALA D 434 -12.77 28.59 8.28
CA ALA D 434 -11.49 28.08 7.82
C ALA D 434 -11.21 26.65 8.26
N ASP D 435 -12.19 25.97 8.86
CA ASP D 435 -11.96 24.60 9.33
C ASP D 435 -11.66 23.67 8.15
N ASN D 436 -12.52 23.68 7.14
CA ASN D 436 -12.33 22.86 5.96
C ASN D 436 -13.26 23.39 4.87
N ASP D 437 -12.75 23.44 3.64
CA ASP D 437 -13.60 23.86 2.53
C ASP D 437 -14.81 22.96 2.44
N ASN D 438 -15.99 23.57 2.39
CA ASN D 438 -17.23 22.79 2.46
C ASN D 438 -17.53 22.15 1.13
N THR D 439 -16.57 21.40 0.60
CA THR D 439 -16.77 20.68 -0.66
C THR D 439 -17.64 19.45 -0.42
N PRO D 440 -18.40 19.03 -1.43
CA PRO D 440 -19.24 17.83 -1.28
C PRO D 440 -18.44 16.57 -0.99
N PHE D 441 -17.11 16.62 -1.06
CA PHE D 441 -16.30 15.43 -0.85
C PHE D 441 -16.24 15.00 0.61
N GLN D 442 -16.54 15.91 1.55
CA GLN D 442 -16.45 15.55 2.95
C GLN D 442 -17.36 14.38 3.30
N VAL D 443 -18.51 14.27 2.63
CA VAL D 443 -19.41 13.16 2.90
C VAL D 443 -18.81 11.85 2.42
N LEU D 444 -18.10 11.87 1.29
CA LEU D 444 -17.57 10.65 0.69
C LEU D 444 -16.39 10.17 1.53
N GLN D 445 -16.71 9.44 2.59
CA GLN D 445 -15.68 8.97 3.52
C GLN D 445 -14.82 7.88 2.89
N LYS D 446 -15.46 6.89 2.26
CA LYS D 446 -14.75 5.74 1.75
C LYS D 446 -14.22 5.95 0.33
N LEU D 447 -14.22 7.18 -0.15
CA LEU D 447 -13.73 7.46 -1.49
C LEU D 447 -12.25 7.13 -1.60
N ARG D 448 -11.87 6.48 -2.71
CA ARG D 448 -10.48 6.04 -2.85
C ARG D 448 -9.82 6.51 -4.14
N ILE D 449 -10.58 6.62 -5.22
CA ILE D 449 -10.01 6.89 -6.53
C ILE D 449 -10.74 8.07 -7.15
N LEU D 450 -9.97 9.04 -7.63
CA LEU D 450 -10.53 10.23 -8.26
C LEU D 450 -9.57 10.72 -9.34
N HIS D 451 -10.11 11.09 -10.48
CA HIS D 451 -9.31 11.59 -11.59
C HIS D 451 -9.94 12.86 -12.17
N LEU D 452 -9.13 13.91 -12.29
CA LEU D 452 -9.49 15.09 -13.07
C LEU D 452 -8.23 15.50 -13.82
N ARG D 453 -8.03 14.91 -15.00
CA ARG D 453 -6.83 15.15 -15.77
C ARG D 453 -7.02 16.23 -16.81
N ASN D 454 -8.19 16.86 -16.85
CA ASN D 454 -8.49 17.81 -17.90
C ASN D 454 -9.22 19.05 -17.40
N ASN D 455 -9.69 19.07 -16.16
CA ASN D 455 -10.58 20.11 -15.70
C ASN D 455 -9.80 21.37 -15.33
N SER D 456 -10.55 22.46 -15.17
CA SER D 456 -9.98 23.77 -14.83
C SER D 456 -9.88 23.94 -13.32
N ILE D 457 -9.22 22.98 -12.70
CA ILE D 457 -9.07 23.00 -11.24
C ILE D 457 -8.32 24.25 -10.83
N SER D 458 -8.98 25.10 -10.05
CA SER D 458 -8.32 26.32 -9.59
C SER D 458 -7.20 25.99 -8.60
N THR D 459 -7.48 25.14 -7.62
CA THR D 459 -6.48 24.78 -6.63
C THR D 459 -6.93 23.52 -5.90
N ILE D 460 -6.17 23.12 -4.89
CA ILE D 460 -6.42 21.91 -4.12
C ILE D 460 -7.28 22.25 -2.91
N PHE D 461 -8.16 21.33 -2.54
CA PHE D 461 -8.99 21.49 -1.35
C PHE D 461 -8.43 20.66 -0.20
N GLN D 462 -8.57 21.21 1.02
CA GLN D 462 -7.95 20.61 2.18
C GLN D 462 -8.59 19.27 2.53
N ASP D 463 -9.91 19.17 2.39
CA ASP D 463 -10.65 18.04 2.94
C ASP D 463 -10.20 16.70 2.38
N TRP D 464 -9.55 16.69 1.22
CA TRP D 464 -9.13 15.42 0.64
C TRP D 464 -8.14 14.69 1.54
N TYR D 465 -7.21 15.42 2.15
CA TYR D 465 -6.34 14.82 3.13
C TYR D 465 -6.92 14.90 4.54
N ILE D 466 -8.16 15.34 4.68
CA ILE D 466 -8.78 15.49 5.98
C ILE D 466 -10.01 14.59 6.08
N ASN D 467 -10.99 14.84 5.22
CA ASN D 467 -12.27 14.14 5.29
C ASN D 467 -12.32 12.91 4.41
N ASN D 468 -11.25 12.60 3.67
CA ASN D 468 -11.21 11.43 2.80
C ASN D 468 -9.93 10.67 3.11
N LEU D 469 -9.97 9.82 4.12
CA LEU D 469 -8.79 9.05 4.51
C LEU D 469 -8.57 7.84 3.62
N GLU D 470 -9.52 7.50 2.77
CA GLU D 470 -9.37 6.36 1.88
C GLU D 470 -8.77 6.73 0.54
N MET D 471 -8.40 7.99 0.35
CA MET D 471 -7.83 8.43 -0.92
C MET D 471 -6.60 7.60 -1.26
N GLN D 472 -6.56 7.06 -2.48
CA GLN D 472 -5.42 6.27 -2.92
C GLN D 472 -4.77 6.85 -4.18
N SER D 473 -5.57 7.19 -5.18
CA SER D 473 -5.04 7.64 -6.45
C SER D 473 -5.73 8.92 -6.87
N LEU D 474 -4.96 9.86 -7.42
CA LEU D 474 -5.50 11.14 -7.80
C LEU D 474 -4.64 11.73 -8.91
N ASP D 475 -5.29 12.39 -9.87
CA ASP D 475 -4.61 13.06 -10.96
C ASP D 475 -5.15 14.47 -11.10
N LEU D 476 -4.24 15.41 -11.39
CA LEU D 476 -4.62 16.77 -11.71
C LEU D 476 -3.80 17.30 -12.87
N SER D 477 -3.30 16.42 -13.72
CA SER D 477 -2.50 16.86 -14.85
C SER D 477 -3.34 17.74 -15.77
N PHE D 478 -2.66 18.63 -16.48
CA PHE D 478 -3.30 19.55 -17.43
C PHE D 478 -4.42 20.35 -16.77
N ASN D 479 -4.25 20.66 -15.50
CA ASN D 479 -5.20 21.47 -14.77
C ASN D 479 -4.56 22.81 -14.45
N LYS D 480 -5.23 23.60 -13.61
CA LYS D 480 -4.83 24.98 -13.41
C LYS D 480 -4.43 25.26 -11.96
N LEU D 481 -3.60 24.41 -11.38
CA LEU D 481 -3.13 24.61 -10.02
C LEU D 481 -1.89 25.50 -10.03
N PRO D 482 -1.95 26.69 -9.44
CA PRO D 482 -0.81 27.62 -9.52
C PRO D 482 0.39 27.18 -8.70
N GLY D 483 0.17 26.90 -7.41
CA GLY D 483 1.26 26.64 -6.50
C GLY D 483 0.98 25.42 -5.64
N LEU D 484 1.89 25.14 -4.73
CA LEU D 484 1.77 23.98 -3.85
C LEU D 484 2.57 24.23 -2.58
N SER D 485 2.03 23.76 -1.45
CA SER D 485 2.68 23.87 -0.16
C SER D 485 2.54 22.56 0.60
N TYR D 486 3.43 22.38 1.57
CA TYR D 486 3.43 21.16 2.37
C TYR D 486 2.10 20.96 3.10
N THR D 487 1.44 22.04 3.49
CA THR D 487 0.16 21.93 4.17
C THR D 487 -0.93 21.32 3.31
N GLN D 488 -0.68 21.21 2.00
CA GLN D 488 -1.61 20.57 1.09
C GLN D 488 -1.25 19.12 0.84
N LEU D 489 -0.49 18.49 1.74
CA LEU D 489 0.04 17.15 1.50
C LEU D 489 -0.19 16.16 2.64
N GLN D 490 -0.79 16.58 3.76
CA GLN D 490 -0.88 15.71 4.92
C GLN D 490 -1.93 14.64 4.71
N PHE D 491 -1.65 13.68 3.83
CA PHE D 491 -2.65 12.70 3.42
C PHE D 491 -2.60 11.40 4.21
N GLN D 492 -1.45 11.08 4.80
CA GLN D 492 -1.29 9.90 5.66
C GLN D 492 -1.75 8.62 4.95
N SER D 493 -1.41 8.51 3.67
CA SER D 493 -1.75 7.32 2.91
C SER D 493 -0.83 7.24 1.70
N ASN D 494 -0.60 6.01 1.24
CA ASN D 494 0.21 5.80 0.04
C ASN D 494 -0.60 6.27 -1.16
N ILE D 495 -0.35 7.50 -1.59
CA ILE D 495 -1.12 8.11 -2.66
C ILE D 495 -0.18 8.53 -3.77
N THR D 496 -0.51 8.13 -4.99
CA THR D 496 0.19 8.61 -6.16
C THR D 496 -0.52 9.84 -6.70
N LEU D 497 0.26 10.81 -7.17
CA LEU D 497 -0.28 12.09 -7.58
C LEU D 497 0.29 12.47 -8.94
N ASN D 498 -0.56 12.99 -9.81
CA ASN D 498 -0.16 13.44 -11.14
C ASN D 498 -0.56 14.89 -11.30
N LEU D 499 0.42 15.79 -11.17
CA LEU D 499 0.19 17.21 -11.33
C LEU D 499 1.03 17.81 -12.46
N SER D 500 1.62 16.97 -13.30
CA SER D 500 2.46 17.44 -14.37
C SER D 500 1.64 18.27 -15.35
N ASN D 501 2.34 19.14 -16.08
CA ASN D 501 1.76 20.00 -17.09
C ASN D 501 0.77 21.00 -16.48
N ASN D 502 0.63 20.98 -15.16
CA ASN D 502 -0.12 22.02 -14.49
C ASN D 502 0.75 23.26 -14.35
N GLU D 503 0.10 24.40 -14.12
CA GLU D 503 0.85 25.66 -14.10
C GLU D 503 1.53 25.88 -12.75
N ILE D 504 2.24 24.87 -12.26
CA ILE D 504 2.96 25.02 -11.00
C ILE D 504 4.12 25.97 -11.23
N SER D 505 4.03 27.16 -10.65
CA SER D 505 5.06 28.16 -10.80
C SER D 505 6.10 28.11 -9.69
N GLN D 506 5.68 27.78 -8.47
CA GLN D 506 6.58 27.68 -7.35
C GLN D 506 6.02 26.68 -6.35
N VAL D 507 6.90 26.16 -5.51
CA VAL D 507 6.51 25.25 -4.45
C VAL D 507 7.22 25.68 -3.17
N LEU D 508 6.62 25.33 -2.03
CA LEU D 508 7.14 25.68 -0.72
C LEU D 508 7.17 24.44 0.14
N LEU D 509 8.37 23.92 0.39
CA LEU D 509 8.56 22.76 1.24
C LEU D 509 9.44 23.13 2.42
N ILE D 510 8.96 22.82 3.62
CA ILE D 510 9.79 23.01 4.81
C ILE D 510 10.93 21.99 4.79
N ASP D 511 12.08 22.40 5.31
CA ASP D 511 13.23 21.50 5.35
C ASP D 511 12.94 20.28 6.22
N ASP D 512 12.29 20.49 7.36
CA ASP D 512 11.95 19.40 8.27
C ASP D 512 10.75 18.66 7.69
N LEU D 513 11.02 17.68 6.85
CA LEU D 513 9.97 16.87 6.23
C LEU D 513 9.45 15.87 7.26
N ASP D 514 8.19 16.02 7.65
CA ASP D 514 7.55 15.11 8.58
C ASP D 514 6.63 14.17 7.79
N LEU D 515 6.84 12.87 7.94
CA LEU D 515 6.06 11.87 7.22
C LEU D 515 5.58 10.80 8.19
N GLN D 516 4.38 10.30 7.93
CA GLN D 516 3.94 9.10 8.60
C GLN D 516 4.84 7.94 8.17
N PRO D 517 5.15 7.01 9.07
CA PRO D 517 6.01 5.88 8.69
C PRO D 517 5.39 5.10 7.55
N TYR D 518 6.22 4.73 6.58
CA TYR D 518 5.80 3.95 5.43
C TYR D 518 4.69 4.66 4.66
N GLN D 519 4.87 5.96 4.45
CA GLN D 519 3.94 6.76 3.66
C GLN D 519 4.58 6.98 2.30
N ARG D 520 4.31 6.07 1.37
CA ARG D 520 4.89 6.13 0.03
C ARG D 520 4.01 7.02 -0.84
N ILE D 521 4.44 8.26 -1.03
CA ILE D 521 3.72 9.23 -1.85
C ILE D 521 4.55 9.53 -3.08
N ASN D 522 3.94 9.43 -4.25
CA ASN D 522 4.62 9.64 -5.51
C ASN D 522 3.87 10.71 -6.28
N VAL D 523 4.59 11.74 -6.71
CA VAL D 523 3.98 12.91 -7.34
C VAL D 523 4.68 13.16 -8.66
N ASP D 524 3.92 13.45 -9.70
CA ASP D 524 4.47 13.69 -11.03
C ASP D 524 4.52 15.18 -11.30
N LEU D 525 5.73 15.71 -11.47
CA LEU D 525 5.94 17.13 -11.75
C LEU D 525 6.78 17.23 -13.02
N ASN D 526 6.12 17.49 -14.15
CA ASN D 526 6.82 17.71 -15.40
C ASN D 526 6.07 18.74 -16.20
N HIS D 527 6.82 19.51 -16.99
CA HIS D 527 6.25 20.54 -17.86
C HIS D 527 5.45 21.56 -17.04
N ASN D 528 6.05 22.00 -15.94
CA ASN D 528 5.45 22.99 -15.07
C ASN D 528 6.35 24.22 -15.01
N PRO D 529 5.81 25.41 -15.26
CA PRO D 529 6.67 26.60 -15.35
C PRO D 529 7.25 27.00 -14.00
N LEU D 530 8.24 26.25 -13.53
CA LEU D 530 8.69 26.37 -12.15
C LEU D 530 9.69 27.51 -12.01
N ASN D 531 9.35 28.47 -11.15
CA ASN D 531 10.36 29.41 -10.66
C ASN D 531 11.31 28.69 -9.72
N CYS D 532 12.56 29.15 -9.70
CA CYS D 532 13.60 28.42 -9.00
C CYS D 532 14.30 29.32 -7.99
N ASN D 533 15.15 28.68 -7.18
CA ASN D 533 15.76 29.25 -5.99
C ASN D 533 14.74 29.66 -4.94
N CYS D 534 13.92 30.66 -5.27
CA CYS D 534 13.04 31.29 -4.31
C CYS D 534 12.27 30.27 -3.49
N ASN D 535 12.57 30.19 -2.19
CA ASN D 535 11.90 29.28 -1.26
C ASN D 535 11.93 27.83 -1.75
N ALA D 536 12.77 27.52 -2.73
CA ALA D 536 12.82 26.19 -3.32
C ALA D 536 14.11 25.46 -2.99
N LEU D 537 15.07 26.12 -2.32
CA LEU D 537 16.34 25.49 -2.00
C LEU D 537 16.13 24.24 -1.15
N LYS D 538 15.28 24.34 -0.13
CA LYS D 538 14.93 23.17 0.66
C LYS D 538 14.32 22.10 -0.23
N PHE D 539 13.38 22.48 -1.08
CA PHE D 539 12.84 21.53 -2.04
C PHE D 539 13.93 21.02 -2.98
N ILE D 540 14.81 21.91 -3.43
CA ILE D 540 15.82 21.52 -4.41
C ILE D 540 16.70 20.42 -3.85
N GLN D 541 17.22 20.61 -2.65
CA GLN D 541 18.00 19.56 -2.01
C GLN D 541 17.16 18.36 -1.64
N LEU D 542 15.85 18.56 -1.43
CA LEU D 542 14.97 17.42 -1.19
C LEU D 542 14.91 16.51 -2.42
N ILE D 543 14.87 17.10 -3.61
CA ILE D 543 14.82 16.32 -4.84
C ILE D 543 16.22 16.05 -5.38
N GLN D 544 17.04 17.09 -5.54
CA GLN D 544 18.41 16.88 -5.97
C GLN D 544 19.17 16.16 -4.86
N SER D 545 19.89 15.11 -5.24
CA SER D 545 20.58 14.25 -4.28
C SER D 545 19.60 13.71 -3.24
N LYS D 546 18.42 13.32 -3.69
CA LYS D 546 17.44 12.68 -2.82
C LYS D 546 17.96 11.30 -2.44
N ALA D 547 18.18 11.06 -1.15
CA ALA D 547 18.71 9.78 -0.71
C ALA D 547 17.62 8.73 -0.58
N GLU D 548 16.67 8.95 0.32
CA GLU D 548 15.58 7.99 0.55
C GLU D 548 14.50 8.67 1.36
N HIS D 549 13.27 8.63 0.86
CA HIS D 549 12.13 9.21 1.57
C HIS D 549 10.86 8.58 1.04
N GLY D 550 9.78 8.76 1.79
CA GLY D 550 8.47 8.31 1.34
C GLY D 550 7.87 9.13 0.24
N LEU D 551 8.54 10.19 -0.19
CA LEU D 551 8.06 11.06 -1.25
C LEU D 551 8.88 10.84 -2.51
N GLN D 552 8.19 10.62 -3.62
CA GLN D 552 8.83 10.33 -4.90
C GLN D 552 8.29 11.30 -5.94
N PHE D 553 9.14 11.70 -6.87
CA PHE D 553 8.83 12.81 -7.76
C PHE D 553 9.24 12.47 -9.18
N ASN D 554 8.25 12.27 -10.05
CA ASN D 554 8.49 12.06 -11.47
C ASN D 554 8.80 13.42 -12.08
N VAL D 555 10.08 13.77 -12.07
CA VAL D 555 10.53 15.09 -12.49
C VAL D 555 11.47 15.01 -13.68
N ASP D 556 11.43 13.90 -14.43
CA ASP D 556 12.32 13.75 -15.57
C ASP D 556 12.07 14.80 -16.64
N GLN D 557 10.80 15.10 -16.92
CA GLN D 557 10.43 16.01 -18.00
C GLN D 557 10.08 17.38 -17.47
N LEU D 558 10.79 17.82 -16.42
CA LEU D 558 10.61 19.14 -15.83
C LEU D 558 11.86 19.97 -16.05
N ARG D 559 11.70 21.29 -16.02
CA ARG D 559 12.81 22.21 -16.26
C ARG D 559 12.51 23.56 -15.64
N CYS D 560 13.54 24.21 -15.11
CA CYS D 560 13.40 25.55 -14.56
C CYS D 560 12.94 26.53 -15.64
N SER D 561 12.07 27.45 -15.25
CA SER D 561 11.52 28.43 -16.18
C SER D 561 11.91 29.86 -15.83
N GLU D 562 11.60 30.31 -14.61
CA GLU D 562 11.73 31.73 -14.29
C GLU D 562 13.17 32.24 -14.33
N PRO D 563 14.14 31.63 -13.67
CA PRO D 563 15.51 32.18 -13.68
C PRO D 563 16.10 32.16 -15.07
N PRO D 564 16.35 33.33 -15.67
CA PRO D 564 16.91 33.34 -17.02
C PRO D 564 18.25 32.66 -17.12
N ASN D 565 19.09 32.77 -16.08
CA ASN D 565 20.36 32.06 -16.08
C ASN D 565 20.13 30.56 -16.12
N LEU D 566 19.21 30.06 -15.29
CA LEU D 566 18.85 28.65 -15.29
C LEU D 566 17.60 28.43 -16.14
N LEU D 567 17.68 28.84 -17.40
CA LEU D 567 16.57 28.71 -18.31
C LEU D 567 16.50 27.29 -18.85
N ASP D 568 15.35 26.64 -18.65
CA ASP D 568 15.08 25.28 -19.14
C ASP D 568 16.11 24.27 -18.61
N ALA D 569 16.86 24.63 -17.58
CA ALA D 569 17.91 23.77 -17.07
C ALA D 569 17.31 22.61 -16.28
N THR D 570 17.92 21.44 -16.44
CA THR D 570 17.53 20.29 -15.62
C THR D 570 17.87 20.55 -14.16
N MET D 571 16.97 20.13 -13.28
CA MET D 571 17.14 20.44 -11.85
C MET D 571 18.23 19.58 -11.23
N ASP D 572 18.30 18.31 -11.63
CA ASP D 572 19.24 17.38 -10.99
C ASP D 572 20.68 17.87 -11.15
N GLN D 573 21.05 18.28 -12.36
CA GLN D 573 22.38 18.84 -12.56
C GLN D 573 22.55 20.19 -11.91
N LEU D 574 21.47 20.82 -11.44
CA LEU D 574 21.54 22.13 -10.82
C LEU D 574 21.68 21.99 -9.31
N GLN D 575 22.23 23.02 -8.69
CA GLN D 575 22.51 23.01 -7.26
C GLN D 575 22.24 24.38 -6.68
N THR D 576 22.00 24.40 -5.36
CA THR D 576 21.64 25.64 -4.67
C THR D 576 22.75 26.68 -4.78
N LYS D 577 24.01 26.24 -4.87
CA LYS D 577 25.10 27.19 -5.05
C LYS D 577 24.91 28.04 -6.29
N ASP D 578 24.17 27.53 -7.27
CA ASP D 578 23.82 28.29 -8.45
C ASP D 578 22.56 29.12 -8.26
N LEU D 579 21.84 28.94 -7.16
CA LEU D 579 20.51 29.49 -6.98
C LEU D 579 20.56 30.75 -6.14
N LEU D 580 19.94 31.81 -6.64
CA LEU D 580 19.75 33.04 -5.87
C LEU D 580 18.60 33.81 -6.48
N CYS D 581 17.88 34.55 -5.64
CA CYS D 581 16.79 35.38 -6.15
C CYS D 581 16.49 36.47 -5.12
N ASP D 582 15.78 37.49 -5.60
CA ASP D 582 15.56 38.72 -4.85
C ASP D 582 14.10 39.12 -4.98
N PHE D 583 13.37 39.10 -3.87
CA PHE D 583 12.00 39.59 -3.89
C PHE D 583 11.65 40.37 -2.62
N GLU D 584 12.63 41.04 -2.02
CA GLU D 584 12.39 41.90 -0.87
C GLU D 584 12.24 43.37 -1.24
N SER D 585 12.46 43.72 -2.51
CA SER D 585 12.24 45.05 -3.07
C SER D 585 13.08 46.14 -2.41
N ALA D 586 14.05 45.76 -1.58
CA ALA D 586 14.87 46.77 -0.93
C ALA D 586 15.73 47.50 -1.96
N ASP D 587 15.95 48.78 -1.71
CA ASP D 587 16.79 49.61 -2.59
C ASP D 587 18.24 49.63 -2.13
N ASP D 588 18.70 48.56 -1.48
CA ASP D 588 20.02 48.57 -0.87
C ASP D 588 21.12 48.75 -1.92
N CYS D 589 21.01 48.07 -3.05
CA CYS D 589 22.06 48.15 -4.04
C CYS D 589 22.09 49.54 -4.67
N PRO D 590 23.27 50.03 -5.03
CA PRO D 590 23.37 51.39 -5.60
C PRO D 590 22.72 51.53 -6.96
N LYS D 591 22.42 50.41 -7.64
CA LYS D 591 21.83 50.35 -8.96
C LYS D 591 22.77 50.82 -10.06
N ASP D 592 23.97 51.29 -9.71
CA ASP D 592 24.96 51.67 -10.70
C ASP D 592 25.66 50.46 -11.31
N CYS D 593 25.36 49.26 -10.82
CA CYS D 593 26.01 48.04 -11.25
C CYS D 593 24.95 46.93 -11.26
N GLN D 594 25.41 45.68 -11.35
CA GLN D 594 24.49 44.57 -11.16
C GLN D 594 23.87 44.61 -9.76
N CYS D 595 24.67 45.00 -8.77
CA CYS D 595 24.23 45.30 -7.42
C CYS D 595 23.29 44.22 -6.86
N ALA D 596 23.86 43.03 -6.71
CA ALA D 596 23.11 41.96 -6.06
C ALA D 596 22.81 42.33 -4.61
N MET D 597 21.64 41.90 -4.14
CA MET D 597 21.32 41.99 -2.72
C MET D 597 20.57 40.73 -2.32
N ARG D 598 20.52 39.74 -3.21
CA ARG D 598 19.77 38.50 -3.07
C ARG D 598 20.26 37.68 -1.90
N LEU D 599 19.59 36.56 -1.62
CA LEU D 599 20.00 35.63 -0.59
C LEU D 599 20.47 34.35 -1.29
N LEU D 600 21.74 34.35 -1.69
CA LEU D 600 22.31 33.18 -2.34
C LEU D 600 22.53 32.08 -1.31
N ASP D 601 21.55 31.18 -1.18
CA ASP D 601 21.66 30.04 -0.29
C ASP D 601 22.05 30.48 1.13
N HIS D 602 21.08 31.15 1.77
CA HIS D 602 21.21 31.64 3.14
C HIS D 602 22.41 32.57 3.31
N THR D 603 22.75 33.29 2.24
CA THR D 603 23.92 34.16 2.27
C THR D 603 23.64 35.38 1.41
N VAL D 604 23.67 36.56 2.05
CA VAL D 604 23.50 37.79 1.29
C VAL D 604 24.65 37.94 0.31
N ILE D 605 24.31 38.31 -0.92
CA ILE D 605 25.29 38.43 -1.99
C ILE D 605 25.13 39.79 -2.64
N VAL D 606 26.26 40.45 -2.90
CA VAL D 606 26.29 41.72 -3.60
C VAL D 606 27.30 41.63 -4.73
N ASN D 607 26.85 41.97 -5.95
CA ASN D 607 27.70 41.92 -7.14
C ASN D 607 27.63 43.28 -7.81
N CYS D 608 28.62 44.14 -7.51
CA CYS D 608 28.69 45.46 -8.13
C CYS D 608 29.72 45.52 -9.24
N SER D 609 29.98 44.38 -9.89
CA SER D 609 30.91 44.35 -11.01
C SER D 609 30.40 45.09 -12.24
N GLY D 610 29.23 45.72 -12.15
CA GLY D 610 28.66 46.43 -13.28
C GLY D 610 29.35 47.75 -13.56
N ARG D 611 30.60 47.68 -14.04
CA ARG D 611 31.35 48.85 -14.46
C ARG D 611 31.51 49.86 -13.31
N GLY D 612 31.89 49.36 -12.15
CA GLY D 612 32.19 50.21 -11.03
C GLY D 612 33.30 51.20 -11.33
N LEU D 613 33.07 52.46 -11.01
CA LEU D 613 34.07 53.49 -11.28
C LEU D 613 35.26 53.32 -10.34
N THR D 614 36.38 53.92 -10.73
CA THR D 614 37.60 53.86 -9.91
C THR D 614 37.37 54.54 -8.57
N GLU D 615 37.85 53.91 -7.51
CA GLU D 615 37.71 54.41 -6.14
C GLU D 615 36.24 54.55 -5.75
N PHE D 616 35.37 53.79 -6.41
CA PHE D 616 33.98 53.75 -5.99
C PHE D 616 33.90 53.12 -4.60
N PRO D 617 33.12 53.68 -3.68
CA PRO D 617 33.01 53.09 -2.35
C PRO D 617 32.59 51.64 -2.43
N ASP D 618 33.32 50.78 -1.71
CA ASP D 618 33.10 49.35 -1.78
C ASP D 618 31.69 49.00 -1.33
N LEU D 619 31.26 49.56 -0.21
CA LEU D 619 29.93 49.31 0.35
C LEU D 619 29.25 50.63 0.63
N PRO D 620 28.81 51.34 -0.41
CA PRO D 620 28.08 52.59 -0.18
C PRO D 620 26.82 52.39 0.63
N ILE D 621 26.15 51.25 0.45
CA ILE D 621 24.97 50.91 1.25
C ILE D 621 25.14 49.47 1.75
N PRO D 622 25.86 49.26 2.84
CA PRO D 622 25.97 47.91 3.39
C PRO D 622 24.63 47.39 3.88
N SER D 623 24.47 46.08 3.82
CA SER D 623 23.24 45.45 4.26
C SER D 623 23.21 45.35 5.77
N GLN D 624 22.06 45.70 6.36
CA GLN D 624 21.86 45.44 7.79
C GLN D 624 21.76 43.96 8.10
N LEU D 625 21.58 43.11 7.08
CA LEU D 625 21.50 41.67 7.25
C LEU D 625 20.37 41.27 8.19
N HIS D 626 19.37 42.13 8.31
CA HIS D 626 18.20 41.85 9.13
C HIS D 626 17.46 40.63 8.59
N GLU D 627 16.81 39.90 9.50
CA GLU D 627 16.01 38.70 9.20
C GLU D 627 16.71 37.75 8.25
N ASP D 628 18.03 37.82 8.21
CA ASP D 628 18.81 37.09 7.22
C ASP D 628 20.16 36.76 7.85
N PHE D 629 21.13 36.46 7.01
CA PHE D 629 22.44 35.98 7.45
C PHE D 629 23.49 37.02 7.11
N ASN D 630 24.45 37.18 8.02
CA ASN D 630 25.47 38.21 7.86
C ASN D 630 26.54 37.83 6.85
N ALA D 631 26.53 36.59 6.34
CA ALA D 631 27.47 36.21 5.30
C ALA D 631 27.24 37.07 4.06
N LEU D 632 28.19 37.94 3.74
CA LEU D 632 28.03 38.87 2.63
C LEU D 632 29.24 38.81 1.71
N GLU D 633 28.98 38.94 0.42
CA GLU D 633 30.00 38.91 -0.61
C GLU D 633 29.86 40.16 -1.47
N VAL D 634 30.99 40.69 -1.93
CA VAL D 634 31.00 41.84 -2.81
C VAL D 634 31.79 41.49 -4.06
N HIS D 635 31.23 41.84 -5.21
CA HIS D 635 31.85 41.54 -6.51
C HIS D 635 31.98 42.84 -7.29
N VAL D 636 33.14 43.46 -7.21
CA VAL D 636 33.47 44.64 -8.02
C VAL D 636 34.74 44.30 -8.79
N GLU D 637 34.56 43.73 -9.97
CA GLU D 637 35.67 43.29 -10.80
C GLU D 637 35.33 43.61 -12.24
N ASN D 638 36.30 43.39 -13.12
CA ASN D 638 36.26 43.88 -14.50
C ASN D 638 36.10 45.39 -14.56
N ASN D 639 36.27 46.06 -13.42
CA ASN D 639 36.03 47.49 -13.29
C ASN D 639 37.36 48.17 -13.02
N ARG D 640 37.65 49.22 -13.78
CA ARG D 640 38.90 49.94 -13.65
C ARG D 640 38.90 50.72 -12.35
N LEU D 641 39.57 50.18 -11.33
CA LEU D 641 39.87 50.91 -10.11
C LEU D 641 41.37 50.76 -9.86
N THR D 642 42.17 51.63 -10.46
CA THR D 642 43.61 51.59 -10.22
C THR D 642 43.92 51.85 -8.75
N LYS D 643 42.98 52.40 -8.01
CA LYS D 643 43.04 52.46 -6.56
C LYS D 643 41.64 52.23 -6.01
N LEU D 644 41.50 51.22 -5.17
CA LEU D 644 40.24 50.96 -4.50
C LEU D 644 40.02 51.98 -3.39
N PRO D 645 38.79 52.12 -2.88
CA PRO D 645 38.57 53.05 -1.76
C PRO D 645 39.39 52.69 -0.54
N ASN D 646 39.67 51.40 -0.33
CA ASN D 646 40.49 50.90 0.77
C ASN D 646 40.14 51.56 2.09
N LEU D 647 38.86 51.88 2.27
CA LEU D 647 38.41 52.51 3.52
C LEU D 647 36.98 52.06 3.75
N THR D 648 36.77 51.25 4.78
CA THR D 648 35.44 50.75 5.09
C THR D 648 35.46 50.19 6.50
N LYS D 649 34.58 50.71 7.35
CA LYS D 649 34.47 50.19 8.70
C LYS D 649 34.14 48.71 8.67
N HIS D 650 34.38 48.04 9.79
CA HIS D 650 34.13 46.60 9.85
C HIS D 650 32.69 46.32 9.46
N ASN D 651 32.52 45.54 8.41
CA ASN D 651 31.20 45.12 7.96
C ASN D 651 31.18 43.62 7.83
N GLU D 652 30.02 43.04 8.17
CA GLU D 652 29.88 41.58 8.24
C GLU D 652 29.87 41.04 6.83
N ILE D 653 31.08 40.80 6.32
CA ILE D 653 31.27 40.22 5.00
C ILE D 653 32.33 39.13 5.11
N THR D 654 32.33 38.24 4.14
CA THR D 654 33.26 37.12 4.12
C THR D 654 33.92 36.94 2.75
N GLN D 655 33.70 37.86 1.81
CA GLN D 655 34.08 37.61 0.44
C GLN D 655 34.17 38.93 -0.32
N LEU D 656 35.29 39.15 -0.99
CA LEU D 656 35.52 40.38 -1.73
C LEU D 656 36.13 40.05 -3.09
N TYR D 657 35.84 40.89 -4.08
CA TYR D 657 36.38 40.71 -5.42
C TYR D 657 36.78 42.04 -6.02
N ALA D 658 37.96 42.06 -6.63
CA ALA D 658 38.46 43.28 -7.27
C ALA D 658 39.45 42.86 -8.36
N ARG D 659 38.99 42.87 -9.61
CA ARG D 659 39.83 42.53 -10.76
C ARG D 659 39.71 43.62 -11.81
N ASN D 660 40.65 43.60 -12.75
CA ASN D 660 40.77 44.63 -13.79
C ASN D 660 40.85 46.01 -13.16
N ASN D 661 41.64 46.10 -12.09
CA ASN D 661 41.77 47.31 -11.28
C ASN D 661 43.21 47.35 -10.76
N SER D 662 43.46 48.14 -9.72
CA SER D 662 44.78 48.13 -9.10
C SER D 662 44.68 48.69 -7.69
N ILE D 663 45.78 48.55 -6.96
CA ILE D 663 45.86 48.96 -5.56
C ILE D 663 47.26 49.49 -5.29
N GLN D 664 47.37 50.41 -4.34
CA GLN D 664 48.65 50.95 -3.89
C GLN D 664 48.97 50.64 -2.43
N ASN D 665 47.96 50.52 -1.57
CA ASN D 665 48.17 50.24 -0.16
C ASN D 665 46.88 49.69 0.42
N LEU D 666 46.87 49.45 1.73
CA LEU D 666 45.70 48.89 2.38
C LEU D 666 45.64 49.39 3.82
N LEU D 667 44.42 49.49 4.35
CA LEU D 667 44.18 49.96 5.70
C LEU D 667 43.60 48.85 6.56
N PRO D 668 44.12 48.65 7.77
CA PRO D 668 43.54 47.62 8.64
C PRO D 668 42.10 47.89 8.99
N HIS D 669 41.72 49.16 9.15
CA HIS D 669 40.34 49.51 9.44
C HIS D 669 39.44 49.10 8.28
N ASN D 670 39.95 49.21 7.06
CA ASN D 670 39.14 48.87 5.90
C ASN D 670 38.81 47.38 5.84
N ILE D 671 39.69 46.54 6.37
CA ILE D 671 39.58 45.09 6.21
C ILE D 671 39.04 44.50 7.52
N PRO D 672 37.81 43.99 7.54
CA PRO D 672 37.36 43.20 8.70
C PRO D 672 38.08 41.86 8.73
N SER D 673 38.16 41.29 9.92
CA SER D 673 38.87 40.03 10.14
C SER D 673 37.97 38.81 9.97
N LYS D 674 36.71 39.00 9.61
CA LYS D 674 35.80 37.89 9.33
C LYS D 674 35.75 37.58 7.84
N LEU D 675 36.84 37.81 7.13
CA LEU D 675 36.87 37.69 5.68
C LEU D 675 37.50 36.37 5.26
N ARG D 676 36.92 35.75 4.25
CA ARG D 676 37.41 34.48 3.73
C ARG D 676 37.93 34.57 2.31
N ILE D 677 37.28 35.31 1.44
CA ILE D 677 37.65 35.38 0.03
C ILE D 677 37.98 36.82 -0.32
N ILE D 678 39.24 37.05 -0.69
CA ILE D 678 39.68 38.34 -1.19
C ILE D 678 40.36 38.11 -2.53
N ASP D 679 39.90 38.81 -3.56
CA ASP D 679 40.34 38.48 -4.91
C ASP D 679 41.73 39.04 -5.19
N LEU D 680 41.84 40.37 -5.25
CA LEU D 680 43.09 41.07 -5.50
C LEU D 680 43.88 40.41 -6.63
N SER D 681 43.18 40.00 -7.69
CA SER D 681 43.80 39.34 -8.83
C SER D 681 43.47 40.12 -10.10
N GLN D 682 44.21 39.81 -11.16
CA GLN D 682 44.10 40.51 -12.44
C GLN D 682 44.33 42.01 -12.30
N ASN D 683 44.85 42.43 -11.15
CA ASN D 683 45.06 43.83 -10.84
C ASN D 683 46.53 44.07 -10.55
N LEU D 684 47.07 45.12 -11.16
CA LEU D 684 48.48 45.43 -11.02
C LEU D 684 48.83 45.75 -9.58
N LEU D 685 49.93 45.19 -9.11
CA LEU D 685 50.49 45.51 -7.80
C LEU D 685 51.99 45.71 -7.99
N LYS D 686 52.37 46.95 -8.28
CA LYS D 686 53.77 47.29 -8.49
C LYS D 686 54.49 47.60 -7.17
N MET D 687 53.91 48.51 -6.39
CA MET D 687 54.54 49.00 -5.18
C MET D 687 54.55 47.92 -4.10
N ILE D 688 55.45 48.10 -3.14
CA ILE D 688 55.55 47.21 -1.99
C ILE D 688 54.52 47.66 -0.95
N ASP D 689 53.45 46.87 -0.80
CA ASP D 689 52.41 47.17 0.18
C ASP D 689 52.90 46.74 1.56
N ASP D 690 53.69 47.61 2.17
CA ASP D 690 54.30 47.29 3.46
C ASP D 690 53.26 47.19 4.56
N SER D 691 52.27 48.08 4.56
CA SER D 691 51.27 48.09 5.62
C SER D 691 50.50 46.77 5.68
N THR D 692 50.33 46.10 4.54
CA THR D 692 49.59 44.84 4.51
C THR D 692 50.24 43.82 5.43
N LEU D 693 51.57 43.72 5.39
CA LEU D 693 52.28 42.80 6.28
C LEU D 693 51.96 43.11 7.73
N ALA D 694 51.86 44.39 8.07
CA ALA D 694 51.40 44.75 9.41
C ALA D 694 49.97 44.30 9.64
N GLN D 695 49.11 44.44 8.62
CA GLN D 695 47.72 44.02 8.72
C GLN D 695 47.52 42.54 8.46
N ILE D 696 48.58 41.80 8.11
CA ILE D 696 48.46 40.37 7.95
C ILE D 696 48.08 39.76 9.30
N ASN D 697 46.91 39.12 9.35
CA ASN D 697 46.35 38.66 10.60
C ASN D 697 45.72 37.29 10.38
N ARG D 698 45.67 36.51 11.46
CA ARG D 698 45.01 35.20 11.44
C ARG D 698 43.51 35.44 11.54
N SER D 699 42.88 35.68 10.40
CA SER D 699 41.48 36.02 10.37
C SER D 699 40.61 34.82 10.73
N SER D 700 39.40 35.11 11.19
CA SER D 700 38.48 34.05 11.62
C SER D 700 38.04 33.21 10.42
N HIS D 701 37.58 33.86 9.36
CA HIS D 701 37.13 33.12 8.19
C HIS D 701 38.32 32.58 7.41
N LEU D 702 38.04 31.58 6.58
CA LEU D 702 39.10 30.89 5.83
C LEU D 702 39.64 31.77 4.74
N GLU D 703 40.71 32.52 5.04
CA GLU D 703 41.29 33.45 4.09
C GLU D 703 41.79 32.71 2.86
N THR D 704 41.47 33.23 1.69
CA THR D 704 41.80 32.62 0.41
C THR D 704 42.31 33.67 -0.58
N ILE D 705 43.27 34.48 -0.13
CA ILE D 705 43.72 35.61 -0.92
C ILE D 705 44.37 35.13 -2.20
N ARG D 706 43.75 35.46 -3.34
CA ARG D 706 44.31 35.15 -4.65
C ARG D 706 45.10 36.33 -5.20
N LEU D 707 46.06 36.82 -4.42
CA LEU D 707 46.84 37.99 -4.82
C LEU D 707 47.58 37.69 -6.11
N SER D 708 47.18 38.35 -7.21
CA SER D 708 47.70 38.02 -8.53
C SER D 708 47.89 39.30 -9.32
N GLN D 709 48.51 39.14 -10.49
CA GLN D 709 48.85 40.26 -11.38
C GLN D 709 49.69 41.30 -10.65
N ASN D 710 50.60 40.84 -9.81
CA ASN D 710 51.42 41.70 -8.98
C ASN D 710 52.85 41.72 -9.49
N GLN D 711 53.42 42.91 -9.63
CA GLN D 711 54.81 43.08 -10.07
C GLN D 711 55.52 43.93 -9.04
N TRP D 712 55.97 43.28 -7.97
CA TRP D 712 56.52 43.99 -6.82
C TRP D 712 57.97 44.38 -7.10
N LEU D 713 58.69 44.76 -6.06
CA LEU D 713 60.11 45.13 -6.16
C LEU D 713 60.89 44.15 -5.29
N CYS D 714 61.39 43.09 -5.92
CA CYS D 714 62.16 42.08 -5.21
C CYS D 714 63.48 42.68 -4.73
N ASP D 715 63.57 42.96 -3.43
CA ASP D 715 64.77 43.55 -2.86
C ASP D 715 64.76 43.30 -1.35
N CYS D 716 65.83 43.75 -0.69
CA CYS D 716 65.94 43.61 0.76
C CYS D 716 64.78 44.24 1.53
N PRO D 717 64.34 45.46 1.25
CA PRO D 717 63.28 46.06 2.07
C PRO D 717 61.99 45.27 1.98
N ALA D 718 61.49 44.84 3.15
CA ALA D 718 60.29 44.01 3.26
C ALA D 718 60.44 42.73 2.45
N SER D 719 61.68 42.24 2.30
CA SER D 719 61.92 40.97 1.63
C SER D 719 61.26 39.81 2.36
N SER D 720 60.96 39.98 3.65
CA SER D 720 60.22 38.97 4.40
C SER D 720 58.86 38.68 3.80
N PHE D 721 58.44 39.42 2.78
CA PHE D 721 57.21 39.09 2.08
C PHE D 721 57.26 37.68 1.51
N LEU D 722 58.44 37.27 1.03
CA LEU D 722 58.61 35.90 0.57
C LEU D 722 58.39 34.92 1.71
N ILE D 723 58.93 35.22 2.89
CA ILE D 723 58.71 34.36 4.05
C ILE D 723 57.23 34.32 4.40
N PHE D 724 56.55 35.47 4.26
CA PHE D 724 55.12 35.52 4.55
C PHE D 724 54.33 34.62 3.62
N VAL D 725 54.64 34.67 2.33
CA VAL D 725 53.90 33.86 1.37
C VAL D 725 54.32 32.40 1.39
N GLN D 726 55.52 32.10 1.88
CA GLN D 726 56.00 30.73 1.89
C GLN D 726 55.65 29.99 3.17
N GLN D 727 55.57 30.70 4.30
CA GLN D 727 55.23 30.06 5.56
C GLN D 727 53.85 29.42 5.49
N ASN D 728 52.90 30.11 4.86
CA ASN D 728 51.58 29.57 4.59
C ASN D 728 51.32 29.79 3.10
N SER D 729 51.82 28.87 2.28
CA SER D 729 51.54 28.92 0.85
C SER D 729 50.17 28.39 0.52
N ARG D 730 49.56 27.61 1.42
CA ARG D 730 48.19 27.15 1.19
C ARG D 730 47.22 28.32 1.14
N LEU D 731 47.41 29.29 2.04
CA LEU D 731 46.62 30.51 1.96
C LEU D 731 46.83 31.23 0.65
N ILE D 732 48.08 31.30 0.19
CA ILE D 732 48.40 31.99 -1.05
C ILE D 732 47.78 31.20 -2.19
N SER D 733 46.70 31.74 -2.78
CA SER D 733 46.04 31.05 -3.88
C SER D 733 46.92 30.99 -5.12
N ASP D 734 47.81 31.97 -5.29
CA ASP D 734 48.70 31.97 -6.44
C ASP D 734 49.96 32.76 -6.11
N MET D 735 51.10 32.20 -6.51
CA MET D 735 52.39 32.85 -6.33
C MET D 735 53.10 33.15 -7.64
N SER D 736 52.77 32.42 -8.71
CA SER D 736 53.41 32.67 -10.00
C SER D 736 53.09 34.06 -10.51
N ALA D 737 51.85 34.51 -10.35
CA ALA D 737 51.47 35.84 -10.79
C ALA D 737 52.26 36.93 -10.09
N ILE D 738 52.83 36.63 -8.92
CA ILE D 738 53.77 37.55 -8.30
C ILE D 738 55.04 37.54 -9.13
N ARG D 739 55.22 38.58 -9.95
CA ARG D 739 56.34 38.64 -10.88
C ARG D 739 56.88 40.06 -10.84
N CYS D 740 57.92 40.26 -10.02
CA CYS D 740 58.38 41.60 -9.65
C CYS D 740 58.54 42.51 -10.86
N HIS D 741 58.35 43.81 -10.63
CA HIS D 741 58.50 44.79 -11.69
C HIS D 741 59.85 44.72 -12.39
N PRO D 742 61.00 44.69 -11.68
CA PRO D 742 62.28 44.60 -12.40
C PRO D 742 62.40 43.31 -13.17
N SER D 743 62.27 42.19 -12.48
CA SER D 743 62.30 40.87 -13.09
C SER D 743 60.94 40.22 -12.84
N GLY D 744 60.20 39.99 -13.91
CA GLY D 744 58.90 39.38 -13.76
C GLY D 744 59.01 37.88 -13.64
N LYS D 745 58.97 37.38 -12.40
CA LYS D 745 59.10 35.96 -12.16
C LYS D 745 58.48 35.66 -10.80
N SER D 746 58.03 34.41 -10.65
CA SER D 746 57.41 33.98 -9.40
C SER D 746 58.37 34.19 -8.24
N LEU D 747 57.87 34.78 -7.16
CA LEU D 747 58.73 35.17 -6.05
C LEU D 747 59.38 33.95 -5.39
N ASP D 748 58.72 32.81 -5.42
CA ASP D 748 59.30 31.59 -4.84
C ASP D 748 60.62 31.25 -5.49
N SER D 749 60.71 31.42 -6.82
CA SER D 749 61.94 31.18 -7.54
C SER D 749 63.06 32.15 -7.17
N ILE D 750 62.72 33.23 -6.46
CA ILE D 750 63.69 34.24 -6.07
C ILE D 750 63.98 34.07 -4.58
N THR D 751 65.25 33.88 -4.24
CA THR D 751 65.67 33.63 -2.87
C THR D 751 66.15 34.92 -2.22
N VAL D 752 66.56 34.80 -0.96
CA VAL D 752 67.09 35.95 -0.23
C VAL D 752 68.39 36.44 -0.87
N ASN D 753 69.27 35.51 -1.26
CA ASN D 753 70.49 35.91 -1.95
C ASN D 753 70.16 36.71 -3.19
N GLU D 754 69.13 36.29 -3.93
CA GLU D 754 68.61 37.13 -5.01
C GLU D 754 68.07 38.44 -4.46
N LEU D 755 67.34 38.38 -3.34
CA LEU D 755 66.79 39.60 -2.75
C LEU D 755 67.88 40.46 -2.13
N CYS D 756 68.85 39.84 -1.47
CA CYS D 756 69.87 40.59 -0.75
C CYS D 756 71.12 39.74 -0.52
#